data_5FF7
#
_entry.id   5FF7
#
_cell.length_a   64.081
_cell.length_b   108.190
_cell.length_c   238.040
_cell.angle_alpha   90.00
_cell.angle_beta   90.00
_cell.angle_gamma   90.00
#
_symmetry.space_group_name_H-M   'P 21 21 21'
#
loop_
_entity.id
_entity.type
_entity.pdbx_description
1 polymer 'Tagatose 1,6-diphosphate aldolase 2'
2 non-polymer SN-GLYCEROL-3-PHOSPHATE
3 non-polymer GLYCERALDEHYDE-3-PHOSPHATE
4 non-polymer 'CALCIUM ION'
5 water water
#
_entity_poly.entity_id   1
_entity_poly.type   'polypeptide(L)'
_entity_poly.pdbx_seq_one_letter_code
;MTITLTENKRKSMEKLSVDGVISALAFDQRGALKRMMAQHQTKEPTVEQIEELKSLVSEELTPFASSILLDPEYGLPASR
VRSEEAGLLLAYEKTGYDATTTSRLPDCLDVWSAKRIKEAGAEAVKFLLYYDIDGDQDVNEQKKAYIERIGSECRAEDIP
FYLEILTYDEKIADNASPEFAKVKAHKVNEAMKVFSKERFGVDVLKVEVPVNMKFVEGFADGEVLFTKEEAAQAFRDQEA
STDLPYIYLSAGVSAKLFQDTLVFAAESGAKFNGVLCGRATWAGSVKVYIEEGPQAAREWLRTEGFKNIDELNKVLDKTA
SPWTEKM
;
_entity_poly.pdbx_strand_id   A,B,C,D
#
loop_
_chem_comp.id
_chem_comp.type
_chem_comp.name
_chem_comp.formula
CA non-polymer 'CALCIUM ION' 'Ca 2'
G3H non-polymer GLYCERALDEHYDE-3-PHOSPHATE 'C3 H7 O6 P'
G3P non-polymer SN-GLYCEROL-3-PHOSPHATE 'C3 H9 O6 P'
#
# COMPACT_ATOMS: atom_id res chain seq x y z
N ILE A 3 -7.69 -20.25 -11.67
CA ILE A 3 -7.45 -19.51 -10.45
C ILE A 3 -8.79 -19.07 -9.84
N THR A 4 -9.54 -19.99 -9.24
CA THR A 4 -9.24 -21.42 -9.19
C THR A 4 -10.55 -22.17 -9.10
N LEU A 5 -11.20 -22.35 -10.25
CA LEU A 5 -12.60 -22.74 -10.29
C LEU A 5 -12.80 -24.16 -9.80
N THR A 6 -13.85 -24.35 -9.01
CA THR A 6 -14.36 -25.67 -8.71
C THR A 6 -15.03 -26.25 -9.95
N GLU A 7 -15.28 -27.57 -9.89
CA GLU A 7 -15.97 -28.23 -11.00
C GLU A 7 -17.27 -27.50 -11.35
N ASN A 8 -18.13 -27.28 -10.37
CA ASN A 8 -19.44 -26.69 -10.65
C ASN A 8 -19.31 -25.26 -11.15
N LYS A 9 -18.38 -24.48 -10.58
CA LYS A 9 -18.21 -23.11 -11.04
C LYS A 9 -17.68 -23.08 -12.47
N ARG A 10 -16.79 -24.01 -12.82
CA ARG A 10 -16.31 -24.09 -14.20
C ARG A 10 -17.45 -24.41 -15.16
N LYS A 11 -18.27 -25.40 -14.81
CA LYS A 11 -19.39 -25.77 -15.68
C LYS A 11 -20.32 -24.58 -15.92
N SER A 12 -20.59 -23.79 -14.88
CA SER A 12 -21.44 -22.62 -15.04
C SER A 12 -20.78 -21.57 -15.93
N MET A 13 -19.47 -21.35 -15.74
CA MET A 13 -18.77 -20.39 -16.59
C MET A 13 -18.85 -20.80 -18.05
N GLU A 14 -18.74 -22.10 -18.32
CA GLU A 14 -18.84 -22.58 -19.70
C GLU A 14 -20.21 -22.34 -20.28
N LYS A 15 -21.26 -22.43 -19.46
CA LYS A 15 -22.62 -22.20 -19.93
C LYS A 15 -22.88 -20.73 -20.22
N LEU A 16 -22.05 -19.83 -19.71
CA LEU A 16 -22.22 -18.39 -19.90
C LEU A 16 -21.36 -17.83 -21.02
N SER A 17 -20.51 -18.65 -21.65
CA SER A 17 -19.55 -18.15 -22.62
C SER A 17 -19.40 -19.14 -23.76
N VAL A 18 -18.73 -18.70 -24.81
CA VAL A 18 -18.39 -19.53 -25.96
C VAL A 18 -16.90 -19.40 -26.20
N ASP A 19 -16.19 -20.52 -26.15
CA ASP A 19 -14.74 -20.55 -26.39
C ASP A 19 -14.03 -19.53 -25.50
N GLY A 20 -14.48 -19.43 -24.24
CA GLY A 20 -13.84 -18.58 -23.26
C GLY A 20 -14.18 -17.11 -23.34
N VAL A 21 -15.15 -16.72 -24.18
CA VAL A 21 -15.52 -15.33 -24.35
C VAL A 21 -16.97 -15.15 -23.92
N ILE A 22 -17.22 -14.12 -23.13
CA ILE A 22 -18.56 -13.81 -22.64
C ILE A 22 -19.17 -12.78 -23.58
N SER A 23 -20.19 -13.19 -24.32
CA SER A 23 -20.93 -12.27 -25.18
C SER A 23 -22.35 -12.17 -24.67
N ALA A 24 -22.51 -11.63 -23.46
CA ALA A 24 -23.78 -11.68 -22.74
C ALA A 24 -24.62 -10.44 -23.01
N LEU A 25 -25.93 -10.65 -23.01
CA LEU A 25 -26.91 -9.58 -23.13
C LEU A 25 -27.40 -9.20 -21.75
N ALA A 26 -27.42 -7.90 -21.46
CA ALA A 26 -27.74 -7.40 -20.14
C ALA A 26 -29.09 -6.68 -20.19
N PHE A 27 -30.04 -7.15 -19.39
CA PHE A 27 -31.35 -6.51 -19.32
C PHE A 27 -31.94 -6.69 -17.93
N ASP A 28 -31.15 -6.37 -16.91
CA ASP A 28 -31.63 -6.34 -15.53
C ASP A 28 -31.99 -4.93 -15.08
N GLN A 29 -31.98 -3.96 -16.00
CA GLN A 29 -32.35 -2.61 -15.66
C GLN A 29 -33.79 -2.56 -15.18
N ARG A 30 -34.03 -1.85 -14.08
CA ARG A 30 -35.38 -1.70 -13.54
C ARG A 30 -35.75 -0.22 -13.51
N GLY A 31 -35.20 0.52 -12.55
CA GLY A 31 -35.46 1.95 -12.49
C GLY A 31 -34.98 2.68 -13.72
N ALA A 32 -33.87 2.23 -14.32
CA ALA A 32 -33.36 2.87 -15.52
C ALA A 32 -34.27 2.60 -16.71
N LEU A 33 -34.83 1.39 -16.79
CA LEU A 33 -35.81 1.11 -17.84
C LEU A 33 -37.06 1.94 -17.65
N LYS A 34 -37.52 2.09 -16.40
CA LYS A 34 -38.71 2.90 -16.15
C LYS A 34 -38.51 4.33 -16.62
N ARG A 35 -37.35 4.92 -16.34
CA ARG A 35 -37.09 6.29 -16.79
C ARG A 35 -37.07 6.36 -18.31
N MET A 36 -36.56 5.33 -18.97
CA MET A 36 -36.57 5.31 -20.43
C MET A 36 -38.00 5.28 -20.98
N MET A 37 -38.84 4.40 -20.42
CA MET A 37 -40.22 4.32 -20.86
C MET A 37 -40.99 5.59 -20.52
N ALA A 38 -40.67 6.23 -19.41
CA ALA A 38 -41.37 7.45 -19.01
C ALA A 38 -41.19 8.57 -20.02
N GLN A 39 -40.14 8.53 -20.83
CA GLN A 39 -39.88 9.55 -21.83
C GLN A 39 -40.84 9.47 -23.02
N HIS A 40 -41.67 8.42 -23.10
CA HIS A 40 -42.43 8.15 -24.31
C HIS A 40 -43.93 7.96 -24.09
N GLN A 41 -44.42 8.08 -22.87
CA GLN A 41 -45.84 7.87 -22.61
C GLN A 41 -46.31 8.75 -21.47
N THR A 42 -47.63 8.77 -21.27
CA THR A 42 -48.24 9.58 -20.22
C THR A 42 -48.21 8.85 -18.88
N LYS A 43 -48.88 7.71 -18.79
CA LYS A 43 -49.00 6.98 -17.55
C LYS A 43 -47.64 6.46 -17.08
N GLU A 44 -47.64 5.88 -15.89
CA GLU A 44 -46.43 5.27 -15.34
C GLU A 44 -46.24 3.88 -15.93
N PRO A 45 -45.01 3.47 -16.23
CA PRO A 45 -44.80 2.10 -16.75
C PRO A 45 -45.34 1.07 -15.78
N THR A 46 -46.14 0.15 -16.30
CA THR A 46 -46.76 -0.91 -15.50
C THR A 46 -45.86 -2.14 -15.46
N VAL A 47 -46.24 -3.10 -14.61
CA VAL A 47 -45.46 -4.32 -14.47
C VAL A 47 -45.56 -5.17 -15.74
N GLU A 48 -46.74 -5.22 -16.36
CA GLU A 48 -46.92 -5.99 -17.57
C GLU A 48 -46.04 -5.46 -18.70
N GLN A 49 -45.87 -4.14 -18.78
CA GLN A 49 -44.99 -3.57 -19.79
C GLN A 49 -43.54 -3.94 -19.54
N ILE A 50 -43.09 -3.85 -18.29
CA ILE A 50 -41.72 -4.22 -17.95
C ILE A 50 -41.47 -5.69 -18.28
N GLU A 51 -42.37 -6.57 -17.82
CA GLU A 51 -42.16 -8.00 -18.03
C GLU A 51 -42.24 -8.37 -19.51
N GLU A 52 -43.19 -7.78 -20.24
CA GLU A 52 -43.35 -8.13 -21.65
C GLU A 52 -42.13 -7.72 -22.46
N LEU A 53 -41.66 -6.48 -22.26
CA LEU A 53 -40.51 -6.01 -23.03
C LEU A 53 -39.28 -6.85 -22.75
N LYS A 54 -39.08 -7.26 -21.49
CA LYS A 54 -37.96 -8.13 -21.18
C LYS A 54 -38.09 -9.48 -21.88
N SER A 55 -39.31 -10.01 -21.93
CA SER A 55 -39.53 -11.29 -22.60
C SER A 55 -39.28 -11.19 -24.11
N LEU A 56 -39.61 -10.03 -24.71
CA LEU A 56 -39.38 -9.86 -26.14
C LEU A 56 -37.89 -9.83 -26.45
N VAL A 57 -37.13 -9.05 -25.67
CA VAL A 57 -35.68 -9.00 -25.89
C VAL A 57 -35.05 -10.36 -25.66
N SER A 58 -35.50 -11.07 -24.62
CA SER A 58 -34.93 -12.38 -24.33
C SER A 58 -35.21 -13.37 -25.46
N GLU A 59 -36.45 -13.40 -25.94
CA GLU A 59 -36.82 -14.36 -26.96
C GLU A 59 -36.14 -14.07 -28.30
N GLU A 60 -36.05 -12.79 -28.66
CA GLU A 60 -35.57 -12.43 -29.99
C GLU A 60 -34.05 -12.36 -30.10
N LEU A 61 -33.35 -11.99 -29.02
CA LEU A 61 -31.92 -11.70 -29.12
C LEU A 61 -31.01 -12.71 -28.42
N THR A 62 -31.52 -13.53 -27.51
CA THR A 62 -30.63 -14.47 -26.82
C THR A 62 -30.11 -15.56 -27.76
N PRO A 63 -30.76 -15.85 -28.89
CA PRO A 63 -30.13 -16.76 -29.86
C PRO A 63 -28.79 -16.26 -30.35
N PHE A 64 -28.45 -14.99 -30.12
CA PHE A 64 -27.20 -14.40 -30.61
C PHE A 64 -26.30 -13.97 -29.45
N ALA A 65 -26.55 -14.46 -28.24
CA ALA A 65 -25.72 -14.18 -27.08
C ALA A 65 -25.39 -15.47 -26.37
N SER A 66 -24.24 -15.49 -25.68
CA SER A 66 -23.85 -16.66 -24.90
C SER A 66 -24.63 -16.78 -23.60
N SER A 67 -25.28 -15.72 -23.16
CA SER A 67 -26.06 -15.73 -21.93
C SER A 67 -26.77 -14.40 -21.80
N ILE A 68 -27.73 -14.34 -20.89
CA ILE A 68 -28.52 -13.14 -20.65
C ILE A 68 -28.58 -12.88 -19.15
N LEU A 69 -28.42 -11.60 -18.78
CA LEU A 69 -28.55 -11.17 -17.40
C LEU A 69 -29.92 -10.53 -17.21
N LEU A 70 -30.66 -11.02 -16.21
CA LEU A 70 -31.99 -10.53 -15.92
C LEU A 70 -32.13 -10.27 -14.42
N ASP A 71 -33.18 -9.52 -14.06
CA ASP A 71 -33.49 -9.28 -12.66
C ASP A 71 -34.60 -10.20 -12.18
N PRO A 72 -34.56 -10.71 -10.94
CA PRO A 72 -35.60 -11.64 -10.50
C PRO A 72 -36.96 -10.97 -10.26
N GLU A 73 -37.03 -9.64 -10.24
CA GLU A 73 -38.28 -8.97 -9.90
C GLU A 73 -39.23 -8.92 -11.08
N TYR A 74 -38.72 -8.69 -12.30
CA TYR A 74 -39.53 -8.63 -13.50
C TYR A 74 -39.08 -9.60 -14.58
N GLY A 75 -37.91 -10.21 -14.46
CA GLY A 75 -37.30 -10.96 -15.54
C GLY A 75 -37.47 -12.46 -15.50
N LEU A 76 -38.08 -13.02 -14.46
CA LEU A 76 -38.21 -14.48 -14.41
C LEU A 76 -39.02 -15.03 -15.58
N PRO A 77 -40.16 -14.44 -15.98
CA PRO A 77 -40.79 -14.91 -17.22
C PRO A 77 -39.87 -14.84 -18.42
N ALA A 78 -39.13 -13.73 -18.57
CA ALA A 78 -38.19 -13.60 -19.68
C ALA A 78 -37.13 -14.69 -19.65
N SER A 79 -36.69 -15.11 -18.46
CA SER A 79 -35.64 -16.12 -18.37
C SER A 79 -36.11 -17.45 -18.92
N ARG A 80 -37.41 -17.74 -18.85
CA ARG A 80 -37.94 -19.02 -19.30
C ARG A 80 -38.13 -19.09 -20.81
N VAL A 81 -37.98 -17.99 -21.54
CA VAL A 81 -38.13 -17.98 -22.98
C VAL A 81 -36.80 -17.73 -23.70
N ARG A 82 -35.69 -17.76 -22.98
CA ARG A 82 -34.40 -17.57 -23.61
C ARG A 82 -34.02 -18.81 -24.42
N SER A 83 -33.10 -18.61 -25.37
CA SER A 83 -32.61 -19.71 -26.18
C SER A 83 -32.01 -20.80 -25.29
N GLU A 84 -32.20 -22.06 -25.69
CA GLU A 84 -31.70 -23.16 -24.89
C GLU A 84 -30.18 -23.20 -24.84
N GLU A 85 -29.51 -22.50 -25.75
CA GLU A 85 -28.05 -22.44 -25.76
C GLU A 85 -27.49 -21.33 -24.89
N ALA A 86 -28.34 -20.44 -24.36
CA ALA A 86 -27.89 -19.25 -23.65
C ALA A 86 -28.02 -19.46 -22.14
N GLY A 87 -26.96 -19.13 -21.41
CA GLY A 87 -26.99 -19.21 -19.96
C GLY A 87 -27.74 -18.03 -19.33
N LEU A 88 -27.89 -18.11 -18.01
CA LEU A 88 -28.69 -17.15 -17.26
C LEU A 88 -27.90 -16.61 -16.07
N LEU A 89 -27.83 -15.28 -15.97
CA LEU A 89 -27.37 -14.60 -14.77
C LEU A 89 -28.55 -13.83 -14.17
N LEU A 90 -28.61 -13.77 -12.84
CA LEU A 90 -29.66 -13.04 -12.16
C LEU A 90 -29.05 -11.98 -11.26
N ALA A 91 -29.60 -10.77 -11.32
CA ALA A 91 -29.15 -9.68 -10.46
C ALA A 91 -29.61 -9.91 -9.04
N TYR A 92 -28.77 -9.48 -8.09
CA TYR A 92 -29.00 -9.71 -6.66
C TYR A 92 -29.21 -8.42 -5.89
N GLU A 93 -28.86 -7.27 -6.45
CA GLU A 93 -28.94 -6.01 -5.73
C GLU A 93 -30.26 -5.31 -6.00
N LYS A 94 -30.65 -4.45 -5.06
CA LYS A 94 -31.78 -3.56 -5.28
C LYS A 94 -31.40 -2.49 -6.31
N THR A 95 -32.42 -1.98 -7.00
CA THR A 95 -32.20 -1.02 -8.06
C THR A 95 -31.92 0.36 -7.48
N GLY A 96 -30.98 1.07 -8.10
CA GLY A 96 -30.73 2.46 -7.76
C GLY A 96 -29.94 2.65 -6.48
N TYR A 97 -29.96 3.91 -6.02
CA TYR A 97 -29.27 4.30 -4.81
C TYR A 97 -29.93 5.56 -4.27
N ASP A 98 -29.64 5.85 -3.01
CA ASP A 98 -30.14 7.07 -2.38
C ASP A 98 -29.37 8.28 -2.93
N ALA A 99 -30.08 9.16 -3.63
CA ALA A 99 -29.46 10.34 -4.20
C ALA A 99 -29.27 11.46 -3.20
N THR A 100 -29.92 11.40 -2.04
CA THR A 100 -29.77 12.43 -1.01
C THR A 100 -28.48 12.27 -0.21
N THR A 101 -27.70 11.23 -0.45
CA THR A 101 -26.44 11.02 0.24
C THR A 101 -25.41 10.54 -0.76
N THR A 102 -24.14 10.57 -0.34
CA THR A 102 -23.02 10.20 -1.20
C THR A 102 -22.51 8.78 -0.95
N SER A 103 -23.10 8.05 -0.01
CA SER A 103 -22.56 6.75 0.38
C SER A 103 -22.92 5.65 -0.60
N ARG A 104 -24.12 5.69 -1.18
CA ARG A 104 -24.59 4.68 -2.13
C ARG A 104 -24.28 3.27 -1.62
N LEU A 105 -24.80 2.96 -0.44
CA LEU A 105 -24.49 1.69 0.19
C LEU A 105 -25.25 0.56 -0.51
N PRO A 106 -24.64 -0.61 -0.67
CA PRO A 106 -25.31 -1.71 -1.36
C PRO A 106 -26.35 -2.41 -0.50
N ASP A 107 -27.30 -3.04 -1.18
CA ASP A 107 -28.40 -3.72 -0.48
C ASP A 107 -28.96 -4.82 -1.38
N CYS A 108 -29.07 -6.01 -0.83
CA CYS A 108 -29.60 -7.16 -1.56
C CYS A 108 -31.12 -7.13 -1.57
N LEU A 109 -31.70 -7.71 -2.62
CA LEU A 109 -33.14 -7.91 -2.65
C LEU A 109 -33.58 -8.67 -1.41
N ASP A 110 -34.72 -8.26 -0.85
CA ASP A 110 -35.09 -8.67 0.51
C ASP A 110 -35.41 -10.15 0.60
N VAL A 111 -36.13 -10.71 -0.38
CA VAL A 111 -36.60 -12.08 -0.26
C VAL A 111 -35.79 -13.01 -1.15
N TRP A 112 -34.54 -12.63 -1.42
CA TRP A 112 -33.67 -13.42 -2.28
C TRP A 112 -32.37 -13.75 -1.56
N SER A 113 -31.73 -14.80 -2.04
CA SER A 113 -30.43 -15.23 -1.54
C SER A 113 -29.71 -15.92 -2.69
N ALA A 114 -28.39 -16.11 -2.52
CA ALA A 114 -27.63 -16.83 -3.54
C ALA A 114 -28.23 -18.20 -3.79
N LYS A 115 -28.69 -18.87 -2.72
CA LYS A 115 -29.29 -20.19 -2.87
C LYS A 115 -30.58 -20.13 -3.69
N ARG A 116 -31.39 -19.09 -3.48
CA ARG A 116 -32.64 -18.97 -4.22
C ARG A 116 -32.38 -18.53 -5.66
N ILE A 117 -31.32 -17.77 -5.90
CA ILE A 117 -30.94 -17.44 -7.26
C ILE A 117 -30.55 -18.70 -8.01
N LYS A 118 -29.75 -19.57 -7.38
CA LYS A 118 -29.39 -20.84 -8.00
C LYS A 118 -30.61 -21.71 -8.24
N GLU A 119 -31.52 -21.77 -7.26
CA GLU A 119 -32.74 -22.55 -7.43
C GLU A 119 -33.63 -21.99 -8.52
N ALA A 120 -33.50 -20.70 -8.85
CA ALA A 120 -34.27 -20.10 -9.94
C ALA A 120 -33.68 -20.41 -11.31
N GLY A 121 -32.61 -21.19 -11.39
CA GLY A 121 -32.05 -21.61 -12.66
C GLY A 121 -30.85 -20.80 -13.13
N ALA A 122 -30.36 -19.87 -12.33
CA ALA A 122 -29.25 -19.03 -12.76
C ALA A 122 -27.93 -19.78 -12.68
N GLU A 123 -27.04 -19.47 -13.62
CA GLU A 123 -25.68 -19.99 -13.60
CA GLU A 123 -25.68 -19.99 -13.60
C GLU A 123 -24.70 -19.01 -12.98
N ALA A 124 -25.16 -17.85 -12.52
CA ALA A 124 -24.28 -16.88 -11.90
C ALA A 124 -25.09 -15.86 -11.11
N VAL A 125 -24.47 -15.34 -10.07
CA VAL A 125 -25.01 -14.24 -9.28
C VAL A 125 -24.31 -12.97 -9.72
N LYS A 126 -25.08 -11.95 -10.06
CA LYS A 126 -24.56 -10.65 -10.43
C LYS A 126 -24.93 -9.63 -9.35
N PHE A 127 -23.96 -8.79 -8.98
CA PHE A 127 -24.19 -7.76 -7.98
C PHE A 127 -23.52 -6.47 -8.42
N LEU A 128 -24.24 -5.36 -8.30
CA LEU A 128 -23.73 -4.04 -8.66
C LEU A 128 -23.31 -3.29 -7.42
N LEU A 129 -22.08 -2.77 -7.41
CA LEU A 129 -21.54 -1.96 -6.33
C LEU A 129 -21.11 -0.61 -6.89
N TYR A 130 -21.59 0.47 -6.28
CA TYR A 130 -21.05 1.80 -6.54
C TYR A 130 -19.88 2.03 -5.59
N TYR A 131 -18.74 2.46 -6.13
CA TYR A 131 -17.52 2.54 -5.34
C TYR A 131 -16.72 3.79 -5.69
N ASP A 132 -16.38 4.58 -4.67
CA ASP A 132 -15.47 5.71 -4.78
C ASP A 132 -14.22 5.36 -3.98
N ILE A 133 -13.15 4.97 -4.67
CA ILE A 133 -11.93 4.55 -4.00
C ILE A 133 -11.42 5.65 -3.07
N ASP A 134 -11.68 6.92 -3.40
CA ASP A 134 -11.25 8.04 -2.59
C ASP A 134 -12.31 8.48 -1.59
N GLY A 135 -13.39 7.72 -1.43
CA GLY A 135 -14.50 8.13 -0.60
C GLY A 135 -14.26 7.87 0.87
N ASP A 136 -15.33 8.06 1.65
CA ASP A 136 -15.26 7.88 3.09
C ASP A 136 -14.79 6.47 3.42
N GLN A 137 -13.76 6.37 4.26
CA GLN A 137 -13.15 5.06 4.54
C GLN A 137 -14.09 4.16 5.33
N ASP A 138 -14.96 4.74 6.18
CA ASP A 138 -15.92 3.92 6.90
C ASP A 138 -17.01 3.40 5.98
N VAL A 139 -17.46 4.23 5.03
CA VAL A 139 -18.42 3.76 4.02
C VAL A 139 -17.82 2.61 3.23
N ASN A 140 -16.55 2.75 2.81
CA ASN A 140 -15.94 1.71 1.98
C ASN A 140 -15.64 0.45 2.78
N GLU A 141 -15.40 0.58 4.09
CA GLU A 141 -15.23 -0.61 4.92
C GLU A 141 -16.54 -1.39 4.99
N GLN A 142 -17.67 -0.68 5.05
CA GLN A 142 -18.97 -1.34 5.06
C GLN A 142 -19.27 -2.00 3.72
N LYS A 143 -18.85 -1.36 2.62
CA LYS A 143 -19.05 -1.95 1.30
C LYS A 143 -18.21 -3.20 1.11
N LYS A 144 -16.97 -3.18 1.59
CA LYS A 144 -16.11 -4.35 1.44
C LYS A 144 -16.62 -5.52 2.27
N ALA A 145 -17.05 -5.26 3.50
CA ALA A 145 -17.65 -6.32 4.31
C ALA A 145 -18.86 -6.91 3.60
N TYR A 146 -19.66 -6.07 2.95
CA TYR A 146 -20.86 -6.56 2.28
C TYR A 146 -20.51 -7.47 1.10
N ILE A 147 -19.49 -7.09 0.32
CA ILE A 147 -19.10 -7.92 -0.81
C ILE A 147 -18.48 -9.23 -0.33
N GLU A 148 -17.79 -9.21 0.81
CA GLU A 148 -17.26 -10.45 1.38
C GLU A 148 -18.38 -11.45 1.66
N ARG A 149 -19.50 -10.99 2.21
CA ARG A 149 -20.62 -11.88 2.49
C ARG A 149 -21.11 -12.55 1.21
N ILE A 150 -21.37 -11.74 0.18
CA ILE A 150 -21.88 -12.29 -1.08
C ILE A 150 -20.89 -13.27 -1.67
N GLY A 151 -19.60 -12.90 -1.67
CA GLY A 151 -18.59 -13.82 -2.17
C GLY A 151 -18.58 -15.14 -1.43
N SER A 152 -18.83 -15.10 -0.11
CA SER A 152 -18.89 -16.33 0.67
C SER A 152 -20.14 -17.13 0.33
N GLU A 153 -21.28 -16.45 0.17
CA GLU A 153 -22.50 -17.11 -0.29
C GLU A 153 -22.24 -17.91 -1.57
N CYS A 154 -21.61 -17.27 -2.55
CA CYS A 154 -21.42 -17.90 -3.85
C CYS A 154 -20.45 -19.06 -3.78
N ARG A 155 -19.44 -18.96 -2.92
CA ARG A 155 -18.55 -20.10 -2.70
C ARG A 155 -19.31 -21.27 -2.11
N ALA A 156 -20.25 -21.00 -1.20
CA ALA A 156 -21.00 -22.07 -0.55
C ALA A 156 -22.00 -22.70 -1.52
N GLU A 157 -22.73 -21.87 -2.26
CA GLU A 157 -23.65 -22.37 -3.27
C GLU A 157 -22.94 -22.84 -4.53
N ASP A 158 -21.64 -22.57 -4.65
CA ASP A 158 -20.82 -23.05 -5.78
C ASP A 158 -21.33 -22.47 -7.10
N ILE A 159 -21.55 -21.16 -7.10
CA ILE A 159 -22.10 -20.48 -8.27
C ILE A 159 -21.23 -19.25 -8.55
N PRO A 160 -20.84 -19.00 -9.81
CA PRO A 160 -19.94 -17.88 -10.08
C PRO A 160 -20.49 -16.53 -9.61
N PHE A 161 -19.59 -15.69 -9.11
CA PHE A 161 -19.93 -14.37 -8.58
C PHE A 161 -19.45 -13.33 -9.60
N TYR A 162 -20.40 -12.64 -10.22
CA TYR A 162 -20.13 -11.55 -11.15
C TYR A 162 -20.34 -10.24 -10.41
N LEU A 163 -19.27 -9.47 -10.23
CA LEU A 163 -19.32 -8.21 -9.50
C LEU A 163 -19.22 -7.06 -10.51
N GLU A 164 -20.27 -6.25 -10.58
CA GLU A 164 -20.23 -5.04 -11.39
C GLU A 164 -19.84 -3.86 -10.51
N ILE A 165 -18.82 -3.11 -10.95
CA ILE A 165 -18.35 -1.93 -10.24
C ILE A 165 -18.62 -0.72 -11.11
N LEU A 166 -19.46 0.18 -10.60
CA LEU A 166 -19.66 1.49 -11.20
C LEU A 166 -19.02 2.54 -10.29
N THR A 167 -18.12 3.33 -10.86
CA THR A 167 -17.38 4.28 -10.06
C THR A 167 -18.09 5.63 -10.03
N TYR A 168 -17.75 6.43 -9.04
CA TYR A 168 -18.28 7.78 -8.90
C TYR A 168 -17.37 8.55 -7.96
N ASP A 169 -17.65 9.84 -7.84
CA ASP A 169 -16.94 10.69 -6.90
C ASP A 169 -17.96 11.39 -6.02
N GLU A 170 -17.72 11.37 -4.70
CA GLU A 170 -18.64 12.01 -3.77
C GLU A 170 -18.81 13.50 -4.07
N LYS A 171 -17.82 14.12 -4.70
CA LYS A 171 -17.82 15.57 -4.94
C LYS A 171 -18.17 15.95 -6.36
N ILE A 172 -18.33 14.99 -7.27
CA ILE A 172 -18.62 15.27 -8.68
C ILE A 172 -20.01 14.71 -8.98
N ALA A 173 -20.92 15.58 -9.40
CA ALA A 173 -22.32 15.17 -9.58
C ALA A 173 -22.52 14.38 -10.87
N ASP A 174 -21.79 14.72 -11.93
CA ASP A 174 -22.04 14.15 -13.27
C ASP A 174 -20.80 13.39 -13.72
N ASN A 175 -20.92 12.06 -13.83
CA ASN A 175 -19.81 11.24 -14.29
CA ASN A 175 -19.82 11.23 -14.29
C ASN A 175 -19.50 11.45 -15.76
N ALA A 176 -20.35 12.17 -16.50
CA ALA A 176 -20.09 12.47 -17.90
C ALA A 176 -19.33 13.77 -18.09
N SER A 177 -18.96 14.45 -17.00
CA SER A 177 -18.29 15.73 -17.08
C SER A 177 -16.80 15.56 -17.36
N PRO A 178 -16.15 16.60 -17.88
CA PRO A 178 -14.69 16.53 -18.02
C PRO A 178 -13.99 16.31 -16.69
N GLU A 179 -14.52 16.88 -15.60
CA GLU A 179 -13.89 16.75 -14.29
C GLU A 179 -13.81 15.29 -13.86
N PHE A 180 -14.87 14.51 -14.09
CA PHE A 180 -14.82 13.10 -13.72
C PHE A 180 -13.93 12.32 -14.68
N ALA A 181 -13.94 12.69 -15.97
CA ALA A 181 -13.10 11.99 -16.94
C ALA A 181 -11.64 12.02 -16.53
N LYS A 182 -11.20 13.14 -15.94
CA LYS A 182 -9.80 13.27 -15.56
C LYS A 182 -9.42 12.33 -14.42
N VAL A 183 -10.40 11.84 -13.65
CA VAL A 183 -10.12 10.92 -12.54
C VAL A 183 -10.64 9.52 -12.80
N LYS A 184 -11.29 9.27 -13.94
CA LYS A 184 -11.99 8.01 -14.13
C LYS A 184 -11.04 6.82 -14.10
N ALA A 185 -9.89 6.92 -14.75
CA ALA A 185 -8.97 5.78 -14.79
C ALA A 185 -8.55 5.39 -13.37
N HIS A 186 -8.22 6.38 -12.54
CA HIS A 186 -7.88 6.12 -11.15
C HIS A 186 -9.03 5.41 -10.44
N LYS A 187 -10.26 5.93 -10.59
CA LYS A 187 -11.40 5.33 -9.91
C LYS A 187 -11.59 3.88 -10.34
N VAL A 188 -11.46 3.59 -11.63
CA VAL A 188 -11.77 2.26 -12.14
C VAL A 188 -10.67 1.27 -11.80
N ASN A 189 -9.41 1.63 -12.10
CA ASN A 189 -8.33 0.67 -12.00
C ASN A 189 -8.00 0.34 -10.55
N GLU A 190 -8.08 1.32 -9.66
CA GLU A 190 -7.82 1.05 -8.25
C GLU A 190 -8.95 0.24 -7.62
N ALA A 191 -10.19 0.50 -8.02
CA ALA A 191 -11.30 -0.29 -7.52
C ALA A 191 -11.19 -1.75 -7.97
N MET A 192 -10.77 -1.98 -9.21
CA MET A 192 -10.56 -3.34 -9.68
C MET A 192 -9.47 -4.03 -8.87
N LYS A 193 -8.40 -3.29 -8.56
CA LYS A 193 -7.31 -3.87 -7.77
C LYS A 193 -7.80 -4.31 -6.40
N VAL A 194 -8.65 -3.50 -5.77
CA VAL A 194 -9.18 -3.85 -4.45
C VAL A 194 -10.00 -5.14 -4.52
N PHE A 195 -10.94 -5.19 -5.46
CA PHE A 195 -11.91 -6.28 -5.47
C PHE A 195 -11.43 -7.50 -6.25
N SER A 196 -10.19 -7.47 -6.74
CA SER A 196 -9.52 -8.68 -7.19
C SER A 196 -8.87 -9.43 -6.03
N LYS A 197 -8.92 -8.90 -4.81
CA LYS A 197 -8.38 -9.61 -3.65
C LYS A 197 -9.17 -10.88 -3.40
N GLU A 198 -8.46 -11.93 -3.01
CA GLU A 198 -9.08 -13.24 -2.82
C GLU A 198 -10.27 -13.18 -1.86
N ARG A 199 -10.20 -12.32 -0.84
CA ARG A 199 -11.21 -12.35 0.22
C ARG A 199 -12.61 -12.02 -0.31
N PHE A 200 -12.72 -11.43 -1.49
CA PHE A 200 -14.03 -11.05 -2.01
C PHE A 200 -14.65 -12.13 -2.90
N GLY A 201 -13.90 -13.15 -3.28
CA GLY A 201 -14.47 -14.31 -3.96
C GLY A 201 -15.09 -14.00 -5.30
N VAL A 202 -14.62 -12.96 -5.98
CA VAL A 202 -15.16 -12.61 -7.30
C VAL A 202 -14.60 -13.57 -8.34
N ASP A 203 -15.46 -13.97 -9.28
CA ASP A 203 -15.04 -14.78 -10.41
C ASP A 203 -14.88 -13.96 -11.68
N VAL A 204 -15.75 -12.97 -11.91
CA VAL A 204 -15.66 -12.10 -13.08
C VAL A 204 -16.01 -10.69 -12.67
N LEU A 205 -15.21 -9.72 -13.12
CA LEU A 205 -15.48 -8.31 -12.89
C LEU A 205 -16.16 -7.72 -14.11
N LYS A 206 -17.28 -7.04 -13.90
CA LYS A 206 -17.94 -6.26 -14.94
C LYS A 206 -17.63 -4.80 -14.67
N VAL A 207 -16.89 -4.15 -15.58
CA VAL A 207 -16.31 -2.84 -15.30
C VAL A 207 -16.50 -1.92 -16.49
N GLU A 208 -16.36 -0.62 -16.21
CA GLU A 208 -16.32 0.40 -17.23
C GLU A 208 -14.97 0.40 -17.91
N VAL A 209 -14.94 0.88 -19.15
CA VAL A 209 -13.63 1.17 -19.74
C VAL A 209 -12.99 2.31 -18.95
N PRO A 210 -11.68 2.31 -18.73
CA PRO A 210 -11.08 3.28 -17.81
C PRO A 210 -10.91 4.69 -18.38
N VAL A 211 -11.57 5.00 -19.49
CA VAL A 211 -11.47 6.31 -20.11
CA VAL A 211 -11.46 6.30 -20.13
C VAL A 211 -12.83 6.67 -20.70
N ASN A 212 -13.14 7.97 -20.69
CA ASN A 212 -14.34 8.47 -21.36
C ASN A 212 -13.93 8.78 -22.78
N MET A 213 -14.30 7.89 -23.72
CA MET A 213 -13.80 7.99 -25.08
C MET A 213 -14.23 9.27 -25.77
N LYS A 214 -15.32 9.90 -25.30
CA LYS A 214 -15.78 11.15 -25.92
C LYS A 214 -14.82 12.31 -25.68
N PHE A 215 -13.75 12.11 -24.90
CA PHE A 215 -12.73 13.14 -24.69
C PHE A 215 -11.37 12.71 -25.21
N VAL A 216 -11.28 11.61 -25.96
CA VAL A 216 -10.03 11.11 -26.51
C VAL A 216 -9.87 11.63 -27.93
N GLU A 217 -8.62 11.91 -28.30
CA GLU A 217 -8.33 12.36 -29.65
C GLU A 217 -8.82 11.34 -30.67
N GLY A 218 -9.43 11.83 -31.75
CA GLY A 218 -9.99 10.99 -32.78
C GLY A 218 -11.43 10.58 -32.53
N PHE A 219 -11.84 10.49 -31.26
CA PHE A 219 -13.22 10.20 -30.90
C PHE A 219 -13.97 11.43 -30.42
N ALA A 220 -13.28 12.42 -29.86
CA ALA A 220 -13.93 13.54 -29.22
C ALA A 220 -14.54 14.49 -30.24
N ASP A 221 -15.78 14.89 -30.01
CA ASP A 221 -16.45 15.89 -30.84
C ASP A 221 -16.28 17.30 -30.29
N GLY A 222 -15.81 17.46 -29.07
CA GLY A 222 -15.56 18.76 -28.49
C GLY A 222 -14.19 18.85 -27.84
N GLU A 223 -14.19 19.11 -26.53
CA GLU A 223 -12.93 19.22 -25.80
C GLU A 223 -12.17 17.89 -25.83
N VAL A 224 -10.87 17.97 -26.07
CA VAL A 224 -9.99 16.81 -26.07
C VAL A 224 -9.16 16.84 -24.79
N LEU A 225 -9.33 15.83 -23.95
CA LEU A 225 -8.58 15.74 -22.71
C LEU A 225 -7.41 14.77 -22.78
N PHE A 226 -7.44 13.80 -23.70
CA PHE A 226 -6.41 12.76 -23.76
C PHE A 226 -6.01 12.50 -25.19
N THR A 227 -4.71 12.28 -25.39
CA THR A 227 -4.22 11.73 -26.64
C THR A 227 -4.55 10.24 -26.71
N LYS A 228 -4.41 9.67 -27.91
CA LYS A 228 -4.64 8.24 -28.06
C LYS A 228 -3.66 7.44 -27.22
N GLU A 229 -2.40 7.85 -27.18
CA GLU A 229 -1.41 7.13 -26.38
C GLU A 229 -1.73 7.19 -24.90
N GLU A 230 -2.27 8.33 -24.43
CA GLU A 230 -2.67 8.43 -23.03
C GLU A 230 -3.87 7.53 -22.75
N ALA A 231 -4.85 7.52 -23.65
CA ALA A 231 -5.98 6.60 -23.49
C ALA A 231 -5.52 5.15 -23.54
N ALA A 232 -4.62 4.82 -24.46
CA ALA A 232 -4.11 3.47 -24.56
C ALA A 232 -3.43 3.04 -23.26
N GLN A 233 -2.70 3.94 -22.62
CA GLN A 233 -2.02 3.59 -21.37
C GLN A 233 -3.01 3.30 -20.27
N ALA A 234 -4.15 3.99 -20.24
CA ALA A 234 -5.17 3.70 -19.25
C ALA A 234 -5.69 2.28 -19.40
N PHE A 235 -5.78 1.79 -20.64
CA PHE A 235 -6.20 0.41 -20.87
C PHE A 235 -5.13 -0.57 -20.40
N ARG A 236 -3.86 -0.22 -20.59
CA ARG A 236 -2.78 -1.10 -20.13
C ARG A 236 -2.69 -1.11 -18.61
N ASP A 237 -2.95 0.03 -17.96
CA ASP A 237 -3.01 0.06 -16.51
C ASP A 237 -4.17 -0.80 -16.00
N GLN A 238 -5.32 -0.76 -16.69
CA GLN A 238 -6.44 -1.59 -16.28
C GLN A 238 -6.09 -3.07 -16.34
N GLU A 239 -5.42 -3.49 -17.42
CA GLU A 239 -4.99 -4.87 -17.52
C GLU A 239 -3.97 -5.23 -16.45
N ALA A 240 -3.13 -4.28 -16.06
CA ALA A 240 -2.14 -4.52 -15.01
C ALA A 240 -2.73 -4.45 -13.61
N SER A 241 -4.04 -4.22 -13.48
CA SER A 241 -4.67 -4.05 -12.18
C SER A 241 -5.34 -5.32 -11.66
N THR A 242 -5.49 -6.35 -12.49
CA THR A 242 -6.16 -7.56 -12.05
C THR A 242 -5.68 -8.75 -12.87
N ASP A 243 -5.73 -9.92 -12.25
CA ASP A 243 -5.53 -11.18 -12.94
C ASP A 243 -6.84 -11.95 -13.13
N LEU A 244 -7.97 -11.37 -12.70
CA LEU A 244 -9.26 -12.01 -12.87
C LEU A 244 -9.80 -11.75 -14.27
N PRO A 245 -10.71 -12.60 -14.74
CA PRO A 245 -11.46 -12.26 -15.95
C PRO A 245 -12.26 -10.98 -15.71
N TYR A 246 -12.31 -10.13 -16.71
CA TYR A 246 -13.17 -8.95 -16.63
C TYR A 246 -13.83 -8.71 -17.98
N ILE A 247 -15.01 -8.10 -17.91
CA ILE A 247 -15.82 -7.81 -19.10
C ILE A 247 -16.28 -6.37 -19.01
N TYR A 248 -16.56 -5.78 -20.16
CA TYR A 248 -16.93 -4.38 -20.25
C TYR A 248 -18.44 -4.23 -20.35
N LEU A 249 -18.95 -3.21 -19.66
CA LEU A 249 -20.33 -2.76 -19.81
C LEU A 249 -20.36 -1.60 -20.81
N SER A 250 -21.53 -1.39 -21.42
CA SER A 250 -21.63 -0.39 -22.47
C SER A 250 -21.84 1.02 -21.92
N ALA A 251 -22.42 1.14 -20.73
CA ALA A 251 -22.73 2.44 -20.13
C ALA A 251 -23.70 3.24 -20.98
N GLY A 252 -24.44 2.59 -21.87
CA GLY A 252 -25.46 3.27 -22.65
C GLY A 252 -24.94 4.14 -23.77
N VAL A 253 -23.69 3.97 -24.19
CA VAL A 253 -23.18 4.68 -25.36
C VAL A 253 -23.79 4.05 -26.60
N SER A 254 -23.62 4.69 -27.75
CA SER A 254 -24.13 4.13 -28.99
C SER A 254 -23.43 2.81 -29.30
N ALA A 255 -24.11 1.98 -30.09
CA ALA A 255 -23.55 0.68 -30.47
C ALA A 255 -22.22 0.85 -31.20
N LYS A 256 -22.15 1.83 -32.10
CA LYS A 256 -20.92 2.04 -32.87
C LYS A 256 -19.77 2.45 -31.96
N LEU A 257 -20.01 3.42 -31.07
CA LEU A 257 -18.94 3.89 -30.19
C LEU A 257 -18.43 2.78 -29.30
N PHE A 258 -19.33 1.95 -28.77
CA PHE A 258 -18.91 0.83 -27.95
C PHE A 258 -18.05 -0.15 -28.76
N GLN A 259 -18.48 -0.46 -29.98
CA GLN A 259 -17.68 -1.33 -30.84
C GLN A 259 -16.31 -0.72 -31.12
N ASP A 260 -16.26 0.57 -31.45
CA ASP A 260 -14.97 1.22 -31.67
C ASP A 260 -14.11 1.19 -30.42
N THR A 261 -14.74 1.31 -29.24
CA THR A 261 -13.99 1.29 -28.00
C THR A 261 -13.36 -0.08 -27.76
N LEU A 262 -14.08 -1.15 -28.09
CA LEU A 262 -13.53 -2.50 -27.92
C LEU A 262 -12.33 -2.72 -28.83
N VAL A 263 -12.40 -2.23 -30.06
CA VAL A 263 -11.25 -2.31 -30.96
C VAL A 263 -10.06 -1.57 -30.34
N PHE A 264 -10.29 -0.32 -29.90
CA PHE A 264 -9.21 0.45 -29.30
C PHE A 264 -8.66 -0.25 -28.08
N ALA A 265 -9.53 -0.81 -27.23
CA ALA A 265 -9.07 -1.53 -26.05
C ALA A 265 -8.14 -2.67 -26.42
N ALA A 266 -8.51 -3.46 -27.42
CA ALA A 266 -7.69 -4.60 -27.82
C ALA A 266 -6.35 -4.13 -28.39
N GLU A 267 -6.38 -3.12 -29.25
CA GLU A 267 -5.14 -2.61 -29.84
C GLU A 267 -4.20 -2.07 -28.78
N SER A 268 -4.74 -1.52 -27.69
CA SER A 268 -3.92 -0.94 -26.64
C SER A 268 -3.25 -1.99 -25.76
N GLY A 269 -3.78 -3.21 -25.71
CA GLY A 269 -3.17 -4.27 -24.93
C GLY A 269 -4.09 -4.85 -23.86
N ALA A 270 -5.34 -4.41 -23.83
CA ALA A 270 -6.29 -4.94 -22.86
C ALA A 270 -6.72 -6.34 -23.28
N LYS A 271 -6.69 -7.27 -22.32
CA LYS A 271 -7.12 -8.64 -22.56
C LYS A 271 -8.48 -8.88 -21.93
N PHE A 272 -9.46 -8.06 -22.27
CA PHE A 272 -10.80 -8.25 -21.73
C PHE A 272 -11.42 -9.53 -22.30
N ASN A 273 -12.35 -10.10 -21.54
CA ASN A 273 -12.86 -11.43 -21.82
C ASN A 273 -14.29 -11.42 -22.32
N GLY A 274 -14.79 -10.27 -22.72
CA GLY A 274 -16.11 -10.16 -23.29
C GLY A 274 -16.81 -8.93 -22.80
N VAL A 275 -18.14 -8.95 -22.90
CA VAL A 275 -18.96 -7.82 -22.51
C VAL A 275 -20.23 -8.34 -21.85
N LEU A 276 -20.85 -7.47 -21.07
CA LEU A 276 -22.24 -7.61 -20.64
C LEU A 276 -22.92 -6.36 -21.16
N CYS A 277 -23.37 -6.43 -22.41
CA CYS A 277 -23.83 -5.26 -23.15
C CYS A 277 -25.36 -5.19 -23.09
N GLY A 278 -25.88 -4.07 -22.62
CA GLY A 278 -27.31 -3.89 -22.53
C GLY A 278 -27.85 -2.80 -23.43
N ARG A 279 -27.84 -1.56 -22.92
CA ARG A 279 -28.53 -0.48 -23.60
C ARG A 279 -28.02 -0.27 -25.03
N ALA A 280 -26.69 -0.36 -25.22
CA ALA A 280 -26.14 -0.16 -26.55
C ALA A 280 -26.76 -1.11 -27.57
N THR A 281 -27.35 -2.21 -27.14
CA THR A 281 -27.97 -3.18 -28.05
C THR A 281 -29.46 -2.91 -28.24
N TRP A 282 -30.22 -2.79 -27.16
CA TRP A 282 -31.68 -2.77 -27.22
C TRP A 282 -32.31 -1.43 -26.87
N ALA A 283 -31.50 -0.39 -26.63
CA ALA A 283 -32.05 0.89 -26.20
C ALA A 283 -33.21 1.33 -27.10
N GLY A 284 -33.04 1.21 -28.42
CA GLY A 284 -34.04 1.71 -29.35
C GLY A 284 -35.37 0.98 -29.30
N SER A 285 -35.40 -0.23 -28.72
CA SER A 285 -36.65 -0.99 -28.65
C SER A 285 -37.64 -0.36 -27.69
N VAL A 286 -37.18 0.44 -26.73
CA VAL A 286 -38.09 1.00 -25.72
C VAL A 286 -39.10 1.93 -26.38
N LYS A 287 -38.60 2.90 -27.16
CA LYS A 287 -39.51 3.86 -27.79
C LYS A 287 -40.50 3.14 -28.70
N VAL A 288 -40.03 2.14 -29.45
CA VAL A 288 -40.90 1.43 -30.37
C VAL A 288 -41.98 0.66 -29.61
N TYR A 289 -41.58 -0.04 -28.55
CA TYR A 289 -42.53 -0.83 -27.78
C TYR A 289 -43.62 0.05 -27.17
N ILE A 290 -43.23 1.18 -26.59
CA ILE A 290 -44.20 2.05 -25.93
C ILE A 290 -45.15 2.66 -26.94
N GLU A 291 -44.62 3.19 -28.03
CA GLU A 291 -45.43 3.93 -28.98
C GLU A 291 -46.10 3.03 -30.01
N GLU A 292 -45.44 1.94 -30.42
CA GLU A 292 -45.93 1.12 -31.52
C GLU A 292 -46.53 -0.20 -31.06
N GLY A 293 -46.08 -0.75 -29.94
CA GLY A 293 -46.62 -1.98 -29.42
C GLY A 293 -45.65 -3.14 -29.49
N PRO A 294 -46.06 -4.30 -28.98
CA PRO A 294 -45.12 -5.44 -28.91
C PRO A 294 -44.69 -5.97 -30.27
N GLN A 295 -45.62 -6.11 -31.22
CA GLN A 295 -45.25 -6.66 -32.53
C GLN A 295 -44.25 -5.76 -33.23
N ALA A 296 -44.47 -4.45 -33.21
CA ALA A 296 -43.50 -3.52 -33.78
C ALA A 296 -42.15 -3.63 -33.08
N ALA A 297 -42.15 -3.89 -31.77
CA ALA A 297 -40.89 -4.07 -31.06
C ALA A 297 -40.18 -5.33 -31.52
N ARG A 298 -40.93 -6.42 -31.77
CA ARG A 298 -40.31 -7.63 -32.32
C ARG A 298 -39.61 -7.32 -33.64
N GLU A 299 -40.28 -6.60 -34.53
CA GLU A 299 -39.68 -6.29 -35.83
C GLU A 299 -38.46 -5.40 -35.68
N TRP A 300 -38.46 -4.50 -34.69
CA TRP A 300 -37.25 -3.71 -34.44
C TRP A 300 -36.12 -4.59 -33.96
N LEU A 301 -36.40 -5.50 -33.02
CA LEU A 301 -35.37 -6.40 -32.52
C LEU A 301 -34.82 -7.30 -33.62
N ARG A 302 -35.70 -7.77 -34.51
CA ARG A 302 -35.28 -8.65 -35.59
C ARG A 302 -34.50 -7.93 -36.67
N THR A 303 -34.50 -6.60 -36.67
CA THR A 303 -33.78 -5.83 -37.68
C THR A 303 -32.71 -4.96 -37.04
N GLU A 304 -33.10 -3.86 -36.38
CA GLU A 304 -32.11 -3.00 -35.76
C GLU A 304 -31.42 -3.67 -34.58
N GLY A 305 -32.20 -4.32 -33.72
CA GLY A 305 -31.60 -5.02 -32.59
C GLY A 305 -30.60 -6.07 -33.03
N PHE A 306 -30.98 -6.90 -34.00
CA PHE A 306 -30.07 -7.91 -34.51
C PHE A 306 -28.81 -7.29 -35.08
N LYS A 307 -28.95 -6.17 -35.79
CA LYS A 307 -27.78 -5.53 -36.39
C LYS A 307 -26.80 -5.05 -35.32
N ASN A 308 -27.33 -4.52 -34.21
CA ASN A 308 -26.46 -4.08 -33.11
C ASN A 308 -25.69 -5.27 -32.53
N ILE A 309 -26.40 -6.34 -32.18
CA ILE A 309 -25.76 -7.45 -31.50
C ILE A 309 -24.89 -8.25 -32.47
N ASP A 310 -25.30 -8.34 -33.73
CA ASP A 310 -24.50 -9.05 -34.72
C ASP A 310 -23.17 -8.36 -34.96
N GLU A 311 -23.19 -7.04 -35.15
CA GLU A 311 -21.94 -6.30 -35.34
C GLU A 311 -21.09 -6.34 -34.08
N LEU A 312 -21.71 -6.30 -32.91
CA LEU A 312 -20.97 -6.46 -31.67
C LEU A 312 -20.28 -7.83 -31.63
N ASN A 313 -21.01 -8.89 -31.99
CA ASN A 313 -20.42 -10.22 -32.00
C ASN A 313 -19.24 -10.30 -32.96
N LYS A 314 -19.35 -9.66 -34.13
CA LYS A 314 -18.23 -9.64 -35.05
C LYS A 314 -17.01 -8.96 -34.42
N VAL A 315 -17.25 -7.87 -33.68
CA VAL A 315 -16.15 -7.16 -33.03
C VAL A 315 -15.55 -8.00 -31.91
N LEU A 316 -16.40 -8.61 -31.08
CA LEU A 316 -15.90 -9.46 -30.01
C LEU A 316 -15.02 -10.59 -30.56
N ASP A 317 -15.38 -11.12 -31.73
CA ASP A 317 -14.64 -12.23 -32.30
C ASP A 317 -13.19 -11.86 -32.59
N LYS A 318 -12.90 -10.58 -32.85
CA LYS A 318 -11.57 -10.15 -33.22
C LYS A 318 -10.89 -9.32 -32.15
N THR A 319 -11.53 -9.06 -31.01
CA THR A 319 -10.95 -8.25 -29.94
C THR A 319 -10.85 -8.95 -28.59
N ALA A 320 -11.78 -9.85 -28.27
CA ALA A 320 -11.83 -10.40 -26.92
C ALA A 320 -10.83 -11.54 -26.75
N SER A 321 -10.35 -11.72 -25.52
CA SER A 321 -9.46 -12.81 -25.16
C SER A 321 -10.21 -13.84 -24.30
N PRO A 322 -9.84 -15.11 -24.36
CA PRO A 322 -10.56 -16.12 -23.59
C PRO A 322 -10.15 -16.11 -22.12
N TRP A 323 -11.15 -16.27 -21.24
CA TRP A 323 -10.87 -16.30 -19.81
C TRP A 323 -10.17 -17.58 -19.37
N THR A 324 -10.15 -18.61 -20.22
CA THR A 324 -9.44 -19.84 -19.90
C THR A 324 -7.94 -19.64 -19.77
N GLU A 325 -7.41 -18.54 -20.33
CA GLU A 325 -6.00 -18.22 -20.14
C GLU A 325 -5.71 -17.74 -18.73
N LYS A 326 -6.70 -17.22 -18.02
CA LYS A 326 -6.53 -16.74 -16.66
C LYS A 326 -6.97 -17.76 -15.61
N MET A 327 -7.82 -18.71 -15.97
CA MET A 327 -8.34 -19.69 -15.02
C MET A 327 -8.36 -21.09 -15.64
N ILE B 3 -26.72 -32.59 11.42
CA ILE B 3 -26.62 -34.05 11.41
C ILE B 3 -25.24 -34.47 10.94
N THR B 4 -24.61 -33.63 10.10
CA THR B 4 -23.30 -33.91 9.56
C THR B 4 -22.41 -32.67 9.68
N LEU B 5 -21.12 -32.90 9.92
CA LEU B 5 -20.16 -31.82 10.08
C LEU B 5 -18.91 -32.08 9.25
N THR B 6 -18.36 -31.01 8.69
CA THR B 6 -17.05 -31.08 8.08
C THR B 6 -15.97 -31.24 9.16
N GLU B 7 -14.76 -31.59 8.72
CA GLU B 7 -13.67 -31.78 9.66
C GLU B 7 -13.46 -30.54 10.53
N ASN B 8 -13.41 -29.36 9.92
CA ASN B 8 -13.12 -28.15 10.68
C ASN B 8 -14.31 -27.70 11.52
N LYS B 9 -15.53 -27.87 11.00
CA LYS B 9 -16.70 -27.55 11.81
C LYS B 9 -16.78 -28.44 13.04
N ARG B 10 -16.39 -29.71 12.90
CA ARG B 10 -16.39 -30.61 14.05
C ARG B 10 -15.30 -30.23 15.04
N LYS B 11 -14.10 -29.89 14.56
CA LYS B 11 -13.04 -29.46 15.45
C LYS B 11 -13.42 -28.19 16.20
N SER B 12 -14.09 -27.26 15.51
CA SER B 12 -14.54 -26.04 16.18
C SER B 12 -15.59 -26.34 17.23
N MET B 13 -16.52 -27.25 16.93
CA MET B 13 -17.52 -27.65 17.92
C MET B 13 -16.86 -28.25 19.16
N GLU B 14 -15.80 -29.03 18.97
CA GLU B 14 -15.10 -29.62 20.11
C GLU B 14 -14.43 -28.54 20.95
N LYS B 15 -13.90 -27.49 20.32
CA LYS B 15 -13.29 -26.39 21.06
C LYS B 15 -14.32 -25.59 21.86
N LEU B 16 -15.59 -25.68 21.51
CA LEU B 16 -16.64 -24.94 22.21
C LEU B 16 -17.31 -25.76 23.31
N SER B 17 -16.94 -27.03 23.47
CA SER B 17 -17.65 -27.93 24.35
C SER B 17 -16.67 -28.78 25.15
N VAL B 18 -17.20 -29.51 26.12
CA VAL B 18 -16.45 -30.45 26.93
C VAL B 18 -17.26 -31.73 27.01
N ASP B 19 -16.69 -32.83 26.51
CA ASP B 19 -17.37 -34.12 26.49
C ASP B 19 -18.74 -34.00 25.83
N GLY B 20 -18.78 -33.26 24.73
CA GLY B 20 -20.01 -33.07 23.97
C GLY B 20 -21.04 -32.17 24.61
N VAL B 21 -20.72 -31.52 25.73
CA VAL B 21 -21.64 -30.64 26.43
C VAL B 21 -21.15 -29.20 26.26
N ILE B 22 -22.08 -28.30 25.97
CA ILE B 22 -21.78 -26.89 25.79
C ILE B 22 -22.13 -26.18 27.10
N SER B 23 -21.10 -25.70 27.79
CA SER B 23 -21.26 -24.93 29.03
C SER B 23 -20.67 -23.54 28.79
N ALA B 24 -21.32 -22.77 27.93
CA ALA B 24 -20.76 -21.52 27.44
C ALA B 24 -21.24 -20.33 28.27
N LEU B 25 -20.33 -19.38 28.47
CA LEU B 25 -20.64 -18.14 29.18
C LEU B 25 -21.03 -17.08 28.16
N ALA B 26 -22.19 -16.45 28.37
CA ALA B 26 -22.73 -15.46 27.44
C ALA B 26 -22.45 -14.06 27.99
N PHE B 27 -21.76 -13.25 27.20
CA PHE B 27 -21.51 -11.87 27.58
C PHE B 27 -21.38 -10.99 26.33
N ASP B 28 -22.36 -11.10 25.43
CA ASP B 28 -22.41 -10.26 24.24
C ASP B 28 -23.34 -9.06 24.42
N GLN B 29 -23.86 -8.85 25.62
CA GLN B 29 -24.76 -7.73 25.86
C GLN B 29 -24.05 -6.41 25.59
N ARG B 30 -24.80 -5.46 25.04
CA ARG B 30 -24.25 -4.14 24.74
C ARG B 30 -25.17 -3.06 25.31
N GLY B 31 -26.27 -2.79 24.62
CA GLY B 31 -27.23 -1.82 25.15
C GLY B 31 -27.78 -2.22 26.50
N ALA B 32 -28.11 -3.50 26.67
CA ALA B 32 -28.60 -3.98 27.95
C ALA B 32 -27.57 -3.78 29.06
N LEU B 33 -26.30 -4.08 28.77
CA LEU B 33 -25.26 -3.90 29.76
C LEU B 33 -25.06 -2.42 30.09
N LYS B 34 -25.17 -1.55 29.08
CA LYS B 34 -25.03 -0.13 29.31
C LYS B 34 -26.12 0.39 30.24
N ARG B 35 -27.34 -0.14 30.11
CA ARG B 35 -28.42 0.26 30.99
C ARG B 35 -28.22 -0.25 32.41
N MET B 36 -27.64 -1.44 32.56
CA MET B 36 -27.32 -1.95 33.89
C MET B 36 -26.28 -1.08 34.59
N MET B 37 -25.34 -0.53 33.81
CA MET B 37 -24.32 0.35 34.39
C MET B 37 -24.87 1.73 34.70
N ALA B 38 -25.78 2.23 33.85
CA ALA B 38 -26.27 3.60 34.01
C ALA B 38 -27.02 3.78 35.33
N GLN B 39 -27.66 2.73 35.82
CA GLN B 39 -28.45 2.81 37.05
C GLN B 39 -27.61 2.73 38.31
N HIS B 40 -26.28 2.81 38.19
CA HIS B 40 -25.39 2.79 39.34
C HIS B 40 -24.42 3.96 39.37
N GLN B 41 -24.48 4.85 38.39
CA GLN B 41 -23.64 6.04 38.37
C GLN B 41 -24.36 7.15 37.62
N THR B 42 -23.94 8.39 37.87
CA THR B 42 -24.57 9.53 37.24
C THR B 42 -24.13 9.66 35.78
N LYS B 43 -22.82 9.63 35.53
CA LYS B 43 -22.30 9.81 34.19
C LYS B 43 -22.75 8.67 33.29
N GLU B 44 -22.57 8.86 31.98
CA GLU B 44 -22.92 7.85 31.00
C GLU B 44 -21.80 6.80 30.92
N PRO B 45 -22.15 5.52 30.85
CA PRO B 45 -21.09 4.50 30.76
C PRO B 45 -20.18 4.74 29.56
N THR B 46 -18.88 4.57 29.78
CA THR B 46 -17.88 4.78 28.75
C THR B 46 -17.52 3.46 28.07
N VAL B 47 -16.87 3.58 26.91
CA VAL B 47 -16.39 2.40 26.21
C VAL B 47 -15.34 1.68 27.03
N GLU B 48 -14.48 2.43 27.72
CA GLU B 48 -13.44 1.82 28.53
C GLU B 48 -14.03 0.97 29.64
N GLN B 49 -15.10 1.44 30.27
CA GLN B 49 -15.73 0.68 31.34
C GLN B 49 -16.32 -0.63 30.83
N ILE B 50 -17.02 -0.58 29.69
CA ILE B 50 -17.66 -1.77 29.15
C ILE B 50 -16.60 -2.79 28.75
N GLU B 51 -15.58 -2.35 28.00
CA GLU B 51 -14.53 -3.25 27.58
C GLU B 51 -13.78 -3.86 28.75
N GLU B 52 -13.62 -3.11 29.84
CA GLU B 52 -12.87 -3.61 30.99
C GLU B 52 -13.66 -4.67 31.74
N LEU B 53 -14.96 -4.46 31.93
CA LEU B 53 -15.77 -5.42 32.65
C LEU B 53 -15.87 -6.74 31.90
N LYS B 54 -16.01 -6.68 30.57
CA LYS B 54 -16.02 -7.90 29.77
C LYS B 54 -14.70 -8.66 29.91
N SER B 55 -13.57 -7.93 29.99
CA SER B 55 -12.28 -8.58 30.15
C SER B 55 -12.16 -9.24 31.51
N LEU B 56 -12.63 -8.56 32.57
CA LEU B 56 -12.60 -9.16 33.90
C LEU B 56 -13.39 -10.45 33.95
N VAL B 57 -14.62 -10.41 33.44
CA VAL B 57 -15.46 -11.61 33.41
C VAL B 57 -14.81 -12.71 32.59
N SER B 58 -14.34 -12.36 31.39
CA SER B 58 -13.70 -13.35 30.52
C SER B 58 -12.48 -13.96 31.19
N GLU B 59 -11.63 -13.12 31.79
CA GLU B 59 -10.38 -13.61 32.35
C GLU B 59 -10.60 -14.48 33.58
N GLU B 60 -11.66 -14.20 34.36
CA GLU B 60 -11.84 -14.88 35.63
C GLU B 60 -12.75 -16.12 35.54
N LEU B 61 -13.69 -16.14 34.60
CA LEU B 61 -14.69 -17.19 34.56
C LEU B 61 -14.54 -18.19 33.42
N THR B 62 -13.77 -17.85 32.38
CA THR B 62 -13.62 -18.76 31.25
C THR B 62 -12.83 -20.02 31.62
N PRO B 63 -11.99 -20.01 32.67
CA PRO B 63 -11.37 -21.27 33.10
C PRO B 63 -12.40 -22.33 33.50
N PHE B 64 -13.64 -21.94 33.76
CA PHE B 64 -14.68 -22.87 34.22
C PHE B 64 -15.80 -23.02 33.20
N ALA B 65 -15.62 -22.53 31.98
CA ALA B 65 -16.60 -22.66 30.92
C ALA B 65 -15.96 -23.27 29.69
N SER B 66 -16.77 -23.99 28.90
CA SER B 66 -16.27 -24.59 27.68
C SER B 66 -16.00 -23.55 26.58
N SER B 67 -16.65 -22.39 26.67
CA SER B 67 -16.49 -21.34 25.67
C SER B 67 -17.15 -20.09 26.22
N ILE B 68 -16.96 -18.98 25.49
CA ILE B 68 -17.55 -17.70 25.87
C ILE B 68 -18.08 -17.01 24.62
N LEU B 69 -19.25 -16.39 24.76
CA LEU B 69 -19.86 -15.62 23.68
C LEU B 69 -19.64 -14.15 23.95
N LEU B 70 -19.00 -13.46 23.00
CA LEU B 70 -18.71 -12.04 23.12
C LEU B 70 -19.21 -11.31 21.88
N ASP B 71 -19.26 -9.99 21.98
CA ASP B 71 -19.63 -9.13 20.86
C ASP B 71 -18.38 -8.53 20.22
N PRO B 72 -18.34 -8.35 18.89
CA PRO B 72 -17.15 -7.75 18.28
C PRO B 72 -16.97 -6.27 18.58
N GLU B 73 -17.99 -5.59 19.12
CA GLU B 73 -17.92 -4.15 19.30
C GLU B 73 -17.15 -3.77 20.56
N TYR B 74 -17.29 -4.56 21.63
CA TYR B 74 -16.61 -4.27 22.89
C TYR B 74 -15.84 -5.45 23.46
N GLY B 75 -16.03 -6.66 22.95
CA GLY B 75 -15.48 -7.85 23.57
C GLY B 75 -14.20 -8.40 22.96
N LEU B 76 -13.63 -7.73 21.97
CA LEU B 76 -12.43 -8.27 21.33
C LEU B 76 -11.25 -8.23 22.30
N PRO B 77 -11.07 -7.17 23.08
CA PRO B 77 -10.06 -7.24 24.14
C PRO B 77 -10.31 -8.37 25.12
N ALA B 78 -11.57 -8.59 25.50
CA ALA B 78 -11.89 -9.67 26.42
C ALA B 78 -11.62 -11.04 25.79
N SER B 79 -11.83 -11.17 24.47
CA SER B 79 -11.62 -12.46 23.83
C SER B 79 -10.16 -12.87 23.87
N ARG B 80 -9.24 -11.91 23.98
CA ARG B 80 -7.82 -12.23 23.96
C ARG B 80 -7.29 -12.63 25.34
N VAL B 81 -8.00 -12.29 26.41
CA VAL B 81 -7.60 -12.68 27.76
C VAL B 81 -8.40 -13.88 28.26
N ARG B 82 -9.13 -14.56 27.39
CA ARG B 82 -9.91 -15.71 27.82
C ARG B 82 -9.00 -16.90 28.06
N SER B 83 -9.53 -17.87 28.81
CA SER B 83 -8.77 -19.07 29.12
C SER B 83 -8.36 -19.79 27.85
N GLU B 84 -7.18 -20.41 27.88
CA GLU B 84 -6.68 -21.15 26.74
C GLU B 84 -7.53 -22.36 26.39
N GLU B 85 -8.32 -22.86 27.35
CA GLU B 85 -9.15 -24.04 27.14
C GLU B 85 -10.57 -23.69 26.70
N ALA B 86 -10.92 -22.41 26.64
CA ALA B 86 -12.27 -21.98 26.30
C ALA B 86 -12.32 -21.52 24.85
N GLY B 87 -13.35 -21.96 24.13
CA GLY B 87 -13.57 -21.50 22.77
C GLY B 87 -14.26 -20.15 22.74
N LEU B 88 -14.37 -19.59 21.54
CA LEU B 88 -14.90 -18.25 21.34
C LEU B 88 -16.03 -18.27 20.33
N LEU B 89 -17.14 -17.65 20.69
CA LEU B 89 -18.23 -17.33 19.76
C LEU B 89 -18.39 -15.83 19.72
N LEU B 90 -18.64 -15.28 18.53
CA LEU B 90 -18.83 -13.85 18.37
C LEU B 90 -20.22 -13.58 17.80
N ALA B 91 -20.92 -12.62 18.41
CA ALA B 91 -22.23 -12.21 17.92
C ALA B 91 -22.09 -11.48 16.60
N TYR B 92 -23.05 -11.69 15.71
CA TYR B 92 -23.03 -11.16 14.36
C TYR B 92 -24.11 -10.13 14.10
N GLU B 93 -25.16 -10.10 14.92
CA GLU B 93 -26.30 -9.22 14.67
C GLU B 93 -26.16 -7.91 15.42
N LYS B 94 -26.81 -6.87 14.88
CA LYS B 94 -26.96 -5.62 15.60
C LYS B 94 -27.91 -5.80 16.77
N THR B 95 -27.65 -5.05 17.85
CA THR B 95 -28.39 -5.23 19.08
C THR B 95 -29.77 -4.57 19.00
N GLY B 96 -30.75 -5.21 19.64
CA GLY B 96 -32.06 -4.62 19.79
C GLY B 96 -32.93 -4.75 18.56
N TYR B 97 -34.07 -4.06 18.62
CA TYR B 97 -35.03 -4.05 17.53
C TYR B 97 -35.86 -2.78 17.63
N ASP B 98 -36.44 -2.39 16.50
CA ASP B 98 -37.25 -1.17 16.42
C ASP B 98 -38.63 -1.46 17.01
N ALA B 99 -38.96 -0.81 18.12
CA ALA B 99 -40.22 -1.04 18.80
C ALA B 99 -41.40 -0.32 18.16
N THR B 100 -41.15 0.60 17.23
CA THR B 100 -42.26 1.27 16.55
C THR B 100 -42.98 0.35 15.58
N THR B 101 -42.34 -0.73 15.15
CA THR B 101 -42.94 -1.72 14.27
C THR B 101 -42.87 -3.09 14.92
N THR B 102 -43.59 -4.05 14.31
CA THR B 102 -43.69 -5.41 14.82
C THR B 102 -42.87 -6.40 14.01
N SER B 103 -42.11 -5.95 13.01
CA SER B 103 -41.44 -6.86 12.10
C SER B 103 -40.14 -7.40 12.70
N ARG B 104 -39.41 -6.58 13.46
CA ARG B 104 -38.16 -6.99 14.09
C ARG B 104 -37.24 -7.71 13.11
N LEU B 105 -36.91 -7.01 12.03
CA LEU B 105 -36.14 -7.62 10.96
C LEU B 105 -34.66 -7.71 11.37
N PRO B 106 -33.98 -8.80 11.03
CA PRO B 106 -32.58 -8.95 11.42
C PRO B 106 -31.65 -8.06 10.60
N ASP B 107 -30.49 -7.76 11.18
CA ASP B 107 -29.51 -6.90 10.53
C ASP B 107 -28.13 -7.22 11.09
N CYS B 108 -27.17 -7.49 10.21
CA CYS B 108 -25.82 -7.81 10.61
C CYS B 108 -25.04 -6.54 10.92
N LEU B 109 -24.02 -6.67 11.77
CA LEU B 109 -23.11 -5.57 12.02
C LEU B 109 -22.49 -5.07 10.72
N ASP B 110 -22.39 -3.75 10.59
CA ASP B 110 -22.11 -3.14 9.29
C ASP B 110 -20.76 -3.54 8.73
N VAL B 111 -19.71 -3.57 9.56
CA VAL B 111 -18.36 -3.77 9.06
C VAL B 111 -17.88 -5.17 9.39
N TRP B 112 -18.79 -6.11 9.53
CA TRP B 112 -18.44 -7.47 9.87
C TRP B 112 -19.01 -8.47 8.86
N SER B 113 -18.38 -9.63 8.81
CA SER B 113 -18.81 -10.73 7.97
C SER B 113 -18.38 -12.02 8.67
N ALA B 114 -18.94 -13.14 8.22
CA ALA B 114 -18.52 -14.43 8.76
C ALA B 114 -17.02 -14.60 8.62
N LYS B 115 -16.45 -14.11 7.51
CA LYS B 115 -15.02 -14.22 7.29
C LYS B 115 -14.23 -13.42 8.33
N ARG B 116 -14.67 -12.18 8.59
CA ARG B 116 -13.99 -11.37 9.59
C ARG B 116 -14.18 -11.92 11.00
N ILE B 117 -15.32 -12.55 11.27
CA ILE B 117 -15.52 -13.20 12.56
C ILE B 117 -14.53 -14.35 12.73
N LYS B 118 -14.37 -15.16 11.69
CA LYS B 118 -13.36 -16.22 11.72
C LYS B 118 -11.97 -15.63 11.90
N GLU B 119 -11.66 -14.56 11.17
CA GLU B 119 -10.34 -13.95 11.27
C GLU B 119 -10.10 -13.36 12.65
N ALA B 120 -11.16 -12.96 13.36
CA ALA B 120 -11.03 -12.46 14.73
C ALA B 120 -10.82 -13.59 15.74
N GLY B 121 -10.72 -14.84 15.29
CA GLY B 121 -10.41 -15.95 16.17
C GLY B 121 -11.60 -16.71 16.71
N ALA B 122 -12.80 -16.46 16.18
CA ALA B 122 -13.98 -17.13 16.71
C ALA B 122 -14.07 -18.56 16.18
N GLU B 123 -14.60 -19.45 17.02
CA GLU B 123 -14.89 -20.82 16.62
C GLU B 123 -16.30 -20.99 16.10
N ALA B 124 -17.16 -19.97 16.20
CA ALA B 124 -18.52 -20.07 15.73
C ALA B 124 -19.09 -18.67 15.52
N VAL B 125 -20.05 -18.59 14.59
CA VAL B 125 -20.82 -17.37 14.36
C VAL B 125 -22.13 -17.51 15.11
N LYS B 126 -22.47 -16.49 15.91
CA LYS B 126 -23.73 -16.45 16.63
C LYS B 126 -24.60 -15.34 16.05
N PHE B 127 -25.86 -15.65 15.75
CA PHE B 127 -26.80 -14.68 15.23
C PHE B 127 -28.13 -14.83 15.95
N LEU B 128 -28.76 -13.70 16.27
CA LEU B 128 -30.03 -13.66 16.97
C LEU B 128 -31.14 -13.26 16.02
N LEU B 129 -32.21 -14.05 15.98
CA LEU B 129 -33.38 -13.79 15.16
C LEU B 129 -34.62 -13.75 16.04
N TYR B 130 -35.37 -12.65 15.96
CA TYR B 130 -36.72 -12.59 16.51
C TYR B 130 -37.69 -13.15 15.49
N TYR B 131 -38.51 -14.11 15.90
CA TYR B 131 -39.37 -14.81 14.95
C TYR B 131 -40.74 -15.07 15.55
N ASP B 132 -41.77 -14.66 14.82
CA ASP B 132 -43.17 -14.95 15.16
C ASP B 132 -43.71 -15.85 14.06
N ILE B 133 -43.82 -17.14 14.37
CA ILE B 133 -44.27 -18.13 13.38
C ILE B 133 -45.62 -17.73 12.79
N ASP B 134 -46.43 -17.02 13.55
CA ASP B 134 -47.74 -16.59 13.09
C ASP B 134 -47.73 -15.18 12.50
N GLY B 135 -46.56 -14.55 12.39
CA GLY B 135 -46.47 -13.18 11.95
C GLY B 135 -46.72 -13.04 10.46
N ASP B 136 -46.49 -11.81 9.98
CA ASP B 136 -46.68 -11.49 8.57
C ASP B 136 -45.82 -12.40 7.71
N GLN B 137 -46.44 -12.99 6.68
CA GLN B 137 -45.76 -13.98 5.86
C GLN B 137 -44.62 -13.34 5.07
N ASP B 138 -44.82 -12.12 4.56
CA ASP B 138 -43.76 -11.46 3.82
C ASP B 138 -42.58 -11.11 4.73
N VAL B 139 -42.88 -10.69 5.97
CA VAL B 139 -41.81 -10.44 6.93
C VAL B 139 -40.99 -11.70 7.16
N ASN B 140 -41.67 -12.82 7.40
CA ASN B 140 -40.97 -14.08 7.67
C ASN B 140 -40.21 -14.57 6.45
N GLU B 141 -40.74 -14.32 5.25
CA GLU B 141 -40.00 -14.70 4.04
C GLU B 141 -38.68 -13.94 3.96
N GLN B 142 -38.70 -12.65 4.28
CA GLN B 142 -37.47 -11.87 4.31
C GLN B 142 -36.52 -12.39 5.37
N LYS B 143 -37.04 -12.79 6.53
CA LYS B 143 -36.20 -13.34 7.59
C LYS B 143 -35.58 -14.66 7.17
N LYS B 144 -36.37 -15.55 6.57
CA LYS B 144 -35.83 -16.82 6.12
C LYS B 144 -34.75 -16.62 5.06
N ALA B 145 -34.98 -15.73 4.11
CA ALA B 145 -33.93 -15.42 3.13
C ALA B 145 -32.67 -14.94 3.82
N TYR B 146 -32.82 -14.14 4.88
CA TYR B 146 -31.65 -13.58 5.56
C TYR B 146 -30.83 -14.67 6.24
N ILE B 147 -31.50 -15.64 6.88
CA ILE B 147 -30.77 -16.71 7.54
C ILE B 147 -30.10 -17.63 6.53
N GLU B 148 -30.72 -17.83 5.37
CA GLU B 148 -30.09 -18.61 4.30
C GLU B 148 -28.72 -18.04 3.95
N ARG B 149 -28.64 -16.71 3.80
CA ARG B 149 -27.38 -16.07 3.47
C ARG B 149 -26.32 -16.36 4.53
N ILE B 150 -26.67 -16.15 5.80
CA ILE B 150 -25.71 -16.36 6.88
C ILE B 150 -25.32 -17.83 6.97
N GLY B 151 -26.28 -18.73 6.80
CA GLY B 151 -25.96 -20.15 6.77
C GLY B 151 -24.99 -20.49 5.65
N SER B 152 -25.12 -19.82 4.51
CA SER B 152 -24.22 -20.06 3.39
C SER B 152 -22.83 -19.50 3.67
N GLU B 153 -22.76 -18.30 4.24
CA GLU B 153 -21.48 -17.73 4.65
C GLU B 153 -20.71 -18.71 5.53
N CYS B 154 -21.38 -19.25 6.54
CA CYS B 154 -20.72 -20.10 7.51
C CYS B 154 -20.26 -21.42 6.88
N ARG B 155 -21.02 -21.92 5.91
CA ARG B 155 -20.56 -23.09 5.17
C ARG B 155 -19.29 -22.78 4.39
N ALA B 156 -19.25 -21.61 3.74
CA ALA B 156 -18.07 -21.24 2.96
C ALA B 156 -16.86 -21.04 3.86
N GLU B 157 -17.03 -20.30 4.96
CA GLU B 157 -15.94 -20.10 5.90
C GLU B 157 -15.69 -21.31 6.77
N ASP B 158 -16.55 -22.32 6.71
CA ASP B 158 -16.38 -23.57 7.45
C ASP B 158 -16.31 -23.32 8.94
N ILE B 159 -17.29 -22.55 9.45
CA ILE B 159 -17.35 -22.19 10.86
C ILE B 159 -18.77 -22.49 11.37
N PRO B 160 -18.92 -23.16 12.50
CA PRO B 160 -20.26 -23.48 13.01
C PRO B 160 -21.17 -22.25 13.08
N PHE B 161 -22.45 -22.45 12.80
CA PHE B 161 -23.47 -21.41 12.81
C PHE B 161 -24.41 -21.66 13.98
N TYR B 162 -24.36 -20.78 14.98
CA TYR B 162 -25.24 -20.83 16.14
C TYR B 162 -26.36 -19.81 15.93
N LEU B 163 -27.57 -20.30 15.72
CA LEU B 163 -28.74 -19.45 15.52
C LEU B 163 -29.53 -19.36 16.82
N GLU B 164 -29.66 -18.15 17.35
CA GLU B 164 -30.50 -17.90 18.51
C GLU B 164 -31.85 -17.40 18.04
N ILE B 165 -32.91 -18.07 18.48
CA ILE B 165 -34.28 -17.73 18.12
C ILE B 165 -34.99 -17.24 19.36
N LEU B 166 -35.43 -15.99 19.35
CA LEU B 166 -36.30 -15.44 20.39
C LEU B 166 -37.69 -15.26 19.78
N THR B 167 -38.68 -15.87 20.40
CA THR B 167 -40.04 -15.83 19.88
C THR B 167 -40.79 -14.64 20.45
N TYR B 168 -41.83 -14.21 19.72
CA TYR B 168 -42.68 -13.12 20.15
C TYR B 168 -43.97 -13.18 19.34
N ASP B 169 -44.91 -12.30 19.68
CA ASP B 169 -46.16 -12.18 18.95
C ASP B 169 -46.35 -10.72 18.54
N GLU B 170 -46.68 -10.50 17.27
CA GLU B 170 -46.86 -9.13 16.78
C GLU B 170 -47.92 -8.38 17.58
N LYS B 171 -48.87 -9.10 18.18
CA LYS B 171 -49.97 -8.48 18.89
C LYS B 171 -49.73 -8.39 20.39
N ILE B 172 -49.09 -9.38 20.99
CA ILE B 172 -48.86 -9.40 22.43
C ILE B 172 -47.63 -8.55 22.74
N ALA B 173 -47.82 -7.50 23.56
CA ALA B 173 -46.71 -6.60 23.88
C ALA B 173 -45.73 -7.26 24.85
N ASP B 174 -46.23 -7.83 25.93
CA ASP B 174 -45.39 -8.39 26.99
C ASP B 174 -45.32 -9.91 26.84
N ASN B 175 -44.12 -10.43 26.60
CA ASN B 175 -43.93 -11.87 26.48
C ASN B 175 -43.88 -12.58 27.82
N ALA B 176 -43.80 -11.83 28.93
CA ALA B 176 -43.90 -12.40 30.26
C ALA B 176 -45.34 -12.52 30.74
N SER B 177 -46.31 -12.10 29.93
CA SER B 177 -47.70 -12.12 30.32
C SER B 177 -48.27 -13.53 30.26
N PRO B 178 -49.37 -13.78 30.99
CA PRO B 178 -50.04 -15.09 30.84
C PRO B 178 -50.50 -15.37 29.42
N GLU B 179 -50.94 -14.33 28.71
CA GLU B 179 -51.45 -14.52 27.35
C GLU B 179 -50.40 -15.13 26.44
N PHE B 180 -49.14 -14.70 26.58
CA PHE B 180 -48.08 -15.23 25.73
C PHE B 180 -47.64 -16.62 26.18
N ALA B 181 -47.74 -16.92 27.47
CA ALA B 181 -47.34 -18.23 27.95
C ALA B 181 -48.20 -19.33 27.34
N LYS B 182 -49.47 -19.05 27.06
CA LYS B 182 -50.37 -20.06 26.51
C LYS B 182 -50.05 -20.40 25.06
N VAL B 183 -49.19 -19.63 24.40
CA VAL B 183 -48.81 -19.89 23.01
C VAL B 183 -47.31 -20.06 22.84
N LYS B 184 -46.52 -19.89 23.91
CA LYS B 184 -45.07 -19.94 23.78
C LYS B 184 -44.60 -21.26 23.18
N ALA B 185 -45.16 -22.37 23.65
CA ALA B 185 -44.76 -23.67 23.11
C ALA B 185 -44.98 -23.73 21.61
N HIS B 186 -46.08 -23.18 21.12
CA HIS B 186 -46.33 -23.14 19.69
C HIS B 186 -45.29 -22.27 18.98
N LYS B 187 -44.97 -21.12 19.55
CA LYS B 187 -44.00 -20.22 18.92
C LYS B 187 -42.61 -20.85 18.88
N VAL B 188 -42.18 -21.46 19.98
CA VAL B 188 -40.83 -22.00 20.06
C VAL B 188 -40.69 -23.23 19.15
N ASN B 189 -41.56 -24.22 19.34
CA ASN B 189 -41.37 -25.50 18.66
C ASN B 189 -41.54 -25.37 17.16
N GLU B 190 -42.50 -24.55 16.71
CA GLU B 190 -42.71 -24.39 15.28
C GLU B 190 -41.57 -23.62 14.63
N ALA B 191 -41.01 -22.62 15.32
CA ALA B 191 -39.86 -21.93 14.78
C ALA B 191 -38.65 -22.84 14.67
N MET B 192 -38.50 -23.80 15.60
CA MET B 192 -37.40 -24.75 15.51
C MET B 192 -37.58 -25.70 14.34
N LYS B 193 -38.82 -26.02 13.97
CA LYS B 193 -39.06 -26.87 12.81
C LYS B 193 -38.65 -26.17 11.53
N VAL B 194 -38.93 -24.87 11.43
CA VAL B 194 -38.56 -24.12 10.23
C VAL B 194 -37.04 -24.13 10.06
N PHE B 195 -36.32 -23.63 11.05
CA PHE B 195 -34.89 -23.40 10.89
C PHE B 195 -34.05 -24.64 11.15
N SER B 196 -34.68 -25.79 11.38
CA SER B 196 -33.97 -27.07 11.32
C SER B 196 -33.79 -27.56 9.88
N LYS B 197 -34.47 -26.94 8.92
CA LYS B 197 -34.34 -27.38 7.53
C LYS B 197 -32.91 -27.18 7.04
N GLU B 198 -32.46 -28.10 6.20
CA GLU B 198 -31.08 -28.09 5.72
C GLU B 198 -30.72 -26.77 5.04
N ARG B 199 -31.68 -26.13 4.38
CA ARG B 199 -31.38 -24.95 3.58
C ARG B 199 -30.85 -23.79 4.42
N PHE B 200 -31.07 -23.82 5.74
CA PHE B 200 -30.64 -22.72 6.60
C PHE B 200 -29.24 -22.93 7.19
N GLY B 201 -28.68 -24.13 7.07
CA GLY B 201 -27.30 -24.35 7.44
C GLY B 201 -26.99 -24.20 8.91
N VAL B 202 -27.99 -24.32 9.78
CA VAL B 202 -27.77 -24.18 11.21
C VAL B 202 -27.03 -25.40 11.74
N ASP B 203 -26.09 -25.18 12.64
CA ASP B 203 -25.40 -26.24 13.35
C ASP B 203 -25.89 -26.43 14.77
N VAL B 204 -26.20 -25.33 15.47
CA VAL B 204 -26.73 -25.39 16.83
C VAL B 204 -27.79 -24.31 16.96
N LEU B 205 -28.88 -24.64 17.66
CA LEU B 205 -29.94 -23.68 17.97
C LEU B 205 -29.84 -23.27 19.43
N LYS B 206 -29.82 -21.91 19.66
CA LYS B 206 -29.95 -21.35 20.99
C LYS B 206 -31.40 -20.93 21.18
N VAL B 207 -32.16 -21.66 22.02
CA VAL B 207 -33.60 -21.51 22.09
C VAL B 207 -34.03 -21.32 23.53
N GLU B 208 -35.24 -20.79 23.69
CA GLU B 208 -35.90 -20.72 24.98
C GLU B 208 -36.48 -22.08 25.35
N VAL B 209 -36.70 -22.28 26.64
CA VAL B 209 -37.53 -23.41 27.06
C VAL B 209 -38.95 -23.19 26.57
N PRO B 210 -39.66 -24.23 26.11
CA PRO B 210 -40.93 -23.99 25.42
C PRO B 210 -42.10 -23.66 26.33
N VAL B 211 -41.81 -23.36 27.60
CA VAL B 211 -42.84 -23.02 28.57
C VAL B 211 -42.31 -21.98 29.53
N ASN B 212 -43.20 -21.09 29.97
CA ASN B 212 -42.88 -20.14 31.03
C ASN B 212 -43.07 -20.84 32.36
N MET B 213 -41.98 -21.33 32.94
CA MET B 213 -42.07 -22.13 34.16
C MET B 213 -42.74 -21.37 35.29
N LYS B 214 -42.74 -20.04 35.25
CA LYS B 214 -43.38 -19.25 36.29
C LYS B 214 -44.89 -19.45 36.35
N PHE B 215 -45.47 -20.18 35.40
CA PHE B 215 -46.89 -20.50 35.41
C PHE B 215 -47.15 -22.01 35.49
N VAL B 216 -46.14 -22.79 35.88
CA VAL B 216 -46.26 -24.24 35.95
C VAL B 216 -46.48 -24.65 37.40
N GLU B 217 -47.33 -25.66 37.60
CA GLU B 217 -47.58 -26.17 38.95
C GLU B 217 -46.27 -26.57 39.60
N GLY B 218 -46.10 -26.19 40.88
CA GLY B 218 -44.89 -26.46 41.62
C GLY B 218 -43.79 -25.44 41.41
N PHE B 219 -43.85 -24.66 40.35
CA PHE B 219 -42.88 -23.59 40.10
C PHE B 219 -43.47 -22.20 40.23
N ALA B 220 -44.77 -22.05 40.00
CA ALA B 220 -45.41 -20.74 40.00
C ALA B 220 -45.67 -20.26 41.42
N ASP B 221 -45.25 -19.02 41.71
CA ASP B 221 -45.53 -18.41 43.00
C ASP B 221 -46.90 -17.75 43.05
N GLY B 222 -47.66 -17.78 41.95
CA GLY B 222 -48.98 -17.21 41.92
C GLY B 222 -49.91 -17.94 40.96
N GLU B 223 -50.36 -17.25 39.92
CA GLU B 223 -51.26 -17.85 38.95
C GLU B 223 -50.63 -19.07 38.30
N VAL B 224 -51.38 -20.17 38.26
CA VAL B 224 -50.92 -21.42 37.69
C VAL B 224 -51.72 -21.67 36.42
N LEU B 225 -51.00 -21.80 35.30
CA LEU B 225 -51.64 -22.05 34.00
C LEU B 225 -51.48 -23.49 33.53
N PHE B 226 -50.36 -24.13 33.84
CA PHE B 226 -50.04 -25.45 33.32
C PHE B 226 -49.71 -26.40 34.46
N THR B 227 -49.98 -27.69 34.23
CA THR B 227 -49.55 -28.73 35.14
C THR B 227 -48.19 -29.27 34.69
N LYS B 228 -47.54 -29.98 35.61
CA LYS B 228 -46.23 -30.56 35.28
C LYS B 228 -46.31 -31.51 34.10
N GLU B 229 -47.42 -32.22 33.95
CA GLU B 229 -47.56 -33.13 32.82
C GLU B 229 -47.69 -32.36 31.51
N GLU B 230 -48.44 -31.26 31.51
CA GLU B 230 -48.53 -30.42 30.32
C GLU B 230 -47.19 -29.79 30.01
N ALA B 231 -46.48 -29.32 31.04
CA ALA B 231 -45.14 -28.75 30.82
C ALA B 231 -44.19 -29.80 30.27
N ALA B 232 -44.19 -31.00 30.86
CA ALA B 232 -43.31 -32.06 30.40
C ALA B 232 -43.57 -32.38 28.93
N GLN B 233 -44.82 -32.32 28.50
CA GLN B 233 -45.14 -32.59 27.11
C GLN B 233 -44.55 -31.53 26.19
N ALA B 234 -44.52 -30.27 26.64
CA ALA B 234 -43.94 -29.20 25.83
C ALA B 234 -42.46 -29.47 25.55
N PHE B 235 -41.74 -29.98 26.55
CA PHE B 235 -40.33 -30.30 26.35
C PHE B 235 -40.17 -31.47 25.38
N ARG B 236 -41.01 -32.50 25.51
CA ARG B 236 -40.94 -33.62 24.58
C ARG B 236 -41.28 -33.18 23.16
N ASP B 237 -42.19 -32.22 22.99
CA ASP B 237 -42.47 -31.70 21.67
C ASP B 237 -41.29 -30.92 21.12
N GLN B 238 -40.58 -30.20 21.99
CA GLN B 238 -39.39 -29.47 21.56
C GLN B 238 -38.31 -30.44 21.10
N GLU B 239 -38.11 -31.53 21.83
CA GLU B 239 -37.14 -32.53 21.42
C GLU B 239 -37.48 -33.13 20.07
N ALA B 240 -38.77 -33.27 19.77
CA ALA B 240 -39.22 -33.85 18.52
C ALA B 240 -39.31 -32.83 17.39
N SER B 241 -38.97 -31.57 17.64
CA SER B 241 -39.04 -30.53 16.62
CA SER B 241 -39.04 -30.53 16.62
C SER B 241 -37.74 -30.35 15.85
N THR B 242 -36.64 -30.94 16.32
CA THR B 242 -35.37 -30.79 15.63
C THR B 242 -34.50 -32.01 15.89
N ASP B 243 -33.71 -32.39 14.88
CA ASP B 243 -32.64 -33.37 15.05
C ASP B 243 -31.29 -32.70 15.28
N LEU B 244 -31.23 -31.38 15.26
CA LEU B 244 -29.99 -30.66 15.48
C LEU B 244 -29.70 -30.56 16.97
N PRO B 245 -28.43 -30.37 17.35
CA PRO B 245 -28.13 -29.99 18.73
C PRO B 245 -28.79 -28.66 19.06
N TYR B 246 -29.21 -28.52 20.31
CA TYR B 246 -29.80 -27.27 20.76
C TYR B 246 -29.45 -27.06 22.21
N ILE B 247 -29.36 -25.79 22.60
CA ILE B 247 -28.96 -25.40 23.94
C ILE B 247 -29.96 -24.36 24.44
N TYR B 248 -30.10 -24.29 25.76
CA TYR B 248 -31.04 -23.38 26.38
C TYR B 248 -30.35 -22.08 26.79
N LEU B 249 -31.09 -20.98 26.69
CA LEU B 249 -30.63 -19.67 27.12
C LEU B 249 -31.33 -19.27 28.42
N SER B 250 -30.60 -18.54 29.26
CA SER B 250 -31.12 -18.24 30.59
C SER B 250 -32.32 -17.31 30.55
N ALA B 251 -32.40 -16.42 29.55
CA ALA B 251 -33.51 -15.49 29.40
C ALA B 251 -33.63 -14.53 30.58
N GLY B 252 -32.57 -14.37 31.36
CA GLY B 252 -32.56 -13.41 32.44
C GLY B 252 -33.27 -13.85 33.71
N VAL B 253 -33.85 -15.05 33.73
CA VAL B 253 -34.53 -15.54 34.93
C VAL B 253 -33.48 -15.85 35.99
N SER B 254 -33.92 -16.09 37.22
CA SER B 254 -32.99 -16.39 38.31
C SER B 254 -32.18 -17.64 37.99
N ALA B 255 -30.97 -17.70 38.56
CA ALA B 255 -30.15 -18.89 38.39
C ALA B 255 -30.83 -20.12 38.97
N LYS B 256 -31.43 -19.99 40.16
CA LYS B 256 -32.08 -21.12 40.80
C LYS B 256 -33.21 -21.67 39.94
N LEU B 257 -34.06 -20.78 39.41
CA LEU B 257 -35.14 -21.22 38.54
C LEU B 257 -34.59 -21.87 37.27
N PHE B 258 -33.53 -21.29 36.71
CA PHE B 258 -32.93 -21.86 35.50
C PHE B 258 -32.42 -23.27 35.76
N GLN B 259 -31.69 -23.45 36.86
CA GLN B 259 -31.18 -24.77 37.22
C GLN B 259 -32.32 -25.77 37.39
N ASP B 260 -33.36 -25.38 38.12
CA ASP B 260 -34.51 -26.27 38.30
C ASP B 260 -35.18 -26.60 36.97
N THR B 261 -35.16 -25.66 36.02
CA THR B 261 -35.74 -25.92 34.71
C THR B 261 -34.93 -26.95 33.93
N LEU B 262 -33.60 -26.93 34.08
CA LEU B 262 -32.78 -27.93 33.41
C LEU B 262 -33.05 -29.33 33.95
N VAL B 263 -33.23 -29.45 35.27
CA VAL B 263 -33.58 -30.74 35.86
C VAL B 263 -34.94 -31.18 35.36
N PHE B 264 -35.92 -30.28 35.39
CA PHE B 264 -37.26 -30.61 34.90
C PHE B 264 -37.21 -31.01 33.43
N ALA B 265 -36.39 -30.33 32.64
CA ALA B 265 -36.28 -30.65 31.21
C ALA B 265 -35.71 -32.05 31.03
N ALA B 266 -34.62 -32.38 31.73
CA ALA B 266 -34.02 -33.70 31.60
C ALA B 266 -34.99 -34.78 32.06
N GLU B 267 -35.80 -34.50 33.08
CA GLU B 267 -36.77 -35.48 33.56
C GLU B 267 -37.90 -35.66 32.56
N SER B 268 -38.31 -34.59 31.88
CA SER B 268 -39.40 -34.69 30.93
C SER B 268 -39.00 -35.48 29.69
N GLY B 269 -37.72 -35.51 29.36
CA GLY B 269 -37.23 -36.21 28.17
C GLY B 269 -36.50 -35.32 27.18
N ALA B 270 -36.28 -34.04 27.48
CA ALA B 270 -35.57 -33.17 26.56
C ALA B 270 -34.09 -33.56 26.52
N LYS B 271 -33.55 -33.65 25.32
CA LYS B 271 -32.14 -33.99 25.11
C LYS B 271 -31.32 -32.76 24.74
N PHE B 272 -31.43 -31.69 25.51
CA PHE B 272 -30.65 -30.49 25.25
C PHE B 272 -29.17 -30.78 25.47
N ASN B 273 -28.33 -30.01 24.78
CA ASN B 273 -26.90 -30.30 24.71
C ASN B 273 -26.05 -29.27 25.43
N GLY B 274 -26.66 -28.41 26.24
CA GLY B 274 -25.91 -27.43 26.98
C GLY B 274 -26.73 -26.17 27.17
N VAL B 275 -26.02 -25.09 27.53
CA VAL B 275 -26.65 -23.81 27.83
C VAL B 275 -25.72 -22.69 27.37
N LEU B 276 -26.32 -21.51 27.19
CA LEU B 276 -25.58 -20.26 27.00
C LEU B 276 -26.11 -19.31 28.05
N CYS B 277 -25.52 -19.37 29.24
CA CYS B 277 -25.99 -18.60 30.39
C CYS B 277 -25.13 -17.36 30.57
N GLY B 278 -25.78 -16.24 30.87
CA GLY B 278 -25.09 -14.97 30.99
C GLY B 278 -25.38 -14.22 32.27
N ARG B 279 -26.37 -13.32 32.22
CA ARG B 279 -26.63 -12.44 33.36
C ARG B 279 -26.81 -13.20 34.66
N ALA B 280 -27.38 -14.40 34.60
CA ALA B 280 -27.58 -15.19 35.81
C ALA B 280 -26.27 -15.61 36.47
N THR B 281 -25.13 -15.39 35.82
CA THR B 281 -23.83 -15.76 36.34
C THR B 281 -22.98 -14.58 36.78
N TRP B 282 -22.98 -13.48 36.01
CA TRP B 282 -22.08 -12.36 36.26
C TRP B 282 -22.79 -11.06 36.59
N ALA B 283 -24.12 -11.00 36.53
CA ALA B 283 -24.82 -9.73 36.72
C ALA B 283 -24.37 -9.02 37.99
N GLY B 284 -24.13 -9.77 39.07
CA GLY B 284 -23.76 -9.18 40.34
C GLY B 284 -22.45 -8.41 40.31
N SER B 285 -21.59 -8.67 39.31
CA SER B 285 -20.31 -7.98 39.23
C SER B 285 -20.45 -6.56 38.71
N VAL B 286 -21.56 -6.24 38.03
CA VAL B 286 -21.73 -4.90 37.49
C VAL B 286 -21.81 -3.86 38.60
N LYS B 287 -22.67 -4.12 39.59
CA LYS B 287 -22.78 -3.23 40.74
C LYS B 287 -21.42 -3.02 41.40
N VAL B 288 -20.70 -4.11 41.63
CA VAL B 288 -19.40 -4.02 42.29
C VAL B 288 -18.43 -3.21 41.44
N TYR B 289 -18.39 -3.50 40.13
CA TYR B 289 -17.42 -2.83 39.26
C TYR B 289 -17.64 -1.33 39.24
N ILE B 290 -18.87 -0.89 38.95
CA ILE B 290 -19.15 0.54 38.84
C ILE B 290 -18.85 1.25 40.15
N GLU B 291 -19.19 0.63 41.28
CA GLU B 291 -19.08 1.28 42.57
C GLU B 291 -17.74 0.98 43.24
N GLU B 292 -17.46 -0.31 43.48
CA GLU B 292 -16.26 -0.69 44.22
C GLU B 292 -15.02 -0.76 43.35
N GLY B 293 -15.15 -0.67 42.03
CA GLY B 293 -14.01 -0.64 41.15
C GLY B 293 -13.70 -1.98 40.52
N PRO B 294 -12.69 -2.02 39.65
CA PRO B 294 -12.38 -3.27 38.94
C PRO B 294 -11.77 -4.35 39.83
N GLN B 295 -11.01 -3.97 40.85
CA GLN B 295 -10.38 -4.99 41.70
C GLN B 295 -11.40 -5.66 42.60
N ALA B 296 -12.38 -4.91 43.10
CA ALA B 296 -13.46 -5.51 43.88
C ALA B 296 -14.31 -6.43 43.01
N ALA B 297 -14.53 -6.04 41.75
CA ALA B 297 -15.29 -6.90 40.84
C ALA B 297 -14.54 -8.19 40.56
N ARG B 298 -13.21 -8.14 40.49
CA ARG B 298 -12.42 -9.33 40.23
C ARG B 298 -12.58 -10.34 41.37
N GLU B 299 -12.53 -9.87 42.61
CA GLU B 299 -12.69 -10.77 43.75
C GLU B 299 -14.10 -11.34 43.82
N TRP B 300 -15.11 -10.52 43.47
CA TRP B 300 -16.46 -11.03 43.39
C TRP B 300 -16.56 -12.17 42.39
N LEU B 301 -15.89 -12.03 41.23
CA LEU B 301 -15.93 -13.08 40.23
C LEU B 301 -15.20 -14.33 40.71
N ARG B 302 -14.09 -14.16 41.43
CA ARG B 302 -13.35 -15.31 41.93
C ARG B 302 -14.09 -16.02 43.06
N THR B 303 -15.05 -15.36 43.70
CA THR B 303 -15.79 -15.97 44.80
C THR B 303 -17.23 -16.26 44.38
N GLU B 304 -18.09 -15.23 44.43
CA GLU B 304 -19.50 -15.45 44.08
C GLU B 304 -19.65 -15.86 42.62
N GLY B 305 -18.87 -15.25 41.72
CA GLY B 305 -18.98 -15.59 40.31
C GLY B 305 -18.62 -17.04 40.03
N PHE B 306 -17.51 -17.50 40.61
CA PHE B 306 -17.13 -18.91 40.48
C PHE B 306 -18.23 -19.81 41.03
N LYS B 307 -18.78 -19.45 42.19
CA LYS B 307 -19.82 -20.27 42.81
C LYS B 307 -21.02 -20.43 41.89
N ASN B 308 -21.41 -19.37 41.20
CA ASN B 308 -22.55 -19.44 40.29
C ASN B 308 -22.27 -20.43 39.16
N ILE B 309 -21.17 -20.23 38.43
CA ILE B 309 -20.87 -21.09 37.29
C ILE B 309 -20.55 -22.51 37.75
N ASP B 310 -19.97 -22.65 38.94
CA ASP B 310 -19.68 -23.99 39.47
C ASP B 310 -20.96 -24.76 39.71
N GLU B 311 -21.94 -24.12 40.36
CA GLU B 311 -23.23 -24.79 40.59
C GLU B 311 -23.91 -25.14 39.28
N LEU B 312 -23.83 -24.24 38.29
CA LEU B 312 -24.43 -24.54 36.99
C LEU B 312 -23.78 -25.77 36.36
N ASN B 313 -22.44 -25.83 36.39
CA ASN B 313 -21.75 -26.97 35.79
C ASN B 313 -22.15 -28.28 36.48
N LYS B 314 -22.39 -28.23 37.78
CA LYS B 314 -22.82 -29.44 38.49
C LYS B 314 -24.21 -29.89 38.04
N VAL B 315 -25.08 -28.94 37.72
CA VAL B 315 -26.40 -29.31 37.21
C VAL B 315 -26.30 -29.83 35.78
N LEU B 316 -25.44 -29.21 34.97
CA LEU B 316 -25.27 -29.66 33.58
C LEU B 316 -24.78 -31.10 33.54
N ASP B 317 -23.88 -31.47 34.45
CA ASP B 317 -23.35 -32.83 34.48
C ASP B 317 -24.41 -33.87 34.79
N LYS B 318 -25.60 -33.45 35.23
CA LYS B 318 -26.68 -34.38 35.57
C LYS B 318 -27.91 -34.19 34.69
N THR B 319 -27.84 -33.35 33.66
CA THR B 319 -29.02 -33.02 32.87
C THR B 319 -28.73 -32.96 31.38
N ALA B 320 -27.57 -32.44 31.00
CA ALA B 320 -27.26 -32.22 29.60
C ALA B 320 -26.81 -33.51 28.92
N SER B 321 -27.16 -33.65 27.64
CA SER B 321 -26.75 -34.76 26.82
C SER B 321 -25.68 -34.31 25.81
N PRO B 322 -24.79 -35.21 25.40
CA PRO B 322 -23.74 -34.81 24.43
C PRO B 322 -24.29 -34.71 23.02
N TRP B 323 -23.88 -33.65 22.32
CA TRP B 323 -24.30 -33.47 20.93
C TRP B 323 -23.67 -34.49 20.00
N THR B 324 -22.64 -35.20 20.45
CA THR B 324 -22.06 -36.26 19.63
C THR B 324 -23.02 -37.43 19.41
N GLU B 325 -24.05 -37.54 20.25
CA GLU B 325 -25.06 -38.58 20.07
C GLU B 325 -26.06 -38.25 18.97
N LYS B 326 -26.14 -36.99 18.56
CA LYS B 326 -27.00 -36.59 17.44
C LYS B 326 -26.24 -36.49 16.13
N MET B 327 -24.91 -36.61 16.15
CA MET B 327 -24.09 -36.31 14.99
C MET B 327 -22.95 -37.31 14.86
N THR C 2 -0.32 13.38 7.07
CA THR C 2 0.46 14.65 7.09
C THR C 2 1.43 14.72 5.91
N ILE C 3 1.54 13.62 5.17
CA ILE C 3 2.52 13.50 4.10
C ILE C 3 1.91 13.99 2.80
N THR C 4 2.76 14.55 1.94
CA THR C 4 2.35 15.08 0.65
C THR C 4 3.07 14.32 -0.45
N LEU C 5 2.30 13.71 -1.34
CA LEU C 5 2.83 12.95 -2.47
C LEU C 5 2.57 13.72 -3.76
N THR C 6 3.61 13.82 -4.60
CA THR C 6 3.40 14.28 -5.96
C THR C 6 2.54 13.27 -6.72
N GLU C 7 2.03 13.70 -7.87
CA GLU C 7 1.20 12.82 -8.69
C GLU C 7 1.94 11.53 -9.02
N ASN C 8 3.19 11.64 -9.49
CA ASN C 8 3.92 10.45 -9.93
C ASN C 8 4.32 9.57 -8.75
N LYS C 9 4.71 10.18 -7.63
CA LYS C 9 5.06 9.36 -6.46
C LYS C 9 3.84 8.60 -5.96
N ARG C 10 2.67 9.23 -5.97
CA ARG C 10 1.44 8.53 -5.59
C ARG C 10 1.16 7.36 -6.53
N LYS C 11 1.24 7.60 -7.83
CA LYS C 11 1.00 6.53 -8.80
C LYS C 11 1.97 5.37 -8.58
N SER C 12 3.23 5.67 -8.25
CA SER C 12 4.20 4.61 -8.01
C SER C 12 3.86 3.84 -6.74
N MET C 13 3.47 4.55 -5.67
CA MET C 13 3.03 3.87 -4.46
C MET C 13 1.86 2.94 -4.73
N GLU C 14 0.91 3.39 -5.56
CA GLU C 14 -0.25 2.55 -5.86
C GLU C 14 0.17 1.28 -6.59
N LYS C 15 1.19 1.37 -7.44
CA LYS C 15 1.68 0.19 -8.16
C LYS C 15 2.38 -0.79 -7.24
N LEU C 16 2.84 -0.35 -6.07
CA LEU C 16 3.52 -1.21 -5.12
C LEU C 16 2.58 -1.76 -4.05
N SER C 17 1.30 -1.38 -4.08
CA SER C 17 0.38 -1.67 -3.00
C SER C 17 -0.92 -2.20 -3.56
N VAL C 18 -1.72 -2.79 -2.67
CA VAL C 18 -3.10 -3.19 -2.97
C VAL C 18 -3.97 -2.67 -1.84
N ASP C 19 -4.91 -1.79 -2.17
CA ASP C 19 -5.81 -1.20 -1.19
C ASP C 19 -5.02 -0.59 -0.03
N GLY C 20 -3.92 0.09 -0.36
CA GLY C 20 -3.14 0.80 0.63
C GLY C 20 -2.21 -0.05 1.47
N VAL C 21 -2.08 -1.34 1.19
CA VAL C 21 -1.24 -2.23 1.98
C VAL C 21 -0.12 -2.75 1.08
N ILE C 22 1.11 -2.72 1.58
CA ILE C 22 2.27 -3.18 0.85
C ILE C 22 2.54 -4.63 1.26
N SER C 23 2.28 -5.56 0.36
CA SER C 23 2.59 -6.97 0.57
C SER C 23 3.70 -7.36 -0.40
N ALA C 24 4.91 -6.90 -0.10
CA ALA C 24 6.03 -6.96 -1.02
C ALA C 24 6.95 -8.13 -0.71
N LEU C 25 7.51 -8.70 -1.77
CA LEU C 25 8.49 -9.78 -1.67
C LEU C 25 9.89 -9.15 -1.77
N ALA C 26 10.77 -9.55 -0.86
CA ALA C 26 12.11 -8.98 -0.78
C ALA C 26 13.14 -10.02 -1.20
N PHE C 27 13.88 -9.72 -2.26
CA PHE C 27 14.94 -10.63 -2.71
C PHE C 27 16.06 -9.82 -3.35
N ASP C 28 16.53 -8.78 -2.65
CA ASP C 28 17.72 -8.04 -3.06
C ASP C 28 18.98 -8.52 -2.36
N GLN C 29 18.87 -9.56 -1.53
CA GLN C 29 20.04 -10.09 -0.86
C GLN C 29 21.09 -10.52 -1.88
N ARG C 30 22.35 -10.23 -1.57
CA ARG C 30 23.46 -10.59 -2.45
C ARG C 30 24.50 -11.37 -1.67
N GLY C 31 25.27 -10.68 -0.82
CA GLY C 31 26.24 -11.38 0.00
C GLY C 31 25.60 -12.42 0.90
N ALA C 32 24.45 -12.09 1.49
CA ALA C 32 23.76 -13.06 2.34
C ALA C 32 23.30 -14.27 1.54
N LEU C 33 22.79 -14.04 0.32
CA LEU C 33 22.38 -15.15 -0.52
C LEU C 33 23.56 -16.01 -0.92
N LYS C 34 24.67 -15.38 -1.29
CA LYS C 34 25.85 -16.13 -1.72
C LYS C 34 26.35 -17.04 -0.61
N ARG C 35 26.33 -16.56 0.65
CA ARG C 35 26.75 -17.39 1.76
C ARG C 35 25.78 -18.55 1.99
N MET C 36 24.49 -18.31 1.77
CA MET C 36 23.53 -19.40 1.87
C MET C 36 23.80 -20.47 0.81
N MET C 37 24.11 -20.05 -0.42
CA MET C 37 24.39 -21.00 -1.48
C MET C 37 25.69 -21.76 -1.22
N ALA C 38 26.69 -21.09 -0.64
CA ALA C 38 27.99 -21.72 -0.41
C ALA C 38 27.91 -22.85 0.60
N GLN C 39 26.90 -22.85 1.47
CA GLN C 39 26.79 -23.91 2.47
C GLN C 39 26.50 -25.27 1.87
N HIS C 40 26.01 -25.33 0.63
CA HIS C 40 25.49 -26.57 0.06
C HIS C 40 26.21 -26.99 -1.22
N GLN C 41 27.35 -26.38 -1.54
CA GLN C 41 28.12 -26.80 -2.69
C GLN C 41 29.58 -26.44 -2.48
N THR C 42 30.47 -27.21 -3.10
CA THR C 42 31.90 -26.98 -2.94
C THR C 42 32.37 -25.77 -3.75
N LYS C 43 31.90 -25.65 -4.99
CA LYS C 43 32.31 -24.53 -5.82
C LYS C 43 31.68 -23.24 -5.33
N GLU C 44 32.19 -22.12 -5.86
CA GLU C 44 31.65 -20.81 -5.52
C GLU C 44 30.33 -20.59 -6.25
N PRO C 45 29.32 -20.00 -5.60
CA PRO C 45 28.09 -19.65 -6.33
C PRO C 45 28.40 -18.72 -7.49
N THR C 46 27.90 -19.08 -8.66
CA THR C 46 28.19 -18.33 -9.88
C THR C 46 27.13 -17.25 -10.10
N VAL C 47 27.48 -16.30 -10.98
CA VAL C 47 26.52 -15.25 -11.34
C VAL C 47 25.27 -15.86 -11.94
N GLU C 48 25.44 -16.88 -12.80
CA GLU C 48 24.30 -17.50 -13.44
C GLU C 48 23.38 -18.17 -12.42
N GLN C 49 23.97 -18.80 -11.39
CA GLN C 49 23.15 -19.41 -10.35
C GLN C 49 22.35 -18.35 -9.59
N ILE C 50 23.01 -17.24 -9.23
CA ILE C 50 22.33 -16.18 -8.48
C ILE C 50 21.23 -15.57 -9.33
N GLU C 51 21.53 -15.28 -10.59
CA GLU C 51 20.52 -14.70 -11.48
C GLU C 51 19.35 -15.65 -11.67
N GLU C 52 19.62 -16.95 -11.80
CA GLU C 52 18.55 -17.91 -12.06
C GLU C 52 17.61 -18.04 -10.87
N LEU C 53 18.16 -18.18 -9.66
CA LEU C 53 17.31 -18.34 -8.49
C LEU C 53 16.42 -17.11 -8.28
N LYS C 54 16.95 -15.91 -8.56
CA LYS C 54 16.14 -14.71 -8.42
C LYS C 54 15.00 -14.70 -9.44
N SER C 55 15.26 -15.19 -10.65
CA SER C 55 14.20 -15.27 -11.65
C SER C 55 13.16 -16.31 -11.28
N LEU C 56 13.56 -17.41 -10.64
CA LEU C 56 12.60 -18.42 -10.22
C LEU C 56 11.69 -17.89 -9.12
N VAL C 57 12.26 -17.25 -8.10
CA VAL C 57 11.46 -16.67 -7.03
C VAL C 57 10.51 -15.62 -7.59
N SER C 58 11.04 -14.74 -8.45
CA SER C 58 10.23 -13.67 -9.02
C SER C 58 9.08 -14.23 -9.86
N GLU C 59 9.37 -15.24 -10.70
CA GLU C 59 8.35 -15.78 -11.58
C GLU C 59 7.27 -16.52 -10.79
N GLU C 60 7.66 -17.28 -9.77
CA GLU C 60 6.72 -18.16 -9.10
C GLU C 60 5.92 -17.46 -8.01
N LEU C 61 6.48 -16.44 -7.35
CA LEU C 61 5.84 -15.87 -6.17
C LEU C 61 5.27 -14.47 -6.36
N THR C 62 5.72 -13.70 -7.35
CA THR C 62 5.19 -12.35 -7.51
C THR C 62 3.71 -12.34 -7.87
N PRO C 63 3.13 -13.41 -8.43
CA PRO C 63 1.67 -13.45 -8.57
C PRO C 63 0.93 -13.28 -7.25
N PHE C 64 1.60 -13.46 -6.11
CA PHE C 64 0.99 -13.38 -4.80
C PHE C 64 1.50 -12.20 -3.98
N ALA C 65 2.24 -11.28 -4.61
CA ALA C 65 2.77 -10.10 -3.93
C ALA C 65 2.35 -8.85 -4.69
N SER C 66 2.24 -7.73 -3.97
CA SER C 66 1.93 -6.47 -4.62
C SER C 66 3.14 -5.88 -5.33
N SER C 67 4.35 -6.33 -4.98
CA SER C 67 5.57 -5.83 -5.61
C SER C 67 6.73 -6.69 -5.12
N ILE C 68 7.87 -6.55 -5.80
CA ILE C 68 9.07 -7.30 -5.47
C ILE C 68 10.25 -6.34 -5.40
N LEU C 69 11.11 -6.54 -4.41
CA LEU C 69 12.34 -5.78 -4.25
C LEU C 69 13.50 -6.63 -4.76
N LEU C 70 14.25 -6.09 -5.71
CA LEU C 70 15.38 -6.79 -6.32
C LEU C 70 16.59 -5.87 -6.34
N ASP C 71 17.75 -6.47 -6.58
CA ASP C 71 18.98 -5.70 -6.71
C ASP C 71 19.33 -5.49 -8.18
N PRO C 72 19.91 -4.33 -8.56
CA PRO C 72 20.27 -4.14 -9.97
C PRO C 72 21.45 -4.96 -10.44
N GLU C 73 22.21 -5.57 -9.52
CA GLU C 73 23.43 -6.28 -9.92
C GLU C 73 23.12 -7.66 -10.50
N TYR C 74 22.17 -8.39 -9.90
CA TYR C 74 21.81 -9.72 -10.36
C TYR C 74 20.33 -9.88 -10.68
N GLY C 75 19.49 -8.90 -10.36
CA GLY C 75 18.06 -9.08 -10.39
C GLY C 75 17.32 -8.46 -11.56
N LEU C 76 18.02 -7.80 -12.48
CA LEU C 76 17.32 -7.22 -13.62
C LEU C 76 16.65 -8.27 -14.48
N PRO C 77 17.27 -9.41 -14.80
CA PRO C 77 16.51 -10.47 -15.49
C PRO C 77 15.28 -10.91 -14.72
N ALA C 78 15.42 -11.10 -13.40
CA ALA C 78 14.27 -11.47 -12.59
C ALA C 78 13.16 -10.43 -12.66
N SER C 79 13.54 -9.14 -12.75
CA SER C 79 12.51 -8.10 -12.76
C SER C 79 11.67 -8.14 -14.03
N ARG C 80 12.22 -8.67 -15.12
CA ARG C 80 11.49 -8.74 -16.38
C ARG C 80 10.52 -9.92 -16.44
N VAL C 81 10.58 -10.86 -15.50
CA VAL C 81 9.66 -11.99 -15.47
C VAL C 81 8.68 -11.90 -14.30
N ARG C 82 8.64 -10.77 -13.60
CA ARG C 82 7.68 -10.61 -12.52
C ARG C 82 6.27 -10.53 -13.08
N SER C 83 5.30 -10.84 -12.22
CA SER C 83 3.90 -10.79 -12.62
C SER C 83 3.53 -9.39 -13.11
N GLU C 84 2.64 -9.34 -14.10
CA GLU C 84 2.19 -8.07 -14.65
C GLU C 84 1.57 -7.17 -13.60
N GLU C 85 1.01 -7.76 -12.54
CA GLU C 85 0.33 -6.99 -11.50
C GLU C 85 1.25 -6.55 -10.38
N ALA C 86 2.53 -6.91 -10.42
CA ALA C 86 3.46 -6.63 -9.32
C ALA C 86 4.38 -5.47 -9.70
N GLY C 87 4.51 -4.51 -8.78
CA GLY C 87 5.46 -3.43 -8.97
C GLY C 87 6.88 -3.85 -8.65
N LEU C 88 7.81 -2.93 -8.90
CA LEU C 88 9.24 -3.21 -8.78
C LEU C 88 9.92 -2.15 -7.92
N LEU C 89 10.68 -2.60 -6.93
CA LEU C 89 11.62 -1.76 -6.20
C LEU C 89 13.03 -2.27 -6.46
N LEU C 90 13.99 -1.35 -6.54
CA LEU C 90 15.39 -1.72 -6.77
C LEU C 90 16.25 -1.19 -5.64
N ALA C 91 17.14 -2.05 -5.13
CA ALA C 91 18.08 -1.63 -4.11
C ALA C 91 19.17 -0.74 -4.69
N TYR C 92 19.62 0.21 -3.89
CA TYR C 92 20.58 1.23 -4.31
C TYR C 92 21.91 1.14 -3.56
N GLU C 93 21.93 0.47 -2.41
CA GLU C 93 23.13 0.39 -1.59
C GLU C 93 23.96 -0.82 -1.97
N LYS C 94 25.27 -0.70 -1.76
CA LYS C 94 26.16 -1.85 -1.85
C LYS C 94 25.82 -2.87 -0.77
N THR C 95 26.21 -4.11 -1.00
CA THR C 95 25.88 -5.20 -0.09
C THR C 95 26.83 -5.18 1.11
N GLY C 96 26.29 -5.51 2.28
CA GLY C 96 27.10 -5.72 3.46
C GLY C 96 27.62 -4.44 4.08
N TYR C 97 28.61 -4.61 4.95
CA TYR C 97 29.24 -3.50 5.63
C TYR C 97 30.64 -3.91 6.07
N ASP C 98 31.47 -2.91 6.36
CA ASP C 98 32.81 -3.15 6.87
C ASP C 98 32.71 -3.70 8.28
N ALA C 99 33.13 -4.96 8.47
CA ALA C 99 33.07 -5.60 9.77
C ALA C 99 34.29 -5.32 10.64
N THR C 100 35.36 -4.77 10.07
CA THR C 100 36.55 -4.44 10.85
C THR C 100 36.38 -3.15 11.66
N THR C 101 35.27 -2.44 11.49
CA THR C 101 35.01 -1.22 12.24
C THR C 101 33.54 -1.18 12.64
N THR C 102 33.20 -0.26 13.53
CA THR C 102 31.86 -0.14 14.08
C THR C 102 31.02 0.92 13.38
N SER C 103 31.57 1.61 12.38
CA SER C 103 30.86 2.74 11.78
C SER C 103 29.81 2.31 10.78
N ARG C 104 30.03 1.20 10.07
CA ARG C 104 29.07 0.69 9.08
C ARG C 104 28.53 1.81 8.21
N LEU C 105 29.44 2.47 7.51
CA LEU C 105 29.05 3.63 6.73
C LEU C 105 28.41 3.20 5.41
N PRO C 106 27.36 3.90 4.96
CA PRO C 106 26.65 3.49 3.75
C PRO C 106 27.39 3.86 2.48
N ASP C 107 27.06 3.16 1.41
CA ASP C 107 27.71 3.38 0.12
C ASP C 107 26.79 2.90 -0.99
N CYS C 108 26.55 3.77 -1.97
CA CYS C 108 25.73 3.46 -3.12
C CYS C 108 26.50 2.62 -4.12
N LEU C 109 25.77 1.86 -4.93
CA LEU C 109 26.38 1.13 -6.03
C LEU C 109 27.08 2.10 -6.97
N ASP C 110 28.29 1.72 -7.39
CA ASP C 110 29.17 2.67 -8.08
C ASP C 110 28.58 3.19 -9.38
N VAL C 111 27.99 2.32 -10.20
CA VAL C 111 27.56 2.70 -11.54
C VAL C 111 26.04 2.96 -11.60
N TRP C 112 25.42 3.25 -10.46
CA TRP C 112 23.99 3.47 -10.41
C TRP C 112 23.66 4.82 -9.79
N SER C 113 22.45 5.27 -10.09
CA SER C 113 21.91 6.51 -9.57
C SER C 113 20.40 6.37 -9.54
N ALA C 114 19.74 7.24 -8.78
CA ALA C 114 18.28 7.22 -8.75
C ALA C 114 17.71 7.34 -10.15
N LYS C 115 18.35 8.15 -11.00
CA LYS C 115 17.90 8.30 -12.37
C LYS C 115 18.03 7.00 -13.15
N ARG C 116 19.13 6.29 -12.95
CA ARG C 116 19.32 5.01 -13.65
C ARG C 116 18.42 3.92 -13.08
N ILE C 117 18.12 3.98 -11.78
CA ILE C 117 17.17 3.04 -11.21
C ILE C 117 15.79 3.24 -11.83
N LYS C 118 15.38 4.50 -11.98
CA LYS C 118 14.10 4.79 -12.63
C LYS C 118 14.11 4.33 -14.07
N GLU C 119 15.19 4.61 -14.81
CA GLU C 119 15.30 4.14 -16.19
C GLU C 119 15.28 2.62 -16.28
N ALA C 120 15.66 1.92 -15.21
CA ALA C 120 15.62 0.46 -15.20
C ALA C 120 14.22 -0.08 -14.97
N GLY C 121 13.21 0.78 -14.80
CA GLY C 121 11.84 0.35 -14.65
C GLY C 121 11.31 0.29 -13.23
N ALA C 122 12.07 0.75 -12.25
CA ALA C 122 11.63 0.64 -10.87
C ALA C 122 10.59 1.70 -10.53
N GLU C 123 9.68 1.35 -9.62
CA GLU C 123 8.72 2.28 -9.07
CA GLU C 123 8.72 2.28 -9.07
C GLU C 123 9.15 2.86 -7.73
N ALA C 124 10.33 2.49 -7.24
CA ALA C 124 10.83 3.02 -5.98
C ALA C 124 12.31 2.71 -5.85
N VAL C 125 13.01 3.60 -5.16
CA VAL C 125 14.40 3.39 -4.77
C VAL C 125 14.42 2.89 -3.34
N LYS C 126 15.15 1.80 -3.10
CA LYS C 126 15.32 1.26 -1.76
C LYS C 126 16.77 1.41 -1.33
N PHE C 127 16.99 1.84 -0.09
CA PHE C 127 18.33 1.99 0.44
C PHE C 127 18.35 1.48 1.88
N LEU C 128 19.40 0.76 2.23
CA LEU C 128 19.57 0.18 3.57
C LEU C 128 20.62 0.97 4.33
N LEU C 129 20.30 1.39 5.55
CA LEU C 129 21.20 2.11 6.44
C LEU C 129 21.31 1.38 7.76
N TYR C 130 22.54 1.09 8.18
CA TYR C 130 22.81 0.64 9.54
C TYR C 130 22.97 1.85 10.44
N TYR C 131 22.24 1.88 11.56
CA TYR C 131 22.21 3.07 12.40
C TYR C 131 22.18 2.70 13.88
N ASP C 132 23.14 3.23 14.63
CA ASP C 132 23.16 3.19 16.09
C ASP C 132 22.90 4.60 16.58
N ILE C 133 21.68 4.85 17.08
CA ILE C 133 21.32 6.18 17.56
C ILE C 133 22.31 6.67 18.62
N ASP C 134 22.87 5.75 19.40
CA ASP C 134 23.79 6.09 20.47
C ASP C 134 25.25 6.05 20.04
N GLY C 135 25.51 5.95 18.74
CA GLY C 135 26.87 5.80 18.25
C GLY C 135 27.61 7.12 18.14
N ASP C 136 28.83 7.03 17.60
CA ASP C 136 29.65 8.21 17.39
C ASP C 136 28.88 9.25 16.59
N GLN C 137 28.89 10.49 17.09
CA GLN C 137 28.03 11.51 16.50
C GLN C 137 28.59 12.01 15.17
N ASP C 138 29.91 11.92 14.96
CA ASP C 138 30.47 12.28 13.67
C ASP C 138 30.10 11.25 12.60
N VAL C 139 30.10 9.97 12.98
CA VAL C 139 29.64 8.93 12.06
C VAL C 139 28.18 9.17 11.68
N ASN C 140 27.34 9.51 12.66
CA ASN C 140 25.92 9.69 12.39
C ASN C 140 25.66 10.95 11.57
N GLU C 141 26.49 11.98 11.71
CA GLU C 141 26.35 13.16 10.85
C GLU C 141 26.67 12.80 9.40
N GLN C 142 27.67 11.95 9.20
CA GLN C 142 27.99 11.49 7.84
C GLN C 142 26.86 10.66 7.27
N LYS C 143 26.25 9.80 8.09
CA LYS C 143 25.12 8.99 7.63
C LYS C 143 23.92 9.86 7.31
N LYS C 144 23.65 10.86 8.15
CA LYS C 144 22.50 11.74 7.89
C LYS C 144 22.71 12.53 6.61
N ALA C 145 23.92 13.06 6.40
CA ALA C 145 24.19 13.77 5.16
C ALA C 145 23.98 12.87 3.94
N TYR C 146 24.34 11.60 4.06
CA TYR C 146 24.22 10.68 2.93
C TYR C 146 22.76 10.42 2.59
N ILE C 147 21.92 10.20 3.60
CA ILE C 147 20.50 9.98 3.36
C ILE C 147 19.88 11.22 2.73
N GLU C 148 20.29 12.40 3.19
CA GLU C 148 19.79 13.63 2.59
C GLU C 148 20.04 13.66 1.09
N ARG C 149 21.24 13.26 0.65
CA ARG C 149 21.54 13.22 -0.77
C ARG C 149 20.56 12.30 -1.51
N ILE C 150 20.41 11.07 -1.02
CA ILE C 150 19.54 10.11 -1.68
C ILE C 150 18.11 10.62 -1.72
N GLY C 151 17.63 11.17 -0.59
CA GLY C 151 16.28 11.71 -0.56
C GLY C 151 16.07 12.83 -1.56
N SER C 152 17.11 13.64 -1.79
CA SER C 152 17.02 14.71 -2.77
C SER C 152 17.01 14.16 -4.18
N GLU C 153 17.85 13.16 -4.48
CA GLU C 153 17.80 12.49 -5.76
C GLU C 153 16.39 12.01 -6.07
N CYS C 154 15.80 11.27 -5.14
CA CYS C 154 14.48 10.69 -5.37
C CYS C 154 13.42 11.76 -5.55
N ARG C 155 13.58 12.88 -4.86
CA ARG C 155 12.69 14.01 -5.10
C ARG C 155 12.86 14.55 -6.51
N ALA C 156 14.10 14.69 -6.96
CA ALA C 156 14.35 15.21 -8.31
C ALA C 156 13.83 14.24 -9.37
N GLU C 157 14.07 12.95 -9.19
CA GLU C 157 13.60 11.95 -10.14
C GLU C 157 12.12 11.61 -9.94
N ASP C 158 11.51 12.11 -8.86
CA ASP C 158 10.09 11.91 -8.61
C ASP C 158 9.75 10.43 -8.47
N ILE C 159 10.49 9.76 -7.59
CA ILE C 159 10.34 8.32 -7.39
C ILE C 159 10.34 8.05 -5.89
N PRO C 160 9.42 7.24 -5.36
CA PRO C 160 9.37 7.01 -3.91
C PRO C 160 10.71 6.52 -3.35
N PHE C 161 11.02 6.99 -2.14
CA PHE C 161 12.24 6.64 -1.42
C PHE C 161 11.88 5.72 -0.26
N TYR C 162 12.25 4.44 -0.38
CA TYR C 162 12.06 3.45 0.69
C TYR C 162 13.37 3.30 1.44
N LEU C 163 13.38 3.67 2.72
CA LEU C 163 14.57 3.62 3.54
C LEU C 163 14.45 2.48 4.55
N GLU C 164 15.31 1.49 4.44
CA GLU C 164 15.40 0.42 5.42
C GLU C 164 16.43 0.78 6.49
N ILE C 165 16.03 0.66 7.75
CA ILE C 165 16.91 0.94 8.88
C ILE C 165 17.11 -0.36 9.66
N LEU C 166 18.36 -0.80 9.75
CA LEU C 166 18.75 -1.92 10.60
C LEU C 166 19.59 -1.37 11.74
N THR C 167 19.14 -1.60 12.97
CA THR C 167 19.81 -1.02 14.13
C THR C 167 20.91 -1.95 14.62
N TYR C 168 21.84 -1.38 15.38
CA TYR C 168 22.91 -2.14 16.00
C TYR C 168 23.48 -1.30 17.12
N ASP C 169 24.39 -1.90 17.88
CA ASP C 169 25.12 -1.20 18.92
C ASP C 169 26.61 -1.37 18.68
N GLU C 170 27.34 -0.26 18.68
CA GLU C 170 28.78 -0.31 18.41
C GLU C 170 29.51 -1.24 19.38
N LYS C 171 28.95 -1.49 20.56
CA LYS C 171 29.63 -2.26 21.60
C LYS C 171 28.97 -3.61 21.87
N ILE C 172 27.94 -3.98 21.11
CA ILE C 172 27.30 -5.29 21.24
C ILE C 172 27.53 -6.03 19.94
N ALA C 173 28.17 -7.20 20.03
CA ALA C 173 28.54 -7.95 18.84
C ALA C 173 27.33 -8.59 18.18
N ASP C 174 26.48 -9.24 18.97
CA ASP C 174 25.38 -10.06 18.46
C ASP C 174 24.05 -9.38 18.77
N ASN C 175 23.34 -8.97 17.72
CA ASN C 175 22.03 -8.34 17.89
CA ASN C 175 22.03 -8.34 17.89
C ASN C 175 20.97 -9.32 18.37
N ALA C 176 21.24 -10.62 18.32
CA ALA C 176 20.31 -11.61 18.82
C ALA C 176 20.51 -11.90 20.30
N SER C 177 21.47 -11.24 20.94
CA SER C 177 21.77 -11.49 22.34
C SER C 177 20.72 -10.86 23.24
N PRO C 178 20.60 -11.35 24.48
CA PRO C 178 19.71 -10.67 25.44
C PRO C 178 20.11 -9.24 25.69
N GLU C 179 21.43 -8.96 25.70
CA GLU C 179 21.90 -7.60 25.95
C GLU C 179 21.33 -6.62 24.92
N PHE C 180 21.31 -7.00 23.65
CA PHE C 180 20.77 -6.10 22.64
C PHE C 180 19.25 -6.04 22.70
N ALA C 181 18.60 -7.14 23.07
CA ALA C 181 17.14 -7.13 23.19
C ALA C 181 16.67 -6.04 24.14
N LYS C 182 17.44 -5.78 25.20
CA LYS C 182 17.03 -4.79 26.19
C LYS C 182 17.05 -3.37 25.64
N VAL C 183 17.83 -3.10 24.60
CA VAL C 183 17.95 -1.76 24.04
C VAL C 183 17.32 -1.62 22.67
N LYS C 184 16.71 -2.69 22.14
CA LYS C 184 16.28 -2.67 20.75
C LYS C 184 15.19 -1.63 20.49
N ALA C 185 14.18 -1.58 21.36
CA ALA C 185 13.09 -0.64 21.15
C ALA C 185 13.62 0.79 21.07
N HIS C 186 14.57 1.14 21.94
CA HIS C 186 15.18 2.47 21.89
C HIS C 186 15.89 2.69 20.56
N LYS C 187 16.68 1.71 20.11
CA LYS C 187 17.42 1.86 18.87
C LYS C 187 16.46 2.04 17.69
N VAL C 188 15.39 1.25 17.66
CA VAL C 188 14.48 1.27 16.51
C VAL C 188 13.66 2.55 16.51
N ASN C 189 12.97 2.82 17.61
CA ASN C 189 11.97 3.89 17.61
C ASN C 189 12.61 5.27 17.49
N GLU C 190 13.76 5.47 18.13
CA GLU C 190 14.42 6.76 18.02
C GLU C 190 15.05 6.96 16.64
N ALA C 191 15.55 5.90 16.03
CA ALA C 191 16.05 6.00 14.65
C ALA C 191 14.92 6.35 13.69
N MET C 192 13.74 5.77 13.91
CA MET C 192 12.59 6.09 13.06
C MET C 192 12.21 7.56 13.20
N LYS C 193 12.26 8.08 14.43
CA LYS C 193 11.92 9.48 14.65
C LYS C 193 12.88 10.40 13.91
N VAL C 194 14.17 10.08 13.93
CA VAL C 194 15.16 10.90 13.24
C VAL C 194 14.86 10.95 11.74
N PHE C 195 14.72 9.78 11.12
CA PHE C 195 14.63 9.70 9.68
C PHE C 195 13.21 9.89 9.17
N SER C 196 12.28 10.24 10.04
CA SER C 196 10.99 10.77 9.63
C SER C 196 11.03 12.29 9.45
N LYS C 197 12.18 12.92 9.69
CA LYS C 197 12.30 14.35 9.46
C LYS C 197 12.20 14.67 7.98
N GLU C 198 11.54 15.78 7.67
CA GLU C 198 11.28 16.15 6.27
C GLU C 198 12.56 16.22 5.45
N ARG C 199 13.69 16.61 6.06
CA ARG C 199 14.91 16.84 5.30
C ARG C 199 15.45 15.59 4.63
N PHE C 200 15.01 14.40 5.07
CA PHE C 200 15.51 13.16 4.48
C PHE C 200 14.64 12.64 3.33
N GLY C 201 13.46 13.21 3.12
CA GLY C 201 12.67 12.88 1.95
C GLY C 201 12.22 11.45 1.86
N VAL C 202 12.05 10.77 3.00
CA VAL C 202 11.63 9.36 2.99
C VAL C 202 10.13 9.29 2.75
N ASP C 203 9.73 8.32 1.93
CA ASP C 203 8.31 8.05 1.69
C ASP C 203 7.79 6.86 2.49
N VAL C 204 8.59 5.81 2.64
CA VAL C 204 8.22 4.64 3.43
C VAL C 204 9.43 4.17 4.21
N LEU C 205 9.23 3.84 5.48
CA LEU C 205 10.27 3.26 6.32
C LEU C 205 10.09 1.75 6.37
N LYS C 206 11.17 1.01 6.13
CA LYS C 206 11.21 -0.44 6.31
C LYS C 206 12.03 -0.71 7.57
N VAL C 207 11.39 -1.29 8.58
CA VAL C 207 11.96 -1.32 9.92
C VAL C 207 11.73 -2.68 10.57
N GLU C 208 12.57 -2.95 11.58
CA GLU C 208 12.38 -4.10 12.44
C GLU C 208 11.24 -3.84 13.42
N VAL C 209 10.63 -4.92 13.90
CA VAL C 209 9.72 -4.81 15.04
C VAL C 209 10.57 -4.36 16.22
N PRO C 210 10.03 -3.57 17.15
CA PRO C 210 10.88 -2.96 18.18
C PRO C 210 11.16 -3.88 19.36
N VAL C 211 10.91 -5.18 19.19
CA VAL C 211 11.11 -6.16 20.26
CA VAL C 211 11.12 -6.16 20.25
C VAL C 211 11.65 -7.45 19.64
N ASN C 212 12.50 -8.14 20.39
CA ASN C 212 12.95 -9.48 20.02
C ASN C 212 11.94 -10.45 20.63
N MET C 213 11.00 -10.92 19.81
CA MET C 213 9.88 -11.70 20.33
C MET C 213 10.32 -12.99 20.99
N LYS C 214 11.53 -13.49 20.69
CA LYS C 214 12.01 -14.71 21.32
C LYS C 214 12.21 -14.57 22.83
N PHE C 215 12.16 -13.35 23.35
CA PHE C 215 12.31 -13.11 24.79
C PHE C 215 11.02 -12.58 25.42
N VAL C 216 9.89 -12.65 24.72
CA VAL C 216 8.62 -12.15 25.25
C VAL C 216 7.82 -13.32 25.79
N GLU C 217 7.11 -13.08 26.89
CA GLU C 217 6.27 -14.11 27.49
C GLU C 217 5.33 -14.69 26.45
N GLY C 218 5.17 -16.02 26.49
CA GLY C 218 4.28 -16.70 25.58
C GLY C 218 4.93 -17.06 24.27
N PHE C 219 5.87 -16.22 23.81
CA PHE C 219 6.64 -16.51 22.61
C PHE C 219 7.99 -17.14 22.90
N ALA C 220 8.54 -16.91 24.10
CA ALA C 220 9.90 -17.33 24.41
C ALA C 220 9.95 -18.82 24.71
N ASP C 221 10.91 -19.51 24.09
CA ASP C 221 11.17 -20.90 24.40
C ASP C 221 12.14 -21.07 25.56
N GLY C 222 12.94 -20.04 25.87
CA GLY C 222 13.86 -20.09 26.97
C GLY C 222 13.75 -18.89 27.89
N GLU C 223 14.84 -18.13 28.03
CA GLU C 223 14.84 -16.97 28.92
C GLU C 223 13.75 -15.99 28.50
N VAL C 224 13.10 -15.40 29.51
CA VAL C 224 12.06 -14.40 29.30
C VAL C 224 12.55 -13.08 29.88
N LEU C 225 12.54 -12.04 29.05
CA LEU C 225 12.96 -10.71 29.46
C LEU C 225 11.82 -9.71 29.56
N PHE C 226 10.75 -9.90 28.80
CA PHE C 226 9.67 -8.93 28.72
C PHE C 226 8.33 -9.63 28.89
N THR C 227 7.40 -8.93 29.53
CA THR C 227 6.02 -9.36 29.56
C THR C 227 5.33 -8.97 28.25
N LYS C 228 4.13 -9.50 28.05
CA LYS C 228 3.37 -9.13 26.86
C LYS C 228 3.01 -7.64 26.88
N GLU C 229 2.70 -7.10 28.07
CA GLU C 229 2.32 -5.69 28.15
C GLU C 229 3.51 -4.79 27.85
N GLU C 230 4.72 -5.19 28.26
CA GLU C 230 5.91 -4.41 27.95
C GLU C 230 6.20 -4.45 26.45
N ALA C 231 6.10 -5.63 25.84
CA ALA C 231 6.26 -5.73 24.39
C ALA C 231 5.22 -4.90 23.67
N ALA C 232 3.98 -4.93 24.15
CA ALA C 232 2.92 -4.14 23.52
C ALA C 232 3.24 -2.65 23.55
N GLN C 233 3.78 -2.18 24.67
CA GLN C 233 4.11 -0.76 24.78
C GLN C 233 5.20 -0.36 23.79
N ALA C 234 6.12 -1.28 23.49
CA ALA C 234 7.16 -0.98 22.50
C ALA C 234 6.55 -0.74 21.12
N PHE C 235 5.52 -1.53 20.76
CA PHE C 235 4.85 -1.31 19.49
C PHE C 235 4.10 0.01 19.48
N ARG C 236 3.50 0.39 20.61
CA ARG C 236 2.78 1.66 20.67
C ARG C 236 3.75 2.84 20.62
N ASP C 237 4.90 2.71 21.28
CA ASP C 237 5.95 3.73 21.16
C ASP C 237 6.41 3.86 19.72
N GLN C 238 6.51 2.73 19.01
CA GLN C 238 6.92 2.76 17.61
C GLN C 238 5.91 3.53 16.77
N GLU C 239 4.61 3.28 16.96
CA GLU C 239 3.60 3.99 16.21
C GLU C 239 3.64 5.48 16.51
N ALA C 240 3.97 5.86 17.75
CA ALA C 240 4.03 7.26 18.13
C ALA C 240 5.33 7.93 17.71
N SER C 241 6.27 7.21 17.11
CA SER C 241 7.55 7.78 16.72
CA SER C 241 7.55 7.78 16.72
C SER C 241 7.53 8.41 15.34
N THR C 242 6.55 8.05 14.50
CA THR C 242 6.52 8.55 13.14
C THR C 242 5.07 8.70 12.66
N ASP C 243 4.87 9.65 11.75
CA ASP C 243 3.64 9.74 10.97
C ASP C 243 3.81 9.19 9.57
N LEU C 244 5.00 8.68 9.22
CA LEU C 244 5.25 8.14 7.90
C LEU C 244 4.67 6.73 7.77
N PRO C 245 4.35 6.29 6.55
CA PRO C 245 4.09 4.87 6.34
C PRO C 245 5.32 4.05 6.71
N TYR C 246 5.11 2.91 7.34
CA TYR C 246 6.21 2.01 7.64
C TYR C 246 5.76 0.56 7.51
N ILE C 247 6.71 -0.29 7.14
CA ILE C 247 6.45 -1.70 6.91
C ILE C 247 7.53 -2.50 7.62
N TYR C 248 7.20 -3.75 7.95
CA TYR C 248 8.09 -4.60 8.73
C TYR C 248 8.89 -5.52 7.83
N LEU C 249 10.15 -5.74 8.21
CA LEU C 249 11.00 -6.76 7.62
C LEU C 249 11.01 -7.99 8.51
N SER C 250 11.23 -9.16 7.89
CA SER C 250 11.14 -10.41 8.64
C SER C 250 12.40 -10.68 9.47
N ALA C 251 13.55 -10.19 9.03
CA ALA C 251 14.82 -10.42 9.71
C ALA C 251 15.19 -11.90 9.76
N GLY C 252 14.59 -12.71 8.90
CA GLY C 252 14.96 -14.11 8.78
C GLY C 252 14.39 -15.03 9.83
N VAL C 253 13.40 -14.60 10.60
CA VAL C 253 12.73 -15.50 11.54
C VAL C 253 11.86 -16.46 10.74
N SER C 254 11.30 -17.46 11.41
CA SER C 254 10.44 -18.40 10.72
C SER C 254 9.17 -17.70 10.24
N ALA C 255 8.56 -18.28 9.20
CA ALA C 255 7.32 -17.72 8.67
C ALA C 255 6.24 -17.66 9.74
N LYS C 256 6.12 -18.73 10.54
CA LYS C 256 5.11 -18.77 11.60
C LYS C 256 5.34 -17.67 12.63
N LEU C 257 6.59 -17.52 13.08
CA LEU C 257 6.87 -16.51 14.11
C LEU C 257 6.61 -15.11 13.57
N PHE C 258 7.05 -14.82 12.35
CA PHE C 258 6.77 -13.51 11.77
C PHE C 258 5.27 -13.25 11.69
N GLN C 259 4.49 -14.27 11.31
CA GLN C 259 3.04 -14.11 11.28
C GLN C 259 2.47 -13.82 12.66
N ASP C 260 2.93 -14.56 13.68
CA ASP C 260 2.46 -14.32 15.04
C ASP C 260 2.85 -12.92 15.52
N THR C 261 3.98 -12.40 15.05
CA THR C 261 4.40 -11.07 15.47
C THR C 261 3.51 -9.98 14.88
N LEU C 262 3.05 -10.17 13.64
CA LEU C 262 2.18 -9.18 13.01
C LEU C 262 0.83 -9.12 13.70
N VAL C 263 0.30 -10.28 14.10
CA VAL C 263 -0.94 -10.30 14.88
C VAL C 263 -0.73 -9.56 16.20
N PHE C 264 0.37 -9.85 16.89
CA PHE C 264 0.64 -9.20 18.16
C PHE C 264 0.83 -7.69 17.97
N ALA C 265 1.55 -7.30 16.91
CA ALA C 265 1.74 -5.88 16.63
C ALA C 265 0.40 -5.18 16.44
N ALA C 266 -0.49 -5.75 15.62
CA ALA C 266 -1.77 -5.14 15.36
C ALA C 266 -2.61 -5.04 16.63
N GLU C 267 -2.60 -6.09 17.45
CA GLU C 267 -3.37 -6.08 18.69
C GLU C 267 -2.84 -5.03 19.66
N SER C 268 -1.53 -4.76 19.63
CA SER C 268 -0.93 -3.79 20.54
C SER C 268 -1.24 -2.36 20.15
N GLY C 269 -1.63 -2.11 18.91
CA GLY C 269 -1.92 -0.77 18.44
C GLY C 269 -1.03 -0.28 17.31
N ALA C 270 -0.10 -1.10 16.81
CA ALA C 270 0.74 -0.69 15.70
C ALA C 270 -0.09 -0.62 14.42
N LYS C 271 0.02 0.51 13.72
CA LYS C 271 -0.69 0.69 12.46
C LYS C 271 0.31 0.59 11.31
N PHE C 272 1.03 -0.53 11.24
CA PHE C 272 1.97 -0.75 10.15
C PHE C 272 1.22 -0.95 8.84
N ASN C 273 1.90 -0.65 7.73
CA ASN C 273 1.25 -0.56 6.43
C ASN C 273 1.65 -1.70 5.50
N GLY C 274 2.21 -2.77 6.03
CA GLY C 274 2.54 -3.94 5.26
C GLY C 274 3.90 -4.45 5.64
N VAL C 275 4.48 -5.27 4.75
CA VAL C 275 5.77 -5.90 4.99
C VAL C 275 6.57 -5.88 3.71
N LEU C 276 7.89 -5.93 3.88
CA LEU C 276 8.83 -6.31 2.82
C LEU C 276 9.51 -7.56 3.34
N CYS C 277 8.91 -8.71 3.04
CA CYS C 277 9.31 -9.99 3.63
C CYS C 277 10.14 -10.79 2.63
N GLY C 278 11.28 -11.29 3.10
CA GLY C 278 12.18 -12.04 2.24
C GLY C 278 12.44 -13.46 2.72
N ARG C 279 13.49 -13.62 3.53
CA ARG C 279 13.96 -14.96 3.90
C ARG C 279 12.83 -15.81 4.48
N ALA C 280 12.00 -15.22 5.35
CA ALA C 280 10.91 -15.98 5.95
C ALA C 280 10.03 -16.66 4.92
N THR C 281 9.99 -16.15 3.69
CA THR C 281 9.16 -16.75 2.65
C THR C 281 9.92 -17.77 1.80
N TRP C 282 11.11 -17.41 1.32
CA TRP C 282 11.80 -18.20 0.31
C TRP C 282 13.10 -18.84 0.80
N ALA C 283 13.47 -18.67 2.07
CA ALA C 283 14.77 -19.16 2.53
C ALA C 283 15.00 -20.61 2.17
N GLY C 284 13.96 -21.45 2.31
CA GLY C 284 14.11 -22.87 2.09
C GLY C 284 14.41 -23.25 0.65
N SER C 285 14.17 -22.35 -0.30
CA SER C 285 14.37 -22.67 -1.71
C SER C 285 15.85 -22.70 -2.09
N VAL C 286 16.71 -22.03 -1.32
CA VAL C 286 18.13 -21.95 -1.69
C VAL C 286 18.75 -23.33 -1.66
N LYS C 287 18.56 -24.06 -0.55
CA LYS C 287 19.14 -25.39 -0.43
C LYS C 287 18.61 -26.33 -1.51
N VAL C 288 17.34 -26.18 -1.88
CA VAL C 288 16.75 -27.05 -2.89
C VAL C 288 17.36 -26.73 -4.26
N TYR C 289 17.39 -25.45 -4.63
CA TYR C 289 17.94 -25.07 -5.93
C TYR C 289 19.36 -25.59 -6.11
N ILE C 290 20.20 -25.41 -5.08
CA ILE C 290 21.61 -25.79 -5.19
C ILE C 290 21.76 -27.30 -5.28
N GLU C 291 21.12 -28.03 -4.35
CA GLU C 291 21.30 -29.47 -4.29
C GLU C 291 20.49 -30.22 -5.33
N GLU C 292 19.30 -29.72 -5.68
CA GLU C 292 18.36 -30.47 -6.50
C GLU C 292 18.07 -29.86 -7.86
N GLY C 293 18.39 -28.59 -8.08
CA GLY C 293 18.24 -27.99 -9.39
C GLY C 293 17.06 -27.05 -9.50
N PRO C 294 16.96 -26.35 -10.63
CA PRO C 294 15.93 -25.30 -10.75
C PRO C 294 14.51 -25.84 -10.78
N GLN C 295 14.27 -26.97 -11.44
CA GLN C 295 12.92 -27.51 -11.51
C GLN C 295 12.43 -27.92 -10.13
N ALA C 296 13.30 -28.54 -9.33
CA ALA C 296 12.94 -28.87 -7.95
C ALA C 296 12.73 -27.61 -7.12
N ALA C 297 13.42 -26.52 -7.47
CA ALA C 297 13.21 -25.25 -6.78
C ALA C 297 11.85 -24.66 -7.13
N ARG C 298 11.42 -24.81 -8.39
CA ARG C 298 10.08 -24.36 -8.75
C ARG C 298 9.02 -25.09 -7.95
N GLU C 299 9.18 -26.40 -7.79
CA GLU C 299 8.19 -27.18 -7.07
C GLU C 299 8.13 -26.79 -5.60
N TRP C 300 9.29 -26.45 -5.01
CA TRP C 300 9.29 -25.97 -3.64
C TRP C 300 8.57 -24.62 -3.54
N LEU C 301 8.85 -23.71 -4.48
CA LEU C 301 8.20 -22.41 -4.46
C LEU C 301 6.70 -22.52 -4.68
N ARG C 302 6.26 -23.51 -5.47
CA ARG C 302 4.84 -23.69 -5.73
C ARG C 302 4.11 -24.37 -4.60
N THR C 303 4.83 -25.00 -3.67
CA THR C 303 4.21 -25.71 -2.56
C THR C 303 4.56 -25.04 -1.23
N GLU C 304 5.78 -25.27 -0.74
CA GLU C 304 6.19 -24.66 0.52
C GLU C 304 6.29 -23.15 0.41
N GLY C 305 6.88 -22.64 -0.66
CA GLY C 305 6.97 -21.21 -0.85
C GLY C 305 5.61 -20.55 -0.92
N PHE C 306 4.69 -21.15 -1.66
CA PHE C 306 3.34 -20.61 -1.74
C PHE C 306 2.66 -20.61 -0.39
N LYS C 307 2.83 -21.69 0.39
CA LYS C 307 2.20 -21.76 1.70
C LYS C 307 2.70 -20.65 2.61
N ASN C 308 4.01 -20.36 2.58
CA ASN C 308 4.56 -19.29 3.39
C ASN C 308 3.93 -17.95 3.02
N ILE C 309 3.89 -17.63 1.74
CA ILE C 309 3.44 -16.30 1.33
C ILE C 309 1.91 -16.22 1.38
N ASP C 310 1.22 -17.32 1.13
CA ASP C 310 -0.24 -17.31 1.22
C ASP C 310 -0.70 -17.09 2.66
N GLU C 311 -0.11 -17.82 3.60
CA GLU C 311 -0.44 -17.60 5.01
C GLU C 311 -0.04 -16.19 5.46
N LEU C 312 1.05 -15.66 4.93
CA LEU C 312 1.42 -14.28 5.23
C LEU C 312 0.36 -13.30 4.74
N ASN C 313 -0.14 -13.51 3.52
CA ASN C 313 -1.15 -12.61 2.97
C ASN C 313 -2.43 -12.64 3.81
N LYS C 314 -2.83 -13.84 4.26
CA LYS C 314 -4.01 -13.92 5.12
C LYS C 314 -3.82 -13.12 6.40
N VAL C 315 -2.63 -13.17 6.99
CA VAL C 315 -2.36 -12.41 8.20
C VAL C 315 -2.36 -10.92 7.91
N LEU C 316 -1.72 -10.51 6.81
CA LEU C 316 -1.70 -9.10 6.44
C LEU C 316 -3.12 -8.58 6.25
N ASP C 317 -4.00 -9.40 5.67
CA ASP C 317 -5.37 -8.96 5.41
C ASP C 317 -6.09 -8.54 6.67
N LYS C 318 -5.70 -9.08 7.82
CA LYS C 318 -6.40 -8.81 9.08
C LYS C 318 -5.55 -8.05 10.09
N THR C 319 -4.36 -7.58 9.72
CA THR C 319 -3.50 -6.87 10.65
C THR C 319 -3.06 -5.51 10.12
N ALA C 320 -2.84 -5.40 8.81
CA ALA C 320 -2.20 -4.21 8.26
C ALA C 320 -3.21 -3.08 8.09
N SER C 321 -2.71 -1.85 8.21
CA SER C 321 -3.50 -0.64 7.99
C SER C 321 -3.09 0.03 6.67
N PRO C 322 -4.00 0.70 5.98
CA PRO C 322 -3.65 1.30 4.69
C PRO C 322 -2.82 2.57 4.87
N TRP C 323 -1.83 2.74 3.98
CA TRP C 323 -1.01 3.94 4.07
C TRP C 323 -1.74 5.19 3.60
N THR C 324 -2.90 5.03 2.94
CA THR C 324 -3.69 6.18 2.55
C THR C 324 -4.24 6.93 3.76
N GLU C 325 -4.37 6.26 4.91
CA GLU C 325 -4.76 6.97 6.13
C GLU C 325 -3.70 7.99 6.52
N LYS C 326 -2.42 7.60 6.48
CA LYS C 326 -1.34 8.54 6.75
C LYS C 326 -1.09 9.51 5.60
N MET C 327 -1.62 9.22 4.41
CA MET C 327 -1.38 10.07 3.25
C MET C 327 -2.66 10.19 2.41
N ILE D 3 20.50 25.50 -20.14
CA ILE D 3 19.57 25.81 -21.23
C ILE D 3 18.30 26.42 -20.65
N THR D 4 17.80 25.83 -19.57
CA THR D 4 16.58 26.28 -18.91
C THR D 4 16.82 26.35 -17.41
N LEU D 5 16.43 27.47 -16.81
CA LEU D 5 16.61 27.70 -15.38
C LEU D 5 15.25 27.93 -14.74
N THR D 6 15.04 27.32 -13.58
CA THR D 6 13.85 27.59 -12.79
C THR D 6 13.93 29.00 -12.20
N GLU D 7 12.81 29.45 -11.64
CA GLU D 7 12.76 30.78 -11.03
C GLU D 7 13.86 30.95 -10.00
N ASN D 8 14.01 29.98 -9.09
CA ASN D 8 14.98 30.12 -8.02
C ASN D 8 16.41 29.97 -8.55
N LYS D 9 16.63 29.08 -9.51
CA LYS D 9 17.96 28.94 -10.10
C LYS D 9 18.37 30.20 -10.83
N ARG D 10 17.41 30.87 -11.48
CA ARG D 10 17.72 32.13 -12.14
C ARG D 10 18.05 33.23 -11.14
N LYS D 11 17.31 33.29 -10.03
CA LYS D 11 17.63 34.26 -8.98
C LYS D 11 19.06 34.08 -8.50
N SER D 12 19.46 32.84 -8.25
CA SER D 12 20.81 32.57 -7.75
C SER D 12 21.85 32.94 -8.79
N MET D 13 21.62 32.57 -10.05
CA MET D 13 22.57 32.92 -11.11
C MET D 13 22.80 34.43 -11.15
N GLU D 14 21.73 35.21 -11.00
CA GLU D 14 21.87 36.67 -11.03
C GLU D 14 22.66 37.18 -9.83
N LYS D 15 22.53 36.52 -8.67
CA LYS D 15 23.31 36.92 -7.51
C LYS D 15 24.78 36.57 -7.66
N LEU D 16 25.12 35.66 -8.57
CA LEU D 16 26.50 35.31 -8.86
C LEU D 16 27.08 36.13 -10.00
N SER D 17 26.26 36.91 -10.70
CA SER D 17 26.65 37.58 -11.92
C SER D 17 26.45 39.09 -11.80
N VAL D 18 27.01 39.80 -12.78
CA VAL D 18 26.80 41.23 -12.95
C VAL D 18 26.60 41.47 -14.45
N ASP D 19 25.40 41.91 -14.83
CA ASP D 19 25.06 42.11 -16.24
C ASP D 19 25.27 40.82 -17.03
N GLY D 20 25.00 39.69 -16.40
CA GLY D 20 25.14 38.40 -17.06
C GLY D 20 26.55 37.89 -17.19
N VAL D 21 27.53 38.55 -16.57
CA VAL D 21 28.92 38.13 -16.62
C VAL D 21 29.33 37.65 -15.23
N ILE D 22 30.03 36.51 -15.19
CA ILE D 22 30.52 35.95 -13.94
C ILE D 22 31.96 36.41 -13.75
N SER D 23 32.17 37.30 -12.78
CA SER D 23 33.50 37.79 -12.43
C SER D 23 33.74 37.50 -10.95
N ALA D 24 33.92 36.24 -10.62
CA ALA D 24 33.92 35.79 -9.24
C ALA D 24 35.31 35.37 -8.80
N LEU D 25 35.54 35.46 -7.49
CA LEU D 25 36.82 35.16 -6.88
C LEU D 25 36.82 33.71 -6.39
N ALA D 26 37.86 32.97 -6.75
CA ALA D 26 37.99 31.57 -6.37
C ALA D 26 38.96 31.45 -5.22
N PHE D 27 38.49 30.93 -4.09
CA PHE D 27 39.35 30.71 -2.93
C PHE D 27 38.89 29.49 -2.15
N ASP D 28 38.55 28.41 -2.85
CA ASP D 28 38.25 27.14 -2.21
C ASP D 28 39.47 26.27 -2.02
N GLN D 29 40.66 26.77 -2.39
CA GLN D 29 41.89 26.00 -2.20
C GLN D 29 42.07 25.62 -0.74
N ARG D 30 42.48 24.38 -0.52
CA ARG D 30 42.71 23.87 0.83
C ARG D 30 44.10 23.26 0.93
N GLY D 31 44.27 22.06 0.37
CA GLY D 31 45.59 21.44 0.38
C GLY D 31 46.62 22.27 -0.37
N ALA D 32 46.20 22.89 -1.48
CA ALA D 32 47.12 23.74 -2.23
C ALA D 32 47.52 24.97 -1.44
N LEU D 33 46.58 25.56 -0.70
CA LEU D 33 46.89 26.72 0.12
C LEU D 33 47.84 26.35 1.26
N LYS D 34 47.63 25.19 1.88
CA LYS D 34 48.53 24.74 2.93
C LYS D 34 49.96 24.61 2.42
N ARG D 35 50.12 24.13 1.18
CA ARG D 35 51.44 23.98 0.61
C ARG D 35 52.10 25.33 0.38
N MET D 36 51.32 26.34 0.00
CA MET D 36 51.87 27.68 -0.17
C MET D 36 52.31 28.27 1.16
N MET D 37 51.54 28.03 2.22
CA MET D 37 51.91 28.53 3.54
C MET D 37 53.09 27.78 4.11
N ALA D 38 53.21 26.48 3.81
CA ALA D 38 54.32 25.69 4.32
C ALA D 38 55.66 26.13 3.77
N GLN D 39 55.67 26.90 2.67
CA GLN D 39 56.92 27.36 2.08
C GLN D 39 57.55 28.52 2.83
N HIS D 40 56.76 29.26 3.62
CA HIS D 40 57.23 30.51 4.21
C HIS D 40 57.25 30.49 5.73
N GLN D 41 57.12 29.31 6.35
CA GLN D 41 57.24 29.22 7.80
C GLN D 41 57.71 27.81 8.16
N THR D 42 58.25 27.70 9.38
CA THR D 42 58.76 26.43 9.86
C THR D 42 57.63 25.49 10.28
N LYS D 43 56.70 25.99 11.10
CA LYS D 43 55.64 25.16 11.63
C LYS D 43 54.63 24.82 10.54
N GLU D 44 53.67 23.97 10.90
CA GLU D 44 52.61 23.57 9.99
C GLU D 44 51.52 24.65 9.97
N PRO D 45 50.96 24.97 8.80
CA PRO D 45 49.84 25.93 8.77
C PRO D 45 48.69 25.45 9.64
N THR D 46 48.19 26.36 10.48
CA THR D 46 47.13 26.04 11.41
C THR D 46 45.76 26.36 10.81
N VAL D 47 44.71 25.88 11.47
CA VAL D 47 43.35 26.15 11.01
C VAL D 47 43.05 27.64 11.11
N GLU D 48 43.49 28.27 12.19
CA GLU D 48 43.25 29.71 12.36
C GLU D 48 43.88 30.51 11.23
N GLN D 49 45.11 30.15 10.83
CA GLN D 49 45.78 30.86 9.75
C GLN D 49 44.98 30.73 8.45
N ILE D 50 44.58 29.51 8.10
CA ILE D 50 43.82 29.29 6.87
C ILE D 50 42.50 30.06 6.91
N GLU D 51 41.79 29.96 8.04
CA GLU D 51 40.49 30.63 8.14
C GLU D 51 40.64 32.15 8.10
N GLU D 52 41.71 32.68 8.70
CA GLU D 52 41.88 34.13 8.74
C GLU D 52 42.20 34.68 7.36
N LEU D 53 43.11 34.03 6.64
CA LEU D 53 43.50 34.54 5.32
C LEU D 53 42.31 34.52 4.37
N LYS D 54 41.49 33.48 4.43
CA LYS D 54 40.28 33.44 3.60
C LYS D 54 39.34 34.58 3.94
N SER D 55 39.26 34.95 5.22
CA SER D 55 38.43 36.08 5.61
C SER D 55 38.99 37.39 5.08
N LEU D 56 40.30 37.60 5.19
CA LEU D 56 40.92 38.82 4.68
C LEU D 56 40.63 38.99 3.19
N VAL D 57 40.87 37.93 2.40
CA VAL D 57 40.64 38.00 0.97
C VAL D 57 39.16 38.27 0.67
N SER D 58 38.28 37.58 1.38
CA SER D 58 36.84 37.77 1.18
C SER D 58 36.43 39.20 1.49
N GLU D 59 36.82 39.70 2.66
CA GLU D 59 36.37 41.02 3.09
C GLU D 59 36.89 42.11 2.17
N GLU D 60 38.13 41.98 1.69
CA GLU D 60 38.79 43.08 0.99
C GLU D 60 38.52 43.09 -0.51
N LEU D 61 38.30 41.93 -1.14
CA LEU D 61 38.22 41.86 -2.59
C LEU D 61 36.82 41.59 -3.13
N THR D 62 35.90 41.06 -2.32
CA THR D 62 34.56 40.75 -2.82
C THR D 62 33.77 42.01 -3.21
N PRO D 63 34.08 43.19 -2.69
CA PRO D 63 33.43 44.40 -3.20
C PRO D 63 33.68 44.65 -4.69
N PHE D 64 34.62 43.94 -5.30
CA PHE D 64 34.94 44.11 -6.71
C PHE D 64 34.75 42.83 -7.51
N ALA D 65 33.96 41.88 -6.98
CA ALA D 65 33.69 40.62 -7.65
C ALA D 65 32.19 40.33 -7.59
N SER D 66 31.70 39.64 -8.62
CA SER D 66 30.29 39.29 -8.67
C SER D 66 29.93 38.23 -7.63
N SER D 67 30.89 37.43 -7.19
CA SER D 67 30.66 36.40 -6.18
C SER D 67 32.01 35.85 -5.76
N ILE D 68 31.99 34.92 -4.81
CA ILE D 68 33.19 34.29 -4.30
C ILE D 68 32.94 32.80 -4.10
N LEU D 69 33.93 31.99 -4.45
CA LEU D 69 33.88 30.55 -4.25
C LEU D 69 34.74 30.21 -3.03
N LEU D 70 34.11 29.60 -2.02
CA LEU D 70 34.78 29.20 -0.80
C LEU D 70 34.56 27.72 -0.54
N ASP D 71 35.35 27.16 0.35
CA ASP D 71 35.21 25.78 0.77
C ASP D 71 34.48 25.70 2.11
N PRO D 72 33.61 24.71 2.34
CA PRO D 72 32.87 24.67 3.61
C PRO D 72 33.75 24.30 4.81
N GLU D 73 34.96 23.78 4.59
CA GLU D 73 35.76 23.31 5.70
C GLU D 73 36.46 24.46 6.43
N TYR D 74 36.91 25.47 5.69
CA TYR D 74 37.63 26.59 6.27
C TYR D 74 37.05 27.95 5.92
N GLY D 75 36.13 28.04 4.97
CA GLY D 75 35.70 29.31 4.42
C GLY D 75 34.35 29.82 4.87
N LEU D 76 33.70 29.16 5.84
CA LEU D 76 32.39 29.61 6.28
C LEU D 76 32.49 30.95 7.02
N PRO D 77 33.50 31.15 7.88
CA PRO D 77 33.69 32.49 8.44
C PRO D 77 33.90 33.55 7.37
N ALA D 78 34.71 33.25 6.35
CA ALA D 78 34.95 34.21 5.28
C ALA D 78 33.67 34.48 4.50
N SER D 79 32.82 33.47 4.34
CA SER D 79 31.58 33.67 3.60
C SER D 79 30.67 34.69 4.28
N ARG D 80 30.76 34.79 5.61
CA ARG D 80 29.89 35.70 6.34
C ARG D 80 30.37 37.15 6.28
N VAL D 81 31.63 37.40 5.95
CA VAL D 81 32.15 38.76 5.86
C VAL D 81 32.26 39.24 4.41
N ARG D 82 31.73 38.48 3.46
CA ARG D 82 31.80 38.91 2.07
C ARG D 82 30.92 40.13 1.85
N SER D 83 31.18 40.82 0.73
CA SER D 83 30.39 41.99 0.37
C SER D 83 28.92 41.63 0.23
N GLU D 84 28.05 42.55 0.64
CA GLU D 84 26.61 42.34 0.52
C GLU D 84 26.15 42.21 -0.93
N GLU D 85 26.99 42.59 -1.89
CA GLU D 85 26.65 42.52 -3.31
C GLU D 85 27.21 41.29 -3.99
N ALA D 86 28.01 40.48 -3.29
CA ALA D 86 28.66 39.33 -3.88
C ALA D 86 27.94 38.04 -3.51
N GLY D 87 27.77 37.16 -4.49
CA GLY D 87 27.20 35.86 -4.26
C GLY D 87 28.21 34.89 -3.68
N LEU D 88 27.72 33.70 -3.35
CA LEU D 88 28.53 32.67 -2.71
C LEU D 88 28.36 31.35 -3.45
N LEU D 89 29.48 30.72 -3.78
CA LEU D 89 29.52 29.32 -4.21
C LEU D 89 30.31 28.54 -3.18
N LEU D 90 29.90 27.31 -2.91
CA LEU D 90 30.60 26.45 -1.97
C LEU D 90 31.02 25.17 -2.67
N ALA D 91 32.29 24.80 -2.49
CA ALA D 91 32.82 23.58 -3.05
C ALA D 91 32.23 22.37 -2.32
N TYR D 92 32.01 21.29 -3.08
CA TYR D 92 31.35 20.09 -2.58
C TYR D 92 32.26 18.88 -2.53
N GLU D 93 33.36 18.90 -3.26
CA GLU D 93 34.25 17.74 -3.37
C GLU D 93 35.36 17.82 -2.33
N LYS D 94 35.89 16.65 -1.97
CA LYS D 94 37.11 16.58 -1.19
C LYS D 94 38.29 17.05 -2.02
N THR D 95 39.31 17.57 -1.33
CA THR D 95 40.42 18.20 -2.02
C THR D 95 41.39 17.17 -2.58
N GLY D 96 42.02 17.53 -3.70
CA GLY D 96 43.08 16.72 -4.26
C GLY D 96 42.59 15.43 -4.86
N TYR D 97 43.51 14.48 -4.99
CA TYR D 97 43.20 13.17 -5.52
C TYR D 97 44.25 12.18 -5.06
N ASP D 98 43.92 10.89 -5.17
CA ASP D 98 44.84 9.82 -4.81
C ASP D 98 45.84 9.63 -5.95
N ALA D 99 47.10 9.98 -5.70
CA ALA D 99 48.15 9.82 -6.69
C ALA D 99 48.63 8.38 -6.82
N THR D 100 48.10 7.46 -6.02
CA THR D 100 48.52 6.07 -6.10
C THR D 100 48.05 5.41 -7.39
N THR D 101 46.87 5.80 -7.89
CA THR D 101 46.32 5.25 -9.11
C THR D 101 45.96 6.39 -10.05
N THR D 102 45.47 6.03 -11.23
CA THR D 102 45.14 6.99 -12.27
C THR D 102 43.64 7.25 -12.40
N SER D 103 42.82 6.68 -11.51
CA SER D 103 41.37 6.75 -11.66
C SER D 103 40.80 8.08 -11.21
N ARG D 104 41.41 8.71 -10.20
CA ARG D 104 40.97 10.02 -9.69
C ARG D 104 39.45 10.09 -9.57
N LEU D 105 38.90 9.16 -8.78
CA LEU D 105 37.45 9.10 -8.63
C LEU D 105 36.97 10.23 -7.72
N PRO D 106 35.82 10.84 -8.02
CA PRO D 106 35.32 11.95 -7.20
C PRO D 106 34.73 11.48 -5.88
N ASP D 107 34.67 12.42 -4.93
CA ASP D 107 34.21 12.10 -3.58
C ASP D 107 33.75 13.37 -2.90
N CYS D 108 32.49 13.39 -2.48
CA CYS D 108 31.91 14.55 -1.80
C CYS D 108 32.40 14.63 -0.36
N LEU D 109 32.38 15.84 0.19
CA LEU D 109 32.67 16.02 1.60
C LEU D 109 31.71 15.19 2.45
N ASP D 110 32.27 14.55 3.48
CA ASP D 110 31.54 13.51 4.21
C ASP D 110 30.26 14.05 4.86
N VAL D 111 30.33 15.22 5.48
CA VAL D 111 29.20 15.72 6.28
C VAL D 111 28.43 16.81 5.54
N TRP D 112 28.53 16.86 4.21
CA TRP D 112 27.86 17.88 3.43
C TRP D 112 26.93 17.24 2.39
N SER D 113 25.93 18.03 1.99
CA SER D 113 25.01 17.67 0.93
C SER D 113 24.62 18.96 0.23
N ALA D 114 24.00 18.82 -0.95
CA ALA D 114 23.50 20.00 -1.65
C ALA D 114 22.54 20.78 -0.75
N LYS D 115 21.74 20.06 0.04
CA LYS D 115 20.81 20.71 0.95
C LYS D 115 21.56 21.53 2.01
N ARG D 116 22.63 20.96 2.57
CA ARG D 116 23.38 21.69 3.59
C ARG D 116 24.18 22.85 2.99
N ILE D 117 24.63 22.69 1.74
CA ILE D 117 25.28 23.81 1.05
C ILE D 117 24.29 24.97 0.89
N LYS D 118 23.09 24.66 0.42
CA LYS D 118 22.05 25.68 0.32
C LYS D 118 21.76 26.29 1.68
N GLU D 119 21.67 25.47 2.73
CA GLU D 119 21.38 25.99 4.06
C GLU D 119 22.51 26.86 4.59
N ALA D 120 23.74 26.63 4.12
CA ALA D 120 24.87 27.47 4.50
C ALA D 120 24.89 28.80 3.77
N GLY D 121 23.88 29.11 2.95
CA GLY D 121 23.77 30.39 2.30
C GLY D 121 24.33 30.47 0.90
N ALA D 122 24.78 29.35 0.33
CA ALA D 122 25.38 29.38 -0.99
C ALA D 122 24.33 29.60 -2.07
N GLU D 123 24.73 30.28 -3.14
CA GLU D 123 23.90 30.47 -4.33
C GLU D 123 24.18 29.43 -5.39
N ALA D 124 25.15 28.54 -5.18
CA ALA D 124 25.45 27.51 -6.17
C ALA D 124 26.29 26.41 -5.52
N VAL D 125 26.18 25.22 -6.08
CA VAL D 125 27.03 24.09 -5.71
C VAL D 125 28.14 23.96 -6.73
N LYS D 126 29.38 23.88 -6.27
CA LYS D 126 30.54 23.69 -7.12
C LYS D 126 31.12 22.32 -6.85
N PHE D 127 31.39 21.57 -7.92
CA PHE D 127 32.02 20.26 -7.81
C PHE D 127 33.12 20.14 -8.85
N LEU D 128 34.25 19.57 -8.42
CA LEU D 128 35.43 19.40 -9.26
C LEU D 128 35.56 17.94 -9.67
N LEU D 129 35.68 17.69 -10.98
CA LEU D 129 35.81 16.35 -11.52
C LEU D 129 37.06 16.28 -12.39
N TYR D 130 37.94 15.34 -12.07
CA TYR D 130 39.03 14.99 -12.97
C TYR D 130 38.51 13.97 -13.99
N TYR D 131 38.73 14.24 -15.28
CA TYR D 131 38.15 13.41 -16.33
C TYR D 131 39.15 13.21 -17.46
N ASP D 132 39.44 11.95 -17.77
CA ASP D 132 40.23 11.57 -18.95
C ASP D 132 39.27 10.90 -19.92
N ILE D 133 38.87 11.62 -20.97
CA ILE D 133 37.91 11.10 -21.93
C ILE D 133 38.39 9.79 -22.53
N ASP D 134 39.70 9.58 -22.59
CA ASP D 134 40.29 8.39 -23.19
C ASP D 134 40.65 7.34 -22.15
N GLY D 135 40.26 7.53 -20.89
CA GLY D 135 40.65 6.64 -19.82
C GLY D 135 39.79 5.38 -19.77
N ASP D 136 39.95 4.66 -18.66
CA ASP D 136 39.22 3.41 -18.46
C ASP D 136 37.72 3.65 -18.52
N GLN D 137 37.03 2.84 -19.31
CA GLN D 137 35.60 3.03 -19.53
C GLN D 137 34.80 2.79 -18.25
N ASP D 138 35.20 1.81 -17.45
CA ASP D 138 34.50 1.54 -16.20
C ASP D 138 34.70 2.67 -15.19
N VAL D 139 35.88 3.28 -15.19
CA VAL D 139 36.13 4.44 -14.33
C VAL D 139 35.19 5.58 -14.72
N ASN D 140 35.10 5.88 -16.01
CA ASN D 140 34.28 7.00 -16.46
C ASN D 140 32.80 6.73 -16.30
N GLU D 141 32.40 5.45 -16.34
CA GLU D 141 31.01 5.12 -16.05
C GLU D 141 30.67 5.43 -14.60
N GLN D 142 31.59 5.12 -13.68
CA GLN D 142 31.38 5.49 -12.28
C GLN D 142 31.34 7.00 -12.12
N LYS D 143 32.21 7.71 -12.82
CA LYS D 143 32.22 9.17 -12.73
C LYS D 143 30.93 9.76 -13.27
N LYS D 144 30.43 9.24 -14.39
CA LYS D 144 29.19 9.77 -14.95
C LYS D 144 28.02 9.55 -14.01
N ALA D 145 27.95 8.38 -13.38
CA ALA D 145 26.88 8.12 -12.43
C ALA D 145 26.95 9.07 -11.24
N TYR D 146 28.16 9.38 -10.78
CA TYR D 146 28.32 10.27 -9.63
C TYR D 146 27.81 11.67 -9.95
N ILE D 147 28.15 12.20 -11.12
CA ILE D 147 27.69 13.53 -11.51
C ILE D 147 26.18 13.55 -11.66
N GLU D 148 25.60 12.46 -12.16
CA GLU D 148 24.14 12.36 -12.26
C GLU D 148 23.49 12.58 -10.89
N ARG D 149 24.02 11.95 -9.85
CA ARG D 149 23.48 12.11 -8.51
C ARG D 149 23.53 13.57 -8.09
N ILE D 150 24.70 14.20 -8.19
CA ILE D 150 24.85 15.58 -7.78
C ILE D 150 23.90 16.47 -8.58
N GLY D 151 23.77 16.22 -9.89
CA GLY D 151 22.85 17.00 -10.69
C GLY D 151 21.42 16.85 -10.24
N SER D 152 21.03 15.65 -9.82
CA SER D 152 19.68 15.44 -9.29
C SER D 152 19.50 16.14 -7.95
N GLU D 153 20.51 16.03 -7.07
CA GLU D 153 20.48 16.78 -5.81
C GLU D 153 20.20 18.25 -6.05
N CYS D 154 21.01 18.88 -6.90
CA CYS D 154 20.88 20.31 -7.13
C CYS D 154 19.53 20.66 -7.75
N ARG D 155 18.99 19.77 -8.59
CA ARG D 155 17.64 19.97 -9.12
C ARG D 155 16.60 19.95 -8.00
N ALA D 156 16.74 19.02 -7.06
CA ALA D 156 15.78 18.91 -5.96
C ALA D 156 15.85 20.13 -5.05
N GLU D 157 17.05 20.55 -4.69
CA GLU D 157 17.24 21.72 -3.84
C GLU D 157 17.10 23.03 -4.59
N ASP D 158 16.97 22.99 -5.92
CA ASP D 158 16.75 24.18 -6.74
C ASP D 158 17.92 25.16 -6.60
N ILE D 159 19.13 24.64 -6.77
CA ILE D 159 20.34 25.46 -6.64
C ILE D 159 21.25 25.20 -7.84
N PRO D 160 21.81 26.24 -8.47
CA PRO D 160 22.65 26.03 -9.66
C PRO D 160 23.80 25.07 -9.38
N PHE D 161 24.13 24.27 -10.40
CA PHE D 161 25.19 23.27 -10.33
C PHE D 161 26.33 23.70 -11.23
N TYR D 162 27.44 24.12 -10.62
CA TYR D 162 28.66 24.47 -11.33
C TYR D 162 29.58 23.26 -11.32
N LEU D 163 29.83 22.68 -12.50
CA LEU D 163 30.73 21.54 -12.63
C LEU D 163 32.07 22.04 -13.15
N GLU D 164 33.13 21.78 -12.40
CA GLU D 164 34.50 22.04 -12.84
C GLU D 164 35.11 20.75 -13.36
N ILE D 165 35.60 20.78 -14.59
CA ILE D 165 36.25 19.64 -15.22
C ILE D 165 37.72 19.97 -15.41
N LEU D 166 38.59 19.21 -14.75
CA LEU D 166 40.02 19.28 -14.98
C LEU D 166 40.43 18.03 -15.73
N THR D 167 41.05 18.20 -16.89
CA THR D 167 41.40 17.08 -17.73
C THR D 167 42.79 16.55 -17.39
N TYR D 168 43.01 15.28 -17.68
CA TYR D 168 44.31 14.67 -17.47
C TYR D 168 44.39 13.45 -18.38
N ASP D 169 45.59 12.88 -18.46
CA ASP D 169 45.82 11.65 -19.22
C ASP D 169 46.44 10.63 -18.27
N GLU D 170 45.88 9.42 -18.28
CA GLU D 170 46.36 8.37 -17.38
C GLU D 170 47.83 8.04 -17.64
N LYS D 171 48.30 8.26 -18.86
CA LYS D 171 49.66 7.88 -19.26
C LYS D 171 50.59 9.08 -19.42
N ILE D 172 50.19 10.27 -18.97
CA ILE D 172 51.03 11.45 -19.03
C ILE D 172 51.06 12.07 -17.65
N ALA D 173 52.25 12.15 -17.06
CA ALA D 173 52.38 12.62 -15.69
C ALA D 173 52.16 14.12 -15.59
N ASP D 174 52.86 14.90 -16.41
CA ASP D 174 52.88 16.35 -16.30
C ASP D 174 51.90 16.95 -17.31
N ASN D 175 50.90 17.67 -16.81
CA ASN D 175 49.95 18.34 -17.69
CA ASN D 175 49.95 18.34 -17.69
C ASN D 175 50.55 19.56 -18.37
N ALA D 176 51.66 20.10 -17.85
CA ALA D 176 52.32 21.25 -18.43
C ALA D 176 53.36 20.87 -19.47
N SER D 177 53.47 19.59 -19.80
CA SER D 177 54.48 19.14 -20.76
C SER D 177 53.97 19.27 -22.18
N PRO D 178 54.88 19.33 -23.16
CA PRO D 178 54.44 19.39 -24.56
C PRO D 178 53.58 18.21 -24.97
N GLU D 179 53.77 17.05 -24.35
CA GLU D 179 53.01 15.87 -24.73
C GLU D 179 51.53 16.03 -24.44
N PHE D 180 51.18 16.63 -23.30
CA PHE D 180 49.78 16.82 -22.97
C PHE D 180 49.17 17.95 -23.80
N ALA D 181 49.94 19.01 -24.07
CA ALA D 181 49.44 20.12 -24.85
C ALA D 181 48.90 19.66 -26.19
N LYS D 182 49.54 18.65 -26.80
CA LYS D 182 49.12 18.15 -28.10
C LYS D 182 47.77 17.44 -28.07
N VAL D 183 47.25 17.12 -26.88
CA VAL D 183 45.96 16.45 -26.75
C VAL D 183 44.99 17.22 -25.86
N LYS D 184 45.40 18.35 -25.30
CA LYS D 184 44.55 19.05 -24.34
C LYS D 184 43.23 19.45 -24.96
N ALA D 185 43.26 20.00 -26.18
CA ALA D 185 42.03 20.41 -26.84
C ALA D 185 41.06 19.24 -26.96
N HIS D 186 41.57 18.06 -27.30
CA HIS D 186 40.73 16.88 -27.37
C HIS D 186 40.18 16.51 -26.00
N LYS D 187 41.03 16.53 -24.98
CA LYS D 187 40.57 16.19 -23.62
C LYS D 187 39.51 17.17 -23.14
N VAL D 188 39.73 18.47 -23.36
CA VAL D 188 38.81 19.48 -22.85
C VAL D 188 37.49 19.45 -23.59
N ASN D 189 37.54 19.55 -24.92
CA ASN D 189 36.32 19.73 -25.71
C ASN D 189 35.43 18.49 -25.63
N GLU D 190 36.03 17.30 -25.63
CA GLU D 190 35.21 16.08 -25.60
C GLU D 190 34.57 15.88 -24.23
N ALA D 191 35.30 16.22 -23.16
CA ALA D 191 34.71 16.14 -21.83
C ALA D 191 33.55 17.12 -21.67
N MET D 192 33.63 18.28 -22.33
CA MET D 192 32.53 19.24 -22.28
C MET D 192 31.31 18.70 -23.02
N LYS D 193 31.52 17.98 -24.12
CA LYS D 193 30.40 17.38 -24.84
C LYS D 193 29.68 16.35 -23.98
N VAL D 194 30.44 15.57 -23.21
CA VAL D 194 29.83 14.52 -22.39
C VAL D 194 28.91 15.14 -21.35
N PHE D 195 29.43 16.07 -20.55
CA PHE D 195 28.71 16.59 -19.40
C PHE D 195 27.81 17.76 -19.74
N SER D 196 27.66 18.08 -21.02
CA SER D 196 26.61 18.99 -21.47
C SER D 196 25.28 18.27 -21.69
N LYS D 197 25.27 16.94 -21.68
CA LYS D 197 24.02 16.20 -21.81
C LYS D 197 23.09 16.53 -20.65
N GLU D 198 21.78 16.55 -20.95
CA GLU D 198 20.79 16.99 -19.97
C GLU D 198 20.78 16.12 -18.73
N ARG D 199 21.11 14.84 -18.85
CA ARG D 199 21.00 13.94 -17.71
C ARG D 199 21.93 14.29 -16.57
N PHE D 200 22.91 15.16 -16.79
CA PHE D 200 23.85 15.53 -15.73
C PHE D 200 23.44 16.79 -14.98
N GLY D 201 22.47 17.54 -15.48
CA GLY D 201 21.90 18.66 -14.74
C GLY D 201 22.85 19.80 -14.49
N VAL D 202 23.88 19.96 -15.31
CA VAL D 202 24.85 21.04 -15.14
C VAL D 202 24.24 22.35 -15.58
N ASP D 203 24.53 23.42 -14.83
CA ASP D 203 24.11 24.77 -15.19
C ASP D 203 25.25 25.62 -15.73
N VAL D 204 26.45 25.51 -15.16
CA VAL D 204 27.62 26.23 -15.63
C VAL D 204 28.81 25.29 -15.60
N LEU D 205 29.62 25.33 -16.65
CA LEU D 205 30.85 24.56 -16.73
C LEU D 205 32.04 25.45 -16.43
N LYS D 206 32.86 25.05 -15.51
CA LYS D 206 34.09 25.72 -15.24
C LYS D 206 35.20 24.87 -15.83
N VAL D 207 35.86 25.40 -16.85
CA VAL D 207 36.74 24.60 -17.70
C VAL D 207 38.03 25.35 -17.94
N GLU D 208 39.03 24.60 -18.40
CA GLU D 208 40.31 25.15 -18.83
C GLU D 208 40.19 25.69 -20.25
N VAL D 209 41.06 26.64 -20.58
CA VAL D 209 41.17 27.00 -21.99
C VAL D 209 41.68 25.78 -22.76
N PRO D 210 41.20 25.52 -23.97
CA PRO D 210 41.51 24.26 -24.65
C PRO D 210 42.91 24.18 -25.25
N VAL D 211 43.82 25.10 -24.90
CA VAL D 211 45.18 25.09 -25.43
CA VAL D 211 45.18 25.09 -25.43
C VAL D 211 46.11 25.61 -24.35
N ASN D 212 47.31 25.05 -24.29
CA ASN D 212 48.35 25.54 -23.40
C ASN D 212 49.03 26.71 -24.09
N MET D 213 48.64 27.93 -23.70
CA MET D 213 49.08 29.12 -24.42
C MET D 213 50.59 29.28 -24.42
N LYS D 214 51.30 28.64 -23.49
CA LYS D 214 52.75 28.74 -23.45
C LYS D 214 53.41 28.10 -24.66
N PHE D 215 52.66 27.38 -25.50
CA PHE D 215 53.18 26.77 -26.71
C PHE D 215 52.55 27.37 -27.97
N VAL D 216 51.92 28.54 -27.86
CA VAL D 216 51.27 29.20 -28.98
C VAL D 216 52.15 30.36 -29.44
N GLU D 217 52.17 30.60 -30.75
CA GLU D 217 52.94 31.70 -31.29
C GLU D 217 52.51 33.02 -30.69
N GLY D 218 53.48 33.87 -30.37
CA GLY D 218 53.21 35.16 -29.76
C GLY D 218 53.15 35.08 -28.25
N PHE D 219 52.77 33.92 -27.71
CA PHE D 219 52.73 33.71 -26.27
C PHE D 219 53.88 32.85 -25.75
N ALA D 220 54.55 32.10 -26.63
CA ALA D 220 55.54 31.12 -26.21
C ALA D 220 56.91 31.76 -26.09
N ASP D 221 57.59 31.50 -24.97
CA ASP D 221 58.97 31.92 -24.78
C ASP D 221 59.95 30.88 -25.28
N GLY D 222 59.59 29.61 -25.22
CA GLY D 222 60.45 28.54 -25.71
C GLY D 222 59.92 27.93 -26.99
N GLU D 223 59.78 26.60 -27.01
CA GLU D 223 59.37 25.91 -28.22
C GLU D 223 57.91 26.22 -28.55
N VAL D 224 57.62 26.28 -29.85
CA VAL D 224 56.29 26.57 -30.36
C VAL D 224 55.70 25.27 -30.90
N LEU D 225 54.47 24.97 -30.48
CA LEU D 225 53.74 23.80 -30.96
C LEU D 225 52.57 24.12 -31.85
N PHE D 226 51.94 25.29 -31.68
CA PHE D 226 50.74 25.64 -32.41
C PHE D 226 50.84 27.07 -32.92
N THR D 227 50.29 27.31 -34.10
CA THR D 227 50.16 28.66 -34.62
C THR D 227 48.96 29.35 -33.97
N LYS D 228 48.81 30.65 -34.24
CA LYS D 228 47.67 31.38 -33.70
C LYS D 228 46.36 30.87 -34.28
N GLU D 229 46.37 30.47 -35.56
CA GLU D 229 45.15 29.96 -36.17
C GLU D 229 44.73 28.62 -35.57
N GLU D 230 45.69 27.73 -35.34
CA GLU D 230 45.38 26.45 -34.72
C GLU D 230 44.85 26.65 -33.30
N ALA D 231 45.50 27.51 -32.52
CA ALA D 231 45.02 27.81 -31.18
C ALA D 231 43.64 28.45 -31.22
N ALA D 232 43.44 29.38 -32.16
CA ALA D 232 42.12 30.00 -32.31
C ALA D 232 41.06 28.97 -32.69
N GLN D 233 41.43 27.96 -33.48
CA GLN D 233 40.47 26.93 -33.86
C GLN D 233 40.06 26.09 -32.65
N ALA D 234 40.98 25.89 -31.70
CA ALA D 234 40.64 25.12 -30.51
C ALA D 234 39.60 25.85 -29.67
N PHE D 235 39.63 27.19 -29.65
CA PHE D 235 38.61 27.94 -28.93
C PHE D 235 37.26 27.83 -29.60
N ARG D 236 37.22 27.92 -30.94
CA ARG D 236 35.96 27.78 -31.65
C ARG D 236 35.38 26.39 -31.47
N ASP D 237 36.24 25.36 -31.43
CA ASP D 237 35.76 24.01 -31.16
C ASP D 237 35.18 23.91 -29.75
N GLN D 238 35.77 24.63 -28.80
CA GLN D 238 35.25 24.64 -27.44
C GLN D 238 33.89 25.32 -27.38
N GLU D 239 33.71 26.40 -28.14
CA GLU D 239 32.42 27.06 -28.20
C GLU D 239 31.34 26.14 -28.75
N ALA D 240 31.70 25.31 -29.73
CA ALA D 240 30.76 24.41 -30.38
C ALA D 240 30.57 23.10 -29.62
N SER D 241 31.27 22.89 -28.51
CA SER D 241 31.18 21.64 -27.77
CA SER D 241 31.18 21.64 -27.76
C SER D 241 30.05 21.63 -26.75
N THR D 242 29.53 22.81 -26.37
CA THR D 242 28.47 22.88 -25.38
C THR D 242 27.55 24.04 -25.69
N ASP D 243 26.29 23.89 -25.28
CA ASP D 243 25.31 24.98 -25.33
C ASP D 243 25.12 25.64 -23.98
N LEU D 244 25.80 25.17 -22.94
CA LEU D 244 25.68 25.73 -21.62
C LEU D 244 26.59 26.94 -21.45
N PRO D 245 26.28 27.81 -20.49
CA PRO D 245 27.28 28.81 -20.09
C PRO D 245 28.54 28.13 -19.58
N TYR D 246 29.69 28.74 -19.85
CA TYR D 246 30.94 28.20 -19.34
C TYR D 246 31.89 29.34 -19.02
N ILE D 247 32.76 29.10 -18.05
CA ILE D 247 33.70 30.09 -17.55
C ILE D 247 35.08 29.46 -17.50
N TYR D 248 36.10 30.31 -17.55
CA TYR D 248 37.49 29.86 -17.56
C TYR D 248 38.08 29.93 -16.16
N LEU D 249 38.98 28.99 -15.89
CA LEU D 249 39.76 28.99 -14.66
C LEU D 249 41.20 29.40 -14.97
N SER D 250 41.83 30.06 -13.99
CA SER D 250 43.15 30.64 -14.23
C SER D 250 44.23 29.58 -14.31
N ALA D 251 44.03 28.44 -13.65
CA ALA D 251 44.99 27.33 -13.66
C ALA D 251 46.35 27.73 -13.10
N GLY D 252 46.40 28.78 -12.28
CA GLY D 252 47.63 29.16 -11.62
C GLY D 252 48.62 29.92 -12.48
N VAL D 253 48.26 30.31 -13.70
CA VAL D 253 49.16 31.08 -14.55
C VAL D 253 49.25 32.50 -13.99
N SER D 254 50.12 33.31 -14.57
CA SER D 254 50.24 34.70 -14.13
C SER D 254 49.00 35.49 -14.54
N ALA D 255 48.76 36.59 -13.81
CA ALA D 255 47.64 37.46 -14.15
C ALA D 255 47.76 37.98 -15.57
N LYS D 256 48.97 38.38 -15.98
CA LYS D 256 49.14 38.96 -17.31
C LYS D 256 48.84 37.95 -18.41
N LEU D 257 49.33 36.72 -18.26
CA LEU D 257 49.07 35.70 -19.28
C LEU D 257 47.59 35.36 -19.34
N PHE D 258 46.93 35.26 -18.18
CA PHE D 258 45.51 34.96 -18.16
C PHE D 258 44.71 36.06 -18.85
N GLN D 259 45.04 37.31 -18.55
CA GLN D 259 44.35 38.43 -19.19
C GLN D 259 44.55 38.41 -20.70
N ASP D 260 45.78 38.14 -21.16
CA ASP D 260 46.01 38.04 -22.59
C ASP D 260 45.29 36.84 -23.20
N THR D 261 45.12 35.77 -22.43
CA THR D 261 44.41 34.60 -22.95
C THR D 261 42.93 34.90 -23.17
N LEU D 262 42.32 35.67 -22.26
CA LEU D 262 40.91 36.02 -22.42
C LEU D 262 40.71 36.88 -23.67
N VAL D 263 41.65 37.77 -23.95
CA VAL D 263 41.58 38.60 -25.16
C VAL D 263 41.64 37.71 -26.40
N PHE D 264 42.60 36.79 -26.43
CA PHE D 264 42.73 35.89 -27.57
C PHE D 264 41.49 35.02 -27.72
N ALA D 265 40.92 34.57 -26.61
CA ALA D 265 39.73 33.75 -26.65
C ALA D 265 38.57 34.48 -27.32
N ALA D 266 38.32 35.73 -26.89
CA ALA D 266 37.24 36.50 -27.49
C ALA D 266 37.51 36.80 -28.96
N GLU D 267 38.78 37.06 -29.31
CA GLU D 267 39.12 37.29 -30.71
C GLU D 267 38.91 36.04 -31.54
N SER D 268 39.25 34.87 -30.99
CA SER D 268 39.11 33.63 -31.74
C SER D 268 37.65 33.27 -31.97
N GLY D 269 36.73 33.78 -31.16
CA GLY D 269 35.32 33.51 -31.33
C GLY D 269 34.69 32.78 -30.16
N ALA D 270 35.44 32.63 -29.07
CA ALA D 270 34.90 31.99 -27.89
C ALA D 270 33.88 32.90 -27.21
N LYS D 271 32.78 32.30 -26.76
CA LYS D 271 31.72 33.06 -26.10
C LYS D 271 31.66 32.69 -24.63
N PHE D 272 32.81 32.70 -23.95
CA PHE D 272 32.83 32.41 -22.52
C PHE D 272 32.05 33.48 -21.77
N ASN D 273 31.54 33.11 -20.60
CA ASN D 273 30.61 33.94 -19.86
C ASN D 273 31.20 34.44 -18.53
N GLY D 274 32.52 34.39 -18.40
CA GLY D 274 33.18 34.89 -17.21
C GLY D 274 34.34 34.00 -16.84
N VAL D 275 34.81 34.17 -15.61
CA VAL D 275 35.98 33.46 -15.10
C VAL D 275 35.77 33.15 -13.63
N LEU D 276 36.51 32.15 -13.15
CA LEU D 276 36.64 31.87 -11.72
C LEU D 276 38.13 31.90 -11.42
N CYS D 277 38.63 33.09 -11.13
CA CYS D 277 40.06 33.34 -11.01
C CYS D 277 40.46 33.36 -9.54
N GLY D 278 41.53 32.65 -9.22
CA GLY D 278 41.98 32.55 -7.83
C GLY D 278 43.41 33.00 -7.62
N ARG D 279 44.37 32.09 -7.82
CA ARG D 279 45.76 32.39 -7.51
C ARG D 279 46.24 33.65 -8.21
N ALA D 280 45.85 33.84 -9.47
CA ALA D 280 46.32 34.99 -10.24
C ALA D 280 45.88 36.31 -9.64
N THR D 281 45.01 36.30 -8.63
CA THR D 281 44.54 37.52 -7.99
C THR D 281 45.09 37.73 -6.59
N TRP D 282 45.15 36.69 -5.76
CA TRP D 282 45.53 36.83 -4.35
C TRP D 282 46.77 36.04 -3.96
N ALA D 283 47.41 35.32 -4.89
CA ALA D 283 48.52 34.46 -4.52
C ALA D 283 49.61 35.22 -3.77
N GLY D 284 49.86 36.47 -4.17
CA GLY D 284 50.91 37.24 -3.53
C GLY D 284 50.66 37.54 -2.07
N SER D 285 49.41 37.51 -1.63
CA SER D 285 49.09 37.84 -0.25
C SER D 285 49.50 36.75 0.72
N VAL D 286 49.71 35.51 0.24
CA VAL D 286 50.05 34.41 1.14
C VAL D 286 51.39 34.67 1.81
N LYS D 287 52.43 34.91 1.02
CA LYS D 287 53.75 35.15 1.58
C LYS D 287 53.74 36.34 2.53
N VAL D 288 52.99 37.39 2.18
CA VAL D 288 52.90 38.56 3.05
C VAL D 288 52.24 38.18 4.37
N TYR D 289 51.16 37.39 4.30
CA TYR D 289 50.42 37.03 5.51
C TYR D 289 51.29 36.20 6.45
N ILE D 290 51.98 35.19 5.91
CA ILE D 290 52.76 34.29 6.76
C ILE D 290 53.95 35.01 7.35
N GLU D 291 54.64 35.83 6.56
CA GLU D 291 55.86 36.48 7.01
C GLU D 291 55.60 37.79 7.75
N GLU D 292 54.68 38.61 7.25
CA GLU D 292 54.48 39.95 7.78
C GLU D 292 53.24 40.09 8.66
N GLY D 293 52.30 39.14 8.59
CA GLY D 293 51.14 39.17 9.44
C GLY D 293 49.86 39.54 8.72
N PRO D 294 48.75 39.54 9.45
CA PRO D 294 47.46 39.83 8.79
C PRO D 294 47.33 41.28 8.33
N GLN D 295 47.80 42.24 9.14
CA GLN D 295 47.66 43.63 8.76
C GLN D 295 48.41 43.94 7.47
N ALA D 296 49.62 43.40 7.33
CA ALA D 296 50.36 43.57 6.08
C ALA D 296 49.61 42.95 4.91
N ALA D 297 49.03 41.77 5.12
CA ALA D 297 48.27 41.12 4.06
C ALA D 297 47.06 41.96 3.65
N ARG D 298 46.39 42.58 4.62
CA ARG D 298 45.22 43.39 4.31
C ARG D 298 45.61 44.58 3.44
N GLU D 299 46.71 45.25 3.76
CA GLU D 299 47.14 46.39 2.95
C GLU D 299 47.58 45.94 1.55
N TRP D 300 48.18 44.77 1.45
CA TRP D 300 48.53 44.23 0.14
C TRP D 300 47.28 43.97 -0.69
N LEU D 301 46.22 43.48 -0.06
CA LEU D 301 44.98 43.20 -0.78
C LEU D 301 44.32 44.48 -1.26
N ARG D 302 44.43 45.55 -0.47
CA ARG D 302 43.80 46.83 -0.83
C ARG D 302 44.58 47.58 -1.89
N THR D 303 45.84 47.21 -2.13
CA THR D 303 46.65 47.87 -3.16
C THR D 303 46.88 46.93 -4.33
N GLU D 304 47.82 46.00 -4.19
CA GLU D 304 48.12 45.07 -5.27
C GLU D 304 46.94 44.16 -5.57
N GLY D 305 46.24 43.71 -4.52
CA GLY D 305 45.10 42.83 -4.73
C GLY D 305 43.99 43.50 -5.52
N PHE D 306 43.70 44.76 -5.21
CA PHE D 306 42.67 45.48 -5.96
C PHE D 306 43.08 45.69 -7.41
N LYS D 307 44.33 46.04 -7.65
CA LYS D 307 44.78 46.29 -9.02
C LYS D 307 44.73 45.02 -9.85
N ASN D 308 45.00 43.85 -9.26
CA ASN D 308 44.88 42.60 -9.98
C ASN D 308 43.44 42.37 -10.44
N ILE D 309 42.50 42.42 -9.49
CA ILE D 309 41.10 42.13 -9.83
C ILE D 309 40.51 43.28 -10.65
N ASP D 310 41.02 44.50 -10.47
CA ASP D 310 40.54 45.63 -11.25
C ASP D 310 40.96 45.50 -12.71
N GLU D 311 42.22 45.15 -12.96
CA GLU D 311 42.68 44.91 -14.32
C GLU D 311 41.91 43.77 -14.95
N LEU D 312 41.62 42.72 -14.18
CA LEU D 312 40.85 41.60 -14.72
C LEU D 312 39.46 42.03 -15.14
N ASN D 313 38.79 42.83 -14.31
CA ASN D 313 37.43 43.26 -14.63
C ASN D 313 37.41 44.12 -15.89
N LYS D 314 38.43 44.96 -16.08
CA LYS D 314 38.51 45.77 -17.29
C LYS D 314 38.62 44.89 -18.53
N VAL D 315 39.33 43.77 -18.42
CA VAL D 315 39.44 42.85 -19.55
C VAL D 315 38.12 42.13 -19.78
N LEU D 316 37.45 41.71 -18.70
CA LEU D 316 36.19 41.00 -18.85
C LEU D 316 35.14 41.86 -19.55
N ASP D 317 35.14 43.17 -19.27
CA ASP D 317 34.18 44.06 -19.91
C ASP D 317 34.34 44.10 -21.41
N LYS D 318 35.50 43.68 -21.93
CA LYS D 318 35.76 43.71 -23.36
C LYS D 318 35.77 42.33 -24.01
N THR D 319 35.73 41.25 -23.22
CA THR D 319 35.91 39.91 -23.75
C THR D 319 34.77 38.96 -23.41
N ALA D 320 34.17 39.10 -22.24
CA ALA D 320 33.17 38.13 -21.78
C ALA D 320 31.80 38.44 -22.38
N SER D 321 31.03 37.37 -22.63
CA SER D 321 29.69 37.47 -23.16
C SER D 321 28.67 37.12 -22.07
N PRO D 322 27.54 37.83 -22.01
CA PRO D 322 26.55 37.51 -20.97
C PRO D 322 25.93 36.14 -21.18
N TRP D 323 25.77 35.40 -20.07
CA TRP D 323 25.16 34.09 -20.15
C TRP D 323 23.68 34.14 -20.46
N THR D 324 23.06 35.33 -20.36
CA THR D 324 21.65 35.47 -20.71
C THR D 324 21.40 35.28 -22.20
N GLU D 325 22.42 35.46 -23.03
CA GLU D 325 22.29 35.26 -24.47
C GLU D 325 22.27 33.79 -24.87
N LYS D 326 22.43 32.87 -23.92
CA LYS D 326 22.41 31.43 -24.20
C LYS D 326 21.70 30.70 -23.07
N MET D 327 20.54 31.19 -22.68
CA MET D 327 19.75 30.57 -21.62
C MET D 327 18.40 31.25 -21.47
O1 G3P E . -26.40 -4.85 -15.31
C1 G3P E . -26.26 -4.18 -16.54
C2 G3P E . -24.80 -4.13 -16.94
C3 G3P E . -24.66 -3.69 -18.38
O1P G3P E . -25.51 -2.59 -18.62
O4P G3P E . -24.29 -0.47 -19.36
O2P G3P E . -26.35 -0.93 -20.37
O3P G3P E . -24.46 -2.17 -20.94
P G3P E . -25.16 -1.58 -19.78
HO1 G3P E . -26.82 -4.32 -14.74
H11 G3P E . -26.76 -4.66 -17.23
H12 G3P E . -26.60 -3.27 -16.47
H31 G3P E . -23.74 -3.45 -18.56
H32 G3P E . -24.92 -4.43 -18.97
O1 G3H F . -33.49 2.84 -9.69
C1 G3H F . -32.69 3.64 -10.15
C2 G3H F . -31.46 3.15 -10.89
O2 G3H F . -30.67 4.25 -11.26
C3 G3H F . -31.87 2.40 -12.14
O1P G3H F . -30.80 1.55 -12.49
O2P G3H F . -31.17 -0.59 -11.20
O3P G3H F . -29.94 -0.66 -13.34
O4P G3H F . -32.37 -0.22 -13.32
P G3H F . -31.08 0.00 -12.58
H11 G3H F . -32.84 4.59 -10.03
H2 G3H F . -30.95 2.56 -10.31
HO2 G3H F . -30.01 4.36 -10.66
H31 G3H F . -32.67 1.86 -11.94
H32 G3H F . -32.05 3.03 -12.87
CA CA G . -3.69 -8.80 -16.00
CA CA H . -29.73 -27.16 -29.42
CA CA I . -7.64 -12.48 -31.12
O1 G3P J . -26.87 -12.97 24.83
C1 G3P J . -27.93 -13.15 25.77
C2 G3P J . -28.18 -14.63 25.86
C3 G3P J . -28.43 -15.19 27.22
O1P G3P J . -27.89 -14.33 28.20
O4P G3P J . -30.10 -13.65 28.68
O2P G3P J . -28.82 -15.19 30.20
O3P G3P J . -28.28 -12.78 30.05
P G3P J . -28.84 -13.96 29.38
CA CA K . -18.05 -29.04 33.60
O1 G3P L . 16.05 -5.81 1.61
C1 G3P L . 15.52 -6.91 2.30
C2 G3P L . 14.51 -6.44 3.32
C3 G3P L . 13.76 -7.63 3.88
O1P G3P L . 14.68 -8.62 4.30
O4P G3P L . 14.52 -9.57 6.67
O2P G3P L . 12.73 -10.01 5.23
O3P G3P L . 14.78 -11.10 4.91
P G3P L . 14.19 -9.78 5.23
HO1 G3P L . 16.88 -6.01 1.34
H11 G3P L . 15.09 -7.52 1.67
H12 G3P L . 16.24 -7.39 2.76
H31 G3P L . 13.20 -7.35 4.63
H32 G3P L . 13.19 -8.01 3.18
O1 G3H M . 27.53 -9.04 3.07
C1 G3H M . 26.31 -9.13 3.03
C2 G3H M . 25.48 -8.80 4.26
O2 G3H M . 25.59 -9.86 5.17
C3 G3H M . 24.02 -8.62 3.87
O1P G3H M . 23.95 -7.88 2.67
O2P G3H M . 21.48 -8.28 2.27
O3P G3H M . 22.88 -7.35 0.45
O4P G3H M . 23.15 -9.70 1.12
P G3H M . 22.86 -8.31 1.61
H11 G3H M . 25.87 -9.40 2.20
H2 G3H M . 25.82 -7.98 4.67
HO2 G3H M . 25.70 -10.63 4.73
H31 G3H M . 23.62 -9.51 3.73
H32 G3H M . 23.55 -8.16 4.59
CA CA N . -9.10 -4.69 10.44
O1 G3P O . 38.19 25.47 -7.86
C1 G3P O . 39.06 26.58 -7.73
C2 G3P O . 38.92 27.36 -9.00
C3 G3P O . 40.16 27.63 -9.81
O1P G3P O . 40.85 28.71 -9.21
O4P G3P O . 43.03 28.14 -10.42
O2P G3P O . 43.13 29.88 -8.85
O3P G3P O . 42.05 30.20 -10.90
P G3P O . 42.22 29.22 -9.81
HO1 G3P O . 38.32 24.90 -7.09
H11 G3P O . 38.76 27.19 -6.87
H12 G3P O . 40.09 26.25 -7.58
H31 G3P O . 40.78 26.73 -9.82
H32 G3P O . 39.88 27.87 -10.84
CA CA P . 49.32 41.81 -22.17
#